data_8FLM
#
_entry.id   8FLM
#
_cell.length_a   1.00
_cell.length_b   1.00
_cell.length_c   1.00
_cell.angle_alpha   90.00
_cell.angle_beta   90.00
_cell.angle_gamma   90.00
#
_symmetry.space_group_name_H-M   'P 1'
#
loop_
_entity.id
_entity.type
_entity.pdbx_description
1 polymer 'Stimulator of interferon genes protein'
2 non-polymer '4-({[4-(2-tert-butyl-5,5-dimethyl-1,3-dioxan-2-yl)phenyl]methyl}amino)-3-methoxybenzoic acid'
3 non-polymer cGAMP
4 non-polymer 1-[(2-chloro-6-fluorophenyl)methyl]-3,3-dimethyl-2-oxo-N-[(2,4,6-trifluorophenyl)methyl]-2,3-dihydro-1H-indole-6-carboxamide
#
_entity_poly.entity_id   1
_entity_poly.type   'polypeptide(L)'
_entity_poly.pdbx_seq_one_letter_code
;MPHSSLHPSIPCPRGHGAQKAALVLLSACLVTLWGLGEPPEHTLRYLVLHLASLQLGLLLNGVCSLAEELRHIHSRYRGS
YWRTVRACLGCPLRRGALLLLSIYFYYSLPNAVGPPFTWMLALLGLSQALNILLGLKGLAPAEISAVCEKGNFNVAHGLA
WSYYIGYLRLILPELQARIRTYNQHYNNLLRGAVSQRLYILLPLDCGVPDNLSMADPNIRFLDKLPQQTGDRAGIKDRVY
SNSIYELLENGQRAGTCVLEYATPLQTLFAMSQYSQAGFSREDRLEQAKLFCRTLEDILADAPESQNNCRLIAYQEPADD
SSFSLSQEVLRHLRQEEKEEVTVGTSSGLEVLFQ
;
_entity_poly.pdbx_strand_id   A,B,C,D
#
loop_
_chem_comp.id
_chem_comp.type
_chem_comp.name
_chem_comp.formula
1SY non-polymer cGAMP 'C20 H24 N10 O13 P2'
9IM non-polymer 1-[(2-chloro-6-fluorophenyl)methyl]-3,3-dimethyl-2-oxo-N-[(2,4,6-trifluorophenyl)methyl]-2,3-dihydro-1H-indole-6-carboxamide 'C25 H19 Cl F4 N2 O2'
Y6H non-polymer '4-({[4-(2-tert-butyl-5,5-dimethyl-1,3-dioxan-2-yl)phenyl]methyl}amino)-3-methoxybenzoic acid' 'C25 H33 N O5'
#
# COMPACT_ATOMS: atom_id res chain seq x y z
N SER A 4 11.45 -6.77 -19.44
CA SER A 4 11.84 -5.39 -19.71
C SER A 4 12.04 -5.18 -21.21
N SER A 5 11.06 -4.53 -21.84
CA SER A 5 11.14 -4.23 -23.26
C SER A 5 12.04 -3.04 -23.57
N LEU A 6 12.41 -2.26 -22.56
CA LEU A 6 13.29 -1.12 -22.76
C LEU A 6 14.63 -1.58 -23.34
N HIS A 7 15.37 -2.37 -22.56
CA HIS A 7 16.66 -2.88 -22.97
C HIS A 7 16.89 -4.25 -22.35
N PRO A 8 17.60 -5.14 -23.02
CA PRO A 8 17.86 -6.46 -22.43
C PRO A 8 18.68 -6.39 -21.14
N SER A 9 19.40 -5.31 -20.90
CA SER A 9 20.28 -5.21 -19.74
C SER A 9 19.56 -4.77 -18.48
N ILE A 10 18.26 -4.48 -18.55
CA ILE A 10 17.51 -4.05 -17.37
C ILE A 10 17.10 -5.28 -16.58
N PRO A 11 17.57 -5.46 -15.34
CA PRO A 11 17.18 -6.66 -14.59
C PRO A 11 15.69 -6.72 -14.35
N CYS A 12 15.13 -7.92 -14.47
CA CYS A 12 13.75 -8.14 -14.09
C CYS A 12 13.64 -8.24 -12.57
N PRO A 13 12.45 -8.01 -12.02
CA PRO A 13 12.29 -8.10 -10.56
C PRO A 13 12.59 -9.51 -10.06
N ARG A 14 13.13 -9.57 -8.84
CA ARG A 14 13.49 -10.85 -8.26
C ARG A 14 12.25 -11.69 -7.96
N GLY A 15 12.34 -12.99 -8.26
CA GLY A 15 11.21 -13.88 -8.10
C GLY A 15 11.26 -14.68 -6.82
N HIS A 16 10.98 -15.98 -6.92
CA HIS A 16 10.91 -16.88 -5.77
C HIS A 16 11.84 -18.06 -5.97
N GLY A 17 13.01 -17.84 -6.57
CA GLY A 17 13.97 -18.92 -6.72
C GLY A 17 14.52 -19.39 -5.39
N ALA A 18 14.74 -18.46 -4.47
CA ALA A 18 15.26 -18.83 -3.15
C ALA A 18 14.30 -19.76 -2.43
N GLN A 19 13.00 -19.49 -2.54
CA GLN A 19 12.02 -20.36 -1.88
C GLN A 19 12.01 -21.75 -2.49
N LYS A 20 12.12 -21.86 -3.81
CA LYS A 20 12.18 -23.18 -4.43
C LYS A 20 13.43 -23.94 -4.00
N ALA A 21 14.57 -23.25 -3.96
CA ALA A 21 15.79 -23.89 -3.49
C ALA A 21 15.65 -24.34 -2.04
N ALA A 22 14.99 -23.51 -1.21
CA ALA A 22 14.77 -23.89 0.18
C ALA A 22 13.88 -25.12 0.29
N LEU A 23 12.85 -25.20 -0.55
CA LEU A 23 11.99 -26.38 -0.54
C LEU A 23 12.78 -27.63 -0.93
N VAL A 24 13.62 -27.52 -1.95
CA VAL A 24 14.43 -28.67 -2.36
C VAL A 24 15.38 -29.07 -1.23
N LEU A 25 15.98 -28.07 -0.57
CA LEU A 25 16.87 -28.35 0.55
C LEU A 25 16.13 -29.05 1.68
N LEU A 26 14.91 -28.60 1.98
CA LEU A 26 14.12 -29.23 3.03
C LEU A 26 13.79 -30.67 2.68
N SER A 27 13.42 -30.92 1.43
CA SER A 27 13.12 -32.29 1.01
C SER A 27 14.36 -33.17 1.15
N ALA A 28 15.52 -32.68 0.69
CA ALA A 28 16.74 -33.46 0.78
C ALA A 28 17.11 -33.73 2.23
N CYS A 29 16.96 -32.73 3.10
CA CYS A 29 17.30 -32.91 4.50
C CYS A 29 16.38 -33.91 5.18
N LEU A 30 15.09 -33.86 4.88
CA LEU A 30 14.16 -34.85 5.43
C LEU A 30 14.50 -36.25 4.95
N VAL A 31 14.83 -36.38 3.67
CA VAL A 31 15.23 -37.70 3.16
C VAL A 31 16.48 -38.19 3.87
N THR A 32 17.45 -37.28 4.11
CA THR A 32 18.66 -37.68 4.81
C THR A 32 18.36 -38.11 6.24
N LEU A 33 17.49 -37.37 6.93
CA LEU A 33 17.11 -37.76 8.29
C LEU A 33 16.45 -39.13 8.29
N TRP A 34 15.58 -39.39 7.31
CA TRP A 34 14.95 -40.70 7.20
C TRP A 34 15.98 -41.79 6.98
N GLY A 35 16.94 -41.54 6.10
CA GLY A 35 17.96 -42.55 5.80
C GLY A 35 18.86 -42.84 6.98
N LEU A 36 19.27 -41.79 7.71
CA LEU A 36 20.16 -41.99 8.85
C LEU A 36 19.53 -42.86 9.91
N GLY A 37 18.20 -42.83 10.03
CA GLY A 37 17.51 -43.68 10.98
C GLY A 37 17.82 -43.38 12.43
N GLU A 38 17.90 -42.10 12.80
CA GLU A 38 18.09 -41.73 14.18
C GLU A 38 16.74 -41.47 14.86
N PRO A 39 16.69 -41.53 16.18
CA PRO A 39 15.42 -41.32 16.88
C PRO A 39 14.77 -40.01 16.49
N PRO A 40 13.56 -40.05 15.92
CA PRO A 40 12.92 -38.78 15.51
C PRO A 40 12.70 -37.82 16.65
N GLU A 41 12.47 -38.33 17.87
CA GLU A 41 12.34 -37.44 19.01
C GLU A 41 13.58 -36.60 19.20
N HIS A 42 14.76 -37.18 19.00
CA HIS A 42 16.00 -36.42 19.09
C HIS A 42 16.07 -35.35 18.01
N THR A 43 15.65 -35.70 16.79
CA THR A 43 15.60 -34.72 15.71
C THR A 43 14.77 -33.51 16.12
N LEU A 44 13.54 -33.76 16.59
CA LEU A 44 12.67 -32.66 16.97
C LEU A 44 13.27 -31.86 18.13
N ARG A 45 13.84 -32.55 19.13
CA ARG A 45 14.42 -31.88 20.27
C ARG A 45 15.52 -30.92 19.84
N TYR A 46 16.43 -31.41 19.00
CA TYR A 46 17.57 -30.57 18.61
C TYR A 46 17.14 -29.45 17.67
N LEU A 47 16.17 -29.70 16.79
CA LEU A 47 15.66 -28.61 15.96
C LEU A 47 15.07 -27.50 16.82
N VAL A 48 14.25 -27.86 17.80
CA VAL A 48 13.61 -26.86 18.64
C VAL A 48 14.65 -26.13 19.47
N LEU A 49 15.67 -26.85 19.96
CA LEU A 49 16.72 -26.20 20.75
C LEU A 49 17.52 -25.22 19.89
N HIS A 50 17.80 -25.59 18.64
CA HIS A 50 18.50 -24.68 17.74
C HIS A 50 17.69 -23.41 17.49
N LEU A 51 16.39 -23.57 17.24
CA LEU A 51 15.56 -22.39 17.02
C LEU A 51 15.49 -21.53 18.28
N ALA A 52 15.43 -22.16 19.44
CA ALA A 52 15.43 -21.40 20.69
C ALA A 52 16.72 -20.61 20.86
N SER A 53 17.86 -21.22 20.52
CA SER A 53 19.12 -20.50 20.57
C SER A 53 19.12 -19.31 19.64
N LEU A 54 18.58 -19.49 18.43
CA LEU A 54 18.49 -18.37 17.49
C LEU A 54 17.64 -17.25 18.05
N GLN A 55 16.51 -17.59 18.68
CA GLN A 55 15.65 -16.56 19.26
C GLN A 55 16.35 -15.81 20.39
N LEU A 56 17.08 -16.53 21.23
CA LEU A 56 17.81 -15.86 22.31
C LEU A 56 18.90 -14.95 21.76
N GLY A 57 19.59 -15.39 20.70
CA GLY A 57 20.56 -14.53 20.05
C GLY A 57 19.92 -13.28 19.48
N LEU A 58 18.74 -13.43 18.88
CA LEU A 58 18.01 -12.26 18.38
C LEU A 58 17.68 -11.30 19.52
N LEU A 59 17.24 -11.83 20.66
CA LEU A 59 16.96 -10.96 21.80
C LEU A 59 18.21 -10.18 22.20
N LEU A 60 19.34 -10.86 22.31
CA LEU A 60 20.56 -10.18 22.76
C LEU A 60 21.00 -9.13 21.75
N ASN A 61 20.97 -9.46 20.46
CA ASN A 61 21.34 -8.48 19.44
C ASN A 61 20.39 -7.30 19.45
N GLY A 62 19.09 -7.56 19.68
CA GLY A 62 18.13 -6.46 19.74
C GLY A 62 18.37 -5.56 20.94
N VAL A 63 18.76 -6.13 22.07
CA VAL A 63 19.10 -5.30 23.22
C VAL A 63 20.31 -4.43 22.90
N CYS A 64 21.31 -5.01 22.25
CA CYS A 64 22.48 -4.22 21.86
C CYS A 64 22.08 -3.08 20.92
N SER A 65 21.20 -3.36 19.96
CA SER A 65 20.72 -2.30 19.06
C SER A 65 19.93 -1.25 19.82
N LEU A 66 19.11 -1.68 20.78
CA LEU A 66 18.35 -0.74 21.60
C LEU A 66 19.29 0.23 22.32
N ALA A 67 20.43 -0.28 22.79
CA ALA A 67 21.37 0.57 23.50
C ALA A 67 21.74 1.80 22.68
N GLU A 68 21.73 1.67 21.35
CA GLU A 68 22.03 2.79 20.45
C GLU A 68 20.76 3.54 20.04
N GLU A 69 19.68 2.82 19.76
CA GLU A 69 18.46 3.46 19.27
C GLU A 69 17.81 4.32 20.33
N LEU A 70 18.00 4.01 21.60
CA LEU A 70 17.38 4.82 22.65
C LEU A 70 17.92 6.23 22.68
N ARG A 71 19.05 6.51 22.04
CA ARG A 71 19.57 7.86 21.95
C ARG A 71 18.79 8.71 20.96
N HIS A 72 18.06 8.09 20.02
CA HIS A 72 17.28 8.79 19.02
C HIS A 72 15.78 8.69 19.30
N ILE A 73 15.40 8.61 20.58
CA ILE A 73 14.00 8.41 20.92
C ILE A 73 13.18 9.64 20.61
N HIS A 74 13.69 10.82 20.96
CA HIS A 74 12.91 12.06 20.83
C HIS A 74 12.84 12.57 19.40
N SER A 75 13.72 12.11 18.51
CA SER A 75 13.77 12.58 17.14
C SER A 75 13.29 11.55 16.14
N ARG A 76 13.85 10.35 16.15
CA ARG A 76 13.51 9.31 15.19
C ARG A 76 12.26 8.53 15.57
N TYR A 77 11.90 8.49 16.86
CA TYR A 77 10.81 7.63 17.32
C TYR A 77 9.76 8.40 18.11
N ARG A 78 9.74 9.73 18.00
CA ARG A 78 8.65 10.53 18.56
C ARG A 78 8.49 10.31 20.07
N GLY A 79 9.62 10.12 20.76
CA GLY A 79 9.59 10.06 22.20
C GLY A 79 8.82 8.91 22.79
N SER A 80 8.59 7.85 22.01
CA SER A 80 7.86 6.68 22.48
C SER A 80 8.84 5.52 22.66
N TYR A 81 8.96 5.04 23.90
CA TYR A 81 9.84 3.89 24.15
C TYR A 81 9.34 2.63 23.46
N TRP A 82 8.02 2.42 23.42
CA TRP A 82 7.48 1.25 22.75
C TRP A 82 7.82 1.24 21.27
N ARG A 83 7.84 2.40 20.62
CA ARG A 83 8.22 2.44 19.22
C ARG A 83 9.68 2.08 19.01
N THR A 84 10.58 2.55 19.88
CA THR A 84 11.98 2.15 19.77
C THR A 84 12.12 0.65 19.98
N VAL A 85 11.43 0.09 20.98
CA VAL A 85 11.53 -1.33 21.22
C VAL A 85 10.98 -2.13 20.05
N ARG A 86 9.88 -1.67 19.45
CA ARG A 86 9.35 -2.33 18.26
C ARG A 86 10.30 -2.25 17.08
N ALA A 87 11.01 -1.14 16.93
CA ALA A 87 12.01 -1.01 15.86
C ALA A 87 13.20 -1.91 16.09
N CYS A 88 13.57 -2.16 17.35
CA CYS A 88 14.75 -2.96 17.63
C CYS A 88 14.45 -4.45 17.62
N LEU A 89 13.35 -4.88 18.24
CA LEU A 89 13.05 -6.29 18.44
C LEU A 89 11.76 -6.69 17.73
N GLY A 90 11.48 -6.08 16.58
CA GLY A 90 10.26 -6.45 15.88
C GLY A 90 9.03 -6.24 16.74
N CYS A 91 8.00 -7.02 16.47
CA CYS A 91 6.77 -6.89 17.24
C CYS A 91 7.01 -7.35 18.67
N PRO A 92 6.83 -6.50 19.68
CA PRO A 92 7.14 -6.93 21.05
C PRO A 92 6.34 -8.14 21.52
N LEU A 93 5.06 -8.24 21.14
CA LEU A 93 4.24 -9.34 21.64
C LEU A 93 4.71 -10.68 21.09
N ARG A 94 4.87 -10.77 19.77
CA ARG A 94 5.31 -12.02 19.17
C ARG A 94 6.71 -12.40 19.63
N ARG A 95 7.62 -11.42 19.68
CA ARG A 95 8.97 -11.71 20.13
C ARG A 95 8.98 -12.18 21.57
N GLY A 96 8.18 -11.55 22.43
CA GLY A 96 8.09 -12.00 23.81
C GLY A 96 7.54 -13.40 23.94
N ALA A 97 6.52 -13.73 23.15
CA ALA A 97 5.97 -15.08 23.20
C ALA A 97 7.01 -16.10 22.77
N LEU A 98 7.71 -15.84 21.66
CA LEU A 98 8.73 -16.78 21.20
C LEU A 98 9.86 -16.88 22.18
N LEU A 99 10.23 -15.77 22.82
CA LEU A 99 11.30 -15.79 23.82
C LEU A 99 10.90 -16.62 25.03
N LEU A 100 9.65 -16.49 25.48
CA LEU A 100 9.17 -17.31 26.59
C LEU A 100 9.20 -18.79 26.23
N LEU A 101 8.73 -19.13 25.03
CA LEU A 101 8.76 -20.53 24.60
C LEU A 101 10.19 -21.04 24.54
N SER A 102 11.11 -20.23 24.02
CA SER A 102 12.51 -20.65 23.91
C SER A 102 13.11 -20.88 25.29
N ILE A 103 12.87 -19.97 26.23
CA ILE A 103 13.39 -20.13 27.58
C ILE A 103 12.85 -21.42 28.19
N TYR A 104 11.54 -21.63 28.08
CA TYR A 104 10.93 -22.81 28.70
C TYR A 104 11.52 -24.09 28.12
N PHE A 105 11.55 -24.19 26.79
CA PHE A 105 12.00 -25.44 26.18
C PHE A 105 13.49 -25.66 26.30
N TYR A 106 14.28 -24.60 26.43
CA TYR A 106 15.71 -24.79 26.67
C TYR A 106 15.99 -25.18 28.12
N TYR A 107 15.22 -24.64 29.07
CA TYR A 107 15.41 -25.03 30.47
C TYR A 107 14.84 -26.41 30.76
N SER A 108 13.87 -26.88 29.97
CA SER A 108 13.19 -28.14 30.23
C SER A 108 13.83 -29.32 29.49
N LEU A 109 14.00 -29.21 28.18
CA LEU A 109 14.46 -30.33 27.39
C LEU A 109 15.90 -30.70 27.78
N PRO A 110 16.26 -31.99 27.70
CA PRO A 110 17.64 -32.39 27.98
C PRO A 110 18.65 -31.69 27.07
N PRO A 116 23.56 -26.97 31.02
CA PRO A 116 23.19 -25.91 31.95
C PRO A 116 22.67 -24.67 31.22
N PHE A 117 21.51 -24.16 31.61
CA PHE A 117 20.91 -23.06 30.88
C PHE A 117 21.75 -21.79 31.02
N THR A 118 22.15 -21.45 32.25
CA THR A 118 22.86 -20.18 32.46
C THR A 118 24.19 -20.17 31.71
N TRP A 119 24.90 -21.29 31.71
CA TRP A 119 26.21 -21.33 31.06
C TRP A 119 26.06 -21.23 29.54
N MET A 120 25.10 -21.96 28.97
CA MET A 120 24.85 -21.84 27.53
C MET A 120 24.41 -20.43 27.17
N LEU A 121 23.65 -19.78 28.05
CA LEU A 121 23.27 -18.40 27.80
C LEU A 121 24.48 -17.48 27.81
N ALA A 122 25.41 -17.70 28.74
CA ALA A 122 26.63 -16.90 28.76
C ALA A 122 27.42 -17.09 27.47
N LEU A 123 27.53 -18.33 26.99
CA LEU A 123 28.22 -18.58 25.74
C LEU A 123 27.52 -17.89 24.57
N LEU A 124 26.19 -17.95 24.53
CA LEU A 124 25.44 -17.32 23.45
C LEU A 124 25.62 -15.82 23.45
N GLY A 125 25.60 -15.21 24.64
CA GLY A 125 25.85 -13.78 24.74
C GLY A 125 27.25 -13.43 24.28
N LEU A 126 28.24 -14.24 24.65
CA LEU A 126 29.60 -14.01 24.18
C LEU A 126 29.66 -14.06 22.65
N SER A 127 29.00 -15.04 22.06
CA SER A 127 28.99 -15.17 20.61
C SER A 127 28.36 -13.95 19.95
N GLN A 128 27.21 -13.50 20.48
CA GLN A 128 26.54 -12.34 19.89
C GLN A 128 27.40 -11.08 20.03
N ALA A 129 28.01 -10.89 21.19
CA ALA A 129 28.88 -9.72 21.39
C ALA A 129 30.06 -9.77 20.43
N LEU A 130 30.64 -10.95 20.23
CA LEU A 130 31.74 -11.07 19.28
C LEU A 130 31.28 -10.74 17.87
N ASN A 131 30.10 -11.21 17.48
CA ASN A 131 29.58 -10.91 16.15
C ASN A 131 29.39 -9.40 15.96
N ILE A 132 28.84 -8.73 16.97
CA ILE A 132 28.59 -7.29 16.84
C ILE A 132 29.91 -6.52 16.80
N LEU A 133 30.81 -6.81 17.74
CA LEU A 133 32.02 -6.01 17.88
C LEU A 133 32.93 -6.14 16.66
N LEU A 134 33.06 -7.35 16.12
CA LEU A 134 33.92 -7.57 14.96
C LEU A 134 33.27 -7.16 13.65
N GLY A 135 32.05 -6.65 13.68
CA GLY A 135 31.38 -6.25 12.45
C GLY A 135 31.09 -7.40 11.52
N LEU A 136 30.65 -8.53 12.06
CA LEU A 136 30.35 -9.72 11.26
C LEU A 136 28.87 -9.81 10.90
N LYS A 137 28.09 -8.77 11.18
CA LYS A 137 26.66 -8.74 10.89
C LYS A 137 26.38 -8.08 9.54
N GLY A 138 27.31 -8.17 8.60
CA GLY A 138 27.13 -7.55 7.30
C GLY A 138 26.43 -8.48 6.33
N LEU A 139 25.29 -8.03 5.82
CA LEU A 139 24.52 -8.82 4.88
C LEU A 139 25.25 -8.89 3.54
N ALA A 140 25.05 -10.00 2.83
CA ALA A 140 25.68 -10.18 1.54
C ALA A 140 25.12 -9.17 0.53
N PRO A 141 25.88 -8.83 -0.50
CA PRO A 141 25.38 -7.85 -1.48
C PRO A 141 24.02 -8.22 -2.07
N ALA A 142 23.80 -9.49 -2.37
CA ALA A 142 22.52 -9.91 -2.94
C ALA A 142 21.39 -9.70 -1.94
N GLU A 143 21.62 -10.01 -0.67
CA GLU A 143 20.58 -9.83 0.34
C GLU A 143 20.24 -8.35 0.51
N ILE A 144 21.27 -7.49 0.55
CA ILE A 144 21.01 -6.06 0.66
C ILE A 144 20.25 -5.55 -0.56
N SER A 145 20.63 -6.01 -1.75
CA SER A 145 19.94 -5.58 -2.95
C SER A 145 18.48 -6.01 -2.93
N ALA A 146 18.21 -7.25 -2.50
CA ALA A 146 16.83 -7.71 -2.43
C ALA A 146 16.03 -6.90 -1.42
N VAL A 147 16.62 -6.64 -0.25
CA VAL A 147 15.92 -5.84 0.76
C VAL A 147 15.61 -4.46 0.22
N CYS A 148 16.57 -3.84 -0.48
CA CYS A 148 16.38 -2.49 -0.98
C CYS A 148 15.32 -2.45 -2.07
N GLU A 149 15.37 -3.37 -3.02
CA GLU A 149 14.42 -3.39 -4.13
C GLU A 149 13.05 -3.91 -3.74
N LYS A 150 12.92 -4.53 -2.57
CA LYS A 150 11.61 -4.92 -2.05
C LYS A 150 10.95 -3.84 -1.22
N GLY A 151 11.73 -3.05 -0.49
CA GLY A 151 11.22 -1.93 0.28
C GLY A 151 11.38 -0.59 -0.37
N ASN A 152 11.88 -0.53 -1.60
CA ASN A 152 12.08 0.73 -2.32
C ASN A 152 13.01 1.67 -1.55
N PHE A 153 14.23 1.17 -1.33
CA PHE A 153 15.28 1.89 -0.62
C PHE A 153 16.40 2.29 -1.57
N ASN A 154 16.05 2.72 -2.77
CA ASN A 154 17.02 3.12 -3.79
C ASN A 154 16.94 4.61 -4.03
N VAL A 155 18.00 5.15 -4.64
CA VAL A 155 17.97 6.51 -5.14
C VAL A 155 17.24 6.60 -6.48
N ALA A 156 17.30 5.54 -7.29
CA ALA A 156 16.62 5.51 -8.57
C ALA A 156 15.11 5.57 -8.45
N HIS A 157 14.52 4.93 -7.43
CA HIS A 157 13.08 5.01 -7.21
C HIS A 157 12.65 6.45 -6.96
N GLY A 158 13.32 7.12 -6.02
CA GLY A 158 13.00 8.50 -5.73
C GLY A 158 13.23 9.41 -6.93
N LEU A 159 14.31 9.18 -7.67
CA LEU A 159 14.58 10.00 -8.85
C LEU A 159 13.53 9.80 -9.93
N ALA A 160 13.11 8.56 -10.18
CA ALA A 160 12.07 8.31 -11.17
C ALA A 160 10.74 8.93 -10.77
N TRP A 161 10.35 8.81 -9.50
CA TRP A 161 9.12 9.46 -9.08
C TRP A 161 9.22 10.98 -9.10
N SER A 162 10.40 11.54 -8.82
CA SER A 162 10.59 12.97 -8.98
C SER A 162 10.44 13.39 -10.44
N TYR A 163 11.07 12.66 -11.35
CA TYR A 163 10.98 12.97 -12.77
C TYR A 163 9.58 12.83 -13.31
N TYR A 164 8.76 11.95 -12.74
CA TYR A 164 7.38 11.81 -13.19
C TYR A 164 6.46 12.86 -12.57
N ILE A 165 6.50 13.03 -11.25
CA ILE A 165 5.59 13.97 -10.59
C ILE A 165 5.92 15.40 -10.94
N GLY A 166 7.21 15.73 -11.07
CA GLY A 166 7.60 17.12 -11.23
C GLY A 166 7.64 17.62 -12.65
N TYR A 167 7.93 16.73 -13.61
CA TYR A 167 8.08 17.14 -15.00
C TYR A 167 7.08 16.48 -15.94
N LEU A 168 7.03 15.15 -15.97
CA LEU A 168 6.21 14.48 -16.97
C LEU A 168 4.72 14.68 -16.71
N ARG A 169 4.31 14.54 -15.44
CA ARG A 169 2.91 14.69 -15.08
C ARG A 169 2.38 16.10 -15.33
N LEU A 170 3.27 17.08 -15.52
CA LEU A 170 2.86 18.45 -15.78
C LEU A 170 3.08 18.89 -17.21
N ILE A 171 3.80 18.11 -18.02
CA ILE A 171 4.15 18.48 -19.39
C ILE A 171 3.39 17.63 -20.40
N LEU A 172 3.29 16.33 -20.14
CA LEU A 172 2.66 15.44 -21.13
C LEU A 172 1.26 15.87 -21.49
N PRO A 173 0.37 16.24 -20.56
CA PRO A 173 -1.00 16.59 -20.96
C PRO A 173 -1.09 17.70 -21.99
N GLU A 174 -0.27 18.74 -21.87
CA GLU A 174 -0.35 19.91 -22.74
C GLU A 174 0.61 19.83 -23.92
N LEU A 175 1.37 18.75 -24.03
CA LEU A 175 2.31 18.62 -25.13
C LEU A 175 1.59 18.58 -26.47
N GLN A 176 0.44 17.90 -26.53
CA GLN A 176 -0.31 17.83 -27.78
C GLN A 176 -0.76 19.23 -28.22
N ALA A 177 -1.26 20.02 -27.28
CA ALA A 177 -1.69 21.38 -27.62
C ALA A 177 -0.50 22.22 -28.09
N ARG A 178 0.63 22.12 -27.39
CA ARG A 178 1.81 22.88 -27.80
C ARG A 178 2.28 22.49 -29.19
N ILE A 179 2.28 21.18 -29.48
CA ILE A 179 2.68 20.70 -30.79
C ILE A 179 1.71 21.21 -31.86
N ARG A 180 0.41 21.19 -31.57
CA ARG A 180 -0.57 21.68 -32.52
C ARG A 180 -0.34 23.15 -32.81
N THR A 181 -0.11 23.94 -31.77
CA THR A 181 0.14 25.37 -31.97
C THR A 181 1.38 25.59 -32.81
N TYR A 182 2.46 24.85 -32.52
CA TYR A 182 3.67 24.98 -33.32
C TYR A 182 3.41 24.62 -34.78
N ASN A 183 2.66 23.55 -35.02
CA ASN A 183 2.39 23.11 -36.39
C ASN A 183 1.62 24.17 -37.16
N GLN A 184 0.58 24.73 -36.54
CA GLN A 184 -0.18 25.78 -37.21
C GLN A 184 0.68 27.02 -37.44
N HIS A 185 1.47 27.42 -36.45
CA HIS A 185 2.31 28.61 -36.60
C HIS A 185 3.46 28.40 -37.57
N TYR A 186 3.72 27.17 -38.01
CA TYR A 186 4.80 26.90 -38.94
C TYR A 186 4.64 25.53 -39.57
N GLY A 192 8.26 19.67 -41.36
CA GLY A 192 8.05 20.36 -40.09
C GLY A 192 6.91 19.76 -39.27
N ALA A 193 6.42 18.60 -39.69
CA ALA A 193 5.34 17.91 -38.99
C ALA A 193 5.94 17.09 -37.86
N VAL A 194 6.25 17.79 -36.76
CA VAL A 194 6.87 17.13 -35.62
C VAL A 194 5.96 16.03 -35.10
N SER A 195 6.55 14.89 -34.75
CA SER A 195 5.78 13.78 -34.23
C SER A 195 5.13 14.16 -32.90
N GLN A 196 3.94 13.62 -32.67
CA GLN A 196 3.14 13.97 -31.50
C GLN A 196 3.52 13.12 -30.28
N ARG A 197 4.80 13.10 -29.94
CA ARG A 197 5.24 12.35 -28.76
C ARG A 197 6.56 12.93 -28.27
N LEU A 198 6.83 12.71 -26.98
CA LEU A 198 8.07 13.13 -26.36
C LEU A 198 9.03 11.95 -26.31
N TYR A 199 10.21 12.12 -26.91
CA TYR A 199 11.18 11.04 -27.03
C TYR A 199 12.28 11.28 -26.01
N ILE A 200 12.25 10.51 -24.93
CA ILE A 200 13.21 10.64 -23.84
C ILE A 200 14.32 9.63 -24.05
N LEU A 201 15.56 10.11 -24.10
CA LEU A 201 16.72 9.25 -24.24
C LEU A 201 17.23 8.85 -22.86
N LEU A 202 17.57 7.57 -22.70
CA LEU A 202 17.99 7.01 -21.42
C LEU A 202 19.34 6.34 -21.60
N PRO A 203 20.43 7.10 -21.62
CA PRO A 203 21.75 6.48 -21.71
C PRO A 203 22.09 5.69 -20.45
N LEU A 204 22.18 4.36 -20.58
CA LEU A 204 22.41 3.52 -19.42
C LEU A 204 23.80 3.73 -18.82
N ASP A 205 24.70 4.38 -19.55
CA ASP A 205 26.00 4.77 -19.00
C ASP A 205 25.95 6.12 -18.30
N CYS A 206 24.80 6.77 -18.27
CA CYS A 206 24.59 8.03 -17.57
C CYS A 206 25.42 9.17 -18.15
N GLY A 207 25.91 9.02 -19.38
CA GLY A 207 26.62 10.09 -20.05
C GLY A 207 25.68 11.00 -20.80
N VAL A 208 25.35 12.14 -20.22
CA VAL A 208 24.33 13.05 -20.76
C VAL A 208 24.98 14.37 -21.15
N PRO A 209 25.33 14.56 -22.42
CA PRO A 209 25.88 15.87 -22.83
C PRO A 209 24.81 16.95 -22.85
N ASP A 210 25.25 18.18 -22.63
CA ASP A 210 24.31 19.29 -22.56
C ASP A 210 23.70 19.61 -23.92
N ASN A 211 24.48 19.50 -25.00
CA ASN A 211 24.02 19.78 -26.34
C ASN A 211 24.02 18.47 -27.14
N LEU A 212 22.87 18.14 -27.73
CA LEU A 212 22.73 16.86 -28.40
C LEU A 212 23.68 16.73 -29.59
N SER A 213 23.88 17.83 -30.32
CA SER A 213 24.71 17.76 -31.52
C SER A 213 26.09 17.21 -31.20
N MET A 214 26.61 17.48 -30.00
CA MET A 214 27.87 16.86 -29.60
C MET A 214 27.73 15.35 -29.49
N ALA A 215 26.59 14.86 -28.99
CA ALA A 215 26.39 13.42 -28.87
C ALA A 215 26.43 12.76 -30.24
N ASP A 216 25.76 13.36 -31.24
CA ASP A 216 25.73 12.84 -32.58
C ASP A 216 25.75 14.02 -33.55
N PRO A 217 26.60 14.01 -34.57
CA PRO A 217 26.55 15.11 -35.55
C PRO A 217 25.22 15.23 -36.26
N ASN A 218 24.53 14.12 -36.48
CA ASN A 218 23.28 14.16 -37.24
C ASN A 218 22.22 14.97 -36.51
N ILE A 219 22.13 14.83 -35.19
CA ILE A 219 21.13 15.58 -34.43
C ILE A 219 21.46 17.07 -34.52
N ARG A 220 20.45 17.87 -34.89
CA ARG A 220 20.62 19.30 -35.05
C ARG A 220 19.41 20.02 -34.48
N PHE A 221 19.66 21.10 -33.74
CA PHE A 221 18.58 21.91 -33.21
C PHE A 221 17.80 22.57 -34.34
N LEU A 222 16.47 22.61 -34.19
CA LEU A 222 15.59 23.20 -35.19
C LEU A 222 14.90 24.45 -34.66
N ASP A 223 14.18 24.34 -33.54
CA ASP A 223 13.45 25.48 -32.99
C ASP A 223 12.81 25.01 -31.69
N LYS A 224 12.45 25.96 -30.84
CA LYS A 224 11.80 25.66 -29.57
C LYS A 224 10.29 25.57 -29.76
N LEU A 225 9.62 25.02 -28.74
CA LEU A 225 8.17 24.95 -28.71
C LEU A 225 7.61 26.16 -27.96
N PRO A 226 6.32 26.47 -28.16
CA PRO A 226 5.69 27.51 -27.33
C PRO A 226 5.79 27.15 -25.86
N GLN A 227 6.37 28.06 -25.09
CA GLN A 227 6.70 27.76 -23.70
C GLN A 227 5.45 27.45 -22.89
N GLN A 228 5.60 26.57 -21.92
CA GLN A 228 4.57 26.27 -20.94
C GLN A 228 4.91 26.97 -19.63
N THR A 229 3.87 27.37 -18.90
CA THR A 229 4.06 28.17 -17.70
C THR A 229 3.12 27.70 -16.61
N GLY A 230 3.54 27.87 -15.36
CA GLY A 230 2.72 27.50 -14.22
C GLY A 230 3.39 27.93 -12.94
N ASP A 231 2.65 27.80 -11.85
CA ASP A 231 3.14 28.14 -10.52
C ASP A 231 3.56 26.86 -9.80
N ARG A 232 4.76 26.87 -9.24
CA ARG A 232 5.32 25.69 -8.59
C ARG A 232 6.07 26.08 -7.33
N ALA A 233 5.58 25.64 -6.18
CA ALA A 233 6.32 25.70 -4.93
C ALA A 233 6.84 27.11 -4.65
N GLY A 234 5.98 28.11 -4.84
CA GLY A 234 6.31 29.48 -4.55
C GLY A 234 7.08 30.19 -5.64
N ILE A 235 7.61 29.47 -6.62
CA ILE A 235 8.28 30.06 -7.76
C ILE A 235 7.28 30.09 -8.90
N LYS A 236 6.56 31.20 -9.04
CA LYS A 236 5.53 31.28 -10.06
C LYS A 236 6.12 31.77 -11.38
N ASP A 237 5.35 31.55 -12.45
CA ASP A 237 5.82 31.78 -13.81
C ASP A 237 7.00 30.86 -14.16
N ARG A 238 7.14 29.76 -13.42
CA ARG A 238 8.12 28.74 -13.79
C ARG A 238 7.74 28.18 -15.15
N VAL A 239 8.74 28.04 -16.02
CA VAL A 239 8.52 27.76 -17.44
C VAL A 239 9.24 26.47 -17.81
N TYR A 240 8.59 25.69 -18.68
CA TYR A 240 9.12 24.42 -19.18
C TYR A 240 9.27 24.54 -20.69
N SER A 241 10.51 24.50 -21.17
CA SER A 241 10.78 24.54 -22.59
C SER A 241 10.98 23.12 -23.13
N ASN A 242 10.95 22.99 -24.45
CA ASN A 242 11.17 21.71 -25.10
C ASN A 242 11.66 21.96 -26.52
N SER A 243 12.93 21.70 -26.76
CA SER A 243 13.53 21.95 -28.07
C SER A 243 13.05 20.92 -29.08
N ILE A 244 13.04 21.32 -30.36
CA ILE A 244 12.73 20.44 -31.48
C ILE A 244 14.02 20.18 -32.23
N TYR A 245 14.29 18.91 -32.53
CA TYR A 245 15.49 18.50 -33.24
C TYR A 245 15.10 17.79 -34.52
N GLU A 246 15.98 17.85 -35.51
CA GLU A 246 15.80 17.16 -36.78
C GLU A 246 16.76 15.98 -36.86
N LEU A 247 16.22 14.81 -37.21
CA LEU A 247 17.03 13.61 -37.37
C LEU A 247 17.59 13.60 -38.79
N LEU A 248 18.86 13.97 -38.93
CA LEU A 248 19.50 14.15 -40.23
C LEU A 248 20.13 12.83 -40.66
N GLU A 249 19.61 12.24 -41.73
CA GLU A 249 20.05 10.96 -42.23
C GLU A 249 20.74 11.14 -43.58
N ASN A 250 21.96 10.63 -43.70
CA ASN A 250 22.76 10.71 -44.92
C ASN A 250 22.67 12.08 -45.59
N GLY A 251 22.62 13.14 -44.78
CA GLY A 251 22.60 14.49 -45.29
C GLY A 251 21.21 15.08 -45.47
N GLN A 252 20.18 14.25 -45.57
CA GLN A 252 18.81 14.71 -45.79
C GLN A 252 17.95 14.36 -44.57
N ARG A 253 17.09 15.31 -44.19
CA ARG A 253 16.24 15.10 -43.03
C ARG A 253 15.40 13.85 -43.20
N ALA A 254 15.33 13.03 -42.14
CA ALA A 254 14.50 11.85 -42.11
C ALA A 254 13.40 11.91 -41.08
N GLY A 255 13.43 12.89 -40.17
CA GLY A 255 12.38 13.03 -39.17
C GLY A 255 12.67 14.21 -38.27
N THR A 256 11.65 14.58 -37.51
CA THR A 256 11.75 15.65 -36.53
C THR A 256 10.93 15.26 -35.31
N CYS A 257 11.46 15.55 -34.14
CA CYS A 257 10.83 15.13 -32.89
C CYS A 257 11.32 16.04 -31.77
N VAL A 258 10.66 15.91 -30.62
CA VAL A 258 11.02 16.66 -29.41
C VAL A 258 11.93 15.74 -28.60
N LEU A 259 13.23 15.82 -28.88
CA LEU A 259 14.22 14.96 -28.22
C LEU A 259 14.72 15.62 -26.96
N GLU A 260 14.99 14.81 -25.93
CA GLU A 260 15.42 15.33 -24.65
C GLU A 260 15.97 14.20 -23.77
N TYR A 261 17.14 14.41 -23.18
CA TYR A 261 17.68 13.43 -22.24
C TYR A 261 16.89 13.45 -20.94
N ALA A 262 16.94 12.33 -20.23
CA ALA A 262 16.36 12.24 -18.89
C ALA A 262 17.32 12.86 -17.91
N THR A 263 16.96 14.01 -17.34
CA THR A 263 17.90 14.76 -16.53
C THR A 263 18.33 14.05 -15.25
N PRO A 264 17.53 13.18 -14.63
CA PRO A 264 18.01 12.50 -13.42
C PRO A 264 19.26 11.68 -13.64
N LEU A 265 19.52 11.25 -14.88
CA LEU A 265 20.75 10.52 -15.16
C LEU A 265 21.98 11.42 -14.99
N GLN A 266 21.85 12.71 -15.30
CA GLN A 266 22.92 13.65 -15.01
C GLN A 266 23.20 13.70 -13.52
N THR A 267 22.15 13.72 -12.70
CA THR A 267 22.34 13.71 -11.25
C THR A 267 23.02 12.42 -10.81
N LEU A 268 22.63 11.29 -11.38
CA LEU A 268 23.28 10.03 -11.02
C LEU A 268 24.78 10.09 -11.35
N PHE A 269 25.11 10.57 -12.54
CA PHE A 269 26.52 10.65 -12.93
C PHE A 269 27.30 11.57 -11.99
N ALA A 270 26.78 12.78 -11.76
CA ALA A 270 27.50 13.73 -10.91
C ALA A 270 27.64 13.18 -9.49
N MET A 271 26.60 12.54 -8.97
CA MET A 271 26.68 11.90 -7.66
C MET A 271 27.77 10.85 -7.65
N SER A 272 27.87 10.06 -8.72
CA SER A 272 28.95 9.09 -8.83
C SER A 272 30.32 9.77 -8.82
N GLN A 273 30.44 10.96 -9.39
CA GLN A 273 31.72 11.65 -9.44
C GLN A 273 32.14 12.29 -8.12
N TYR A 274 31.20 12.72 -7.29
CA TYR A 274 31.53 13.37 -6.04
C TYR A 274 31.89 12.35 -4.96
N SER A 275 32.90 12.67 -4.16
CA SER A 275 33.30 11.80 -3.07
C SER A 275 32.33 11.87 -1.91
N GLN A 276 31.84 13.06 -1.59
CA GLN A 276 30.90 13.21 -0.48
C GLN A 276 29.61 12.44 -0.70
N ALA A 277 29.25 12.18 -1.96
CA ALA A 277 28.02 11.46 -2.23
C ALA A 277 28.06 10.06 -1.68
N GLY A 278 29.21 9.40 -1.73
CA GLY A 278 29.29 8.01 -1.37
C GLY A 278 28.72 7.08 -2.42
N PHE A 279 28.72 7.51 -3.67
CA PHE A 279 28.12 6.78 -4.78
C PHE A 279 29.23 6.24 -5.67
N SER A 280 29.27 4.93 -5.85
CA SER A 280 30.30 4.30 -6.66
C SER A 280 29.82 4.18 -8.12
N ARG A 281 30.76 3.82 -9.00
CA ARG A 281 30.46 3.75 -10.42
C ARG A 281 29.63 2.51 -10.78
N GLU A 282 29.75 1.43 -10.01
CA GLU A 282 28.85 0.29 -10.20
C GLU A 282 27.45 0.59 -9.66
N ASP A 283 27.39 1.28 -8.52
CA ASP A 283 26.12 1.81 -8.05
C ASP A 283 25.46 2.66 -9.14
N ARG A 284 26.27 3.37 -9.92
CA ARG A 284 25.70 4.20 -10.97
C ARG A 284 24.95 3.36 -11.99
N LEU A 285 25.56 2.28 -12.47
CA LEU A 285 24.87 1.42 -13.43
C LEU A 285 23.64 0.78 -12.81
N GLU A 286 23.77 0.27 -11.59
CA GLU A 286 22.63 -0.37 -10.93
C GLU A 286 21.46 0.59 -10.83
N GLN A 287 21.70 1.81 -10.33
CA GLN A 287 20.63 2.77 -10.15
C GLN A 287 20.11 3.32 -11.47
N ALA A 288 20.96 3.46 -12.49
CA ALA A 288 20.46 3.88 -13.80
C ALA A 288 19.49 2.86 -14.37
N LYS A 289 19.86 1.57 -14.31
CA LYS A 289 18.94 0.54 -14.77
C LYS A 289 17.66 0.50 -13.95
N LEU A 290 17.77 0.64 -12.63
CA LEU A 290 16.57 0.66 -11.80
C LEU A 290 15.68 1.87 -12.10
N PHE A 291 16.27 3.03 -12.37
CA PHE A 291 15.50 4.20 -12.77
C PHE A 291 14.77 3.97 -14.09
N CYS A 292 15.48 3.40 -15.08
CA CYS A 292 14.84 3.09 -16.35
C CYS A 292 13.69 2.10 -16.18
N ARG A 293 13.85 1.14 -15.25
CA ARG A 293 12.78 0.17 -15.04
C ARG A 293 11.61 0.75 -14.26
N THR A 294 11.87 1.66 -13.33
CA THR A 294 10.78 2.25 -12.54
C THR A 294 9.98 3.25 -13.36
N LEU A 295 10.65 4.04 -14.21
CA LEU A 295 9.93 5.00 -15.03
C LEU A 295 8.98 4.30 -15.99
N GLU A 296 9.40 3.15 -16.52
CA GLU A 296 8.54 2.40 -17.44
C GLU A 296 7.25 1.98 -16.75
N ASP A 297 7.35 1.46 -15.52
CA ASP A 297 6.15 1.08 -14.79
C ASP A 297 5.28 2.29 -14.47
N ILE A 298 5.91 3.38 -14.01
CA ILE A 298 5.14 4.57 -13.67
C ILE A 298 4.34 5.04 -14.88
N LEU A 299 5.00 5.13 -16.05
CA LEU A 299 4.30 5.56 -17.25
C LEU A 299 3.24 4.57 -17.70
N ALA A 300 3.52 3.27 -17.58
CA ALA A 300 2.53 2.27 -17.98
C ALA A 300 1.27 2.39 -17.16
N ASP A 301 1.39 2.69 -15.87
CA ASP A 301 0.22 2.84 -15.01
C ASP A 301 -0.31 4.27 -14.98
N ALA A 302 0.39 5.22 -15.60
CA ALA A 302 -0.01 6.63 -15.51
C ALA A 302 -1.00 6.97 -16.62
N PRO A 303 -2.16 7.53 -16.30
CA PRO A 303 -3.08 7.97 -17.38
C PRO A 303 -2.49 9.06 -18.25
N GLU A 304 -1.60 9.90 -17.70
CA GLU A 304 -1.06 11.02 -18.46
C GLU A 304 -0.31 10.55 -19.71
N SER A 305 0.27 9.36 -19.65
CA SER A 305 1.01 8.81 -20.80
C SER A 305 0.09 8.01 -21.72
N GLN A 306 -1.02 8.63 -22.15
CA GLN A 306 -1.91 8.00 -23.11
C GLN A 306 -1.31 8.14 -24.51
N ASN A 307 -0.26 7.36 -24.74
CA ASN A 307 0.49 7.40 -25.99
C ASN A 307 1.05 8.81 -26.23
N ASN A 308 1.92 9.23 -25.31
CA ASN A 308 2.49 10.57 -25.35
C ASN A 308 4.02 10.59 -25.38
N CYS A 309 4.68 9.59 -24.82
CA CYS A 309 6.13 9.56 -24.77
C CYS A 309 6.64 8.17 -25.13
N ARG A 310 7.88 8.12 -25.61
CA ARG A 310 8.54 6.87 -26.00
C ARG A 310 9.92 6.86 -25.36
N LEU A 311 10.06 6.18 -24.23
CA LEU A 311 11.35 6.07 -23.56
C LEU A 311 12.31 5.28 -24.44
N ILE A 312 13.46 5.88 -24.75
CA ILE A 312 14.50 5.22 -25.52
C ILE A 312 15.68 4.97 -24.59
N ALA A 313 16.05 3.71 -24.43
CA ALA A 313 17.19 3.31 -23.62
C ALA A 313 18.21 2.63 -24.51
N TYR A 314 19.49 2.94 -24.29
CA TYR A 314 20.55 2.41 -25.13
C TYR A 314 21.83 2.27 -24.33
N GLN A 315 22.70 1.38 -24.78
CA GLN A 315 24.01 1.17 -24.20
C GLN A 315 25.06 1.42 -25.27
N GLU A 316 26.08 2.20 -24.92
CA GLU A 316 27.13 2.54 -25.87
C GLU A 316 28.23 1.49 -25.82
N PRO A 317 28.48 0.75 -26.92
CA PRO A 317 29.51 -0.30 -26.88
C PRO A 317 30.92 0.28 -26.76
N SER A 322 30.33 2.34 -34.85
CA SER A 322 30.23 2.09 -33.41
C SER A 322 28.80 2.20 -32.93
N PHE A 323 28.31 3.43 -32.79
CA PHE A 323 26.94 3.67 -32.36
C PHE A 323 26.54 5.08 -32.77
N SER A 324 25.29 5.23 -33.16
CA SER A 324 24.73 6.51 -33.58
C SER A 324 23.37 6.69 -32.94
N LEU A 325 23.24 7.72 -32.10
CA LEU A 325 21.95 8.02 -31.48
C LEU A 325 20.90 8.35 -32.52
N SER A 326 21.31 8.97 -33.63
CA SER A 326 20.36 9.32 -34.68
C SER A 326 19.66 8.08 -35.21
N GLN A 327 20.41 7.01 -35.44
CA GLN A 327 19.81 5.77 -35.94
C GLN A 327 18.85 5.18 -34.92
N GLU A 328 19.21 5.22 -33.64
CA GLU A 328 18.30 4.71 -32.60
C GLU A 328 16.98 5.47 -32.61
N VAL A 329 17.05 6.80 -32.60
CA VAL A 329 15.84 7.60 -32.57
C VAL A 329 15.04 7.39 -33.84
N LEU A 330 15.71 7.31 -34.98
CA LEU A 330 15.02 7.13 -36.25
C LEU A 330 14.32 5.77 -36.30
N ARG A 331 14.97 4.73 -35.77
CA ARG A 331 14.33 3.42 -35.70
C ARG A 331 13.08 3.47 -34.83
N HIS A 332 13.18 4.11 -33.66
CA HIS A 332 12.01 4.20 -32.80
C HIS A 332 10.94 5.12 -33.38
N LEU A 333 11.30 5.97 -34.33
CA LEU A 333 10.34 6.90 -34.94
C LEU A 333 9.61 6.27 -36.13
N ARG A 334 10.35 5.64 -37.04
CA ARG A 334 9.75 5.14 -38.28
C ARG A 334 8.65 4.13 -37.99
N GLN A 335 8.80 3.33 -36.95
CA GLN A 335 7.83 2.29 -36.61
C GLN A 335 6.40 2.81 -36.67
N SER B 4 21.09 18.36 14.89
CA SER B 4 21.28 19.27 13.76
C SER B 4 20.81 20.68 14.12
N SER B 5 21.57 21.68 13.67
CA SER B 5 21.18 23.06 13.93
C SER B 5 19.90 23.44 13.18
N LEU B 6 19.56 22.69 12.12
CA LEU B 6 18.36 22.99 11.36
C LEU B 6 17.13 22.97 12.24
N HIS B 7 16.81 21.81 12.80
CA HIS B 7 15.63 21.64 13.64
C HIS B 7 15.93 20.56 14.67
N PRO B 8 15.37 20.67 15.88
CA PRO B 8 15.61 19.61 16.88
C PRO B 8 15.11 18.24 16.45
N SER B 9 14.16 18.17 15.52
CA SER B 9 13.59 16.89 15.12
C SER B 9 14.45 16.15 14.10
N ILE B 10 15.54 16.75 13.61
CA ILE B 10 16.41 16.09 12.65
C ILE B 10 17.29 15.10 13.41
N PRO B 11 17.24 13.80 13.07
CA PRO B 11 18.02 12.82 13.83
C PRO B 11 19.51 12.89 13.48
N CYS B 12 20.35 12.85 14.51
CA CYS B 12 21.79 12.84 14.28
C CYS B 12 22.21 11.47 13.74
N PRO B 13 23.37 11.39 13.08
CA PRO B 13 23.81 10.11 12.54
C PRO B 13 24.07 9.09 13.65
N ARG B 14 23.90 7.82 13.31
CA ARG B 14 24.10 6.75 14.27
C ARG B 14 25.55 6.68 14.72
N GLY B 15 25.75 6.49 16.02
CA GLY B 15 27.07 6.41 16.63
C GLY B 15 27.50 4.97 16.85
N HIS B 16 28.21 4.75 17.95
CA HIS B 16 28.72 3.43 18.31
C HIS B 16 28.15 2.96 19.65
N GLY B 17 26.89 3.27 19.90
CA GLY B 17 26.25 2.78 21.11
C GLY B 17 26.09 1.27 21.12
N ALA B 18 25.75 0.70 19.97
CA ALA B 18 25.56 -0.75 19.89
C ALA B 18 26.86 -1.48 20.23
N GLN B 19 27.99 -0.98 19.75
CA GLN B 19 29.26 -1.65 20.03
C GLN B 19 29.67 -1.49 21.48
N LYS B 20 29.37 -0.34 22.09
CA LYS B 20 29.64 -0.18 23.52
C LYS B 20 28.81 -1.16 24.34
N ALA B 21 27.53 -1.31 23.99
CA ALA B 21 26.70 -2.28 24.68
C ALA B 21 27.18 -3.70 24.44
N ALA B 22 27.67 -4.00 23.24
CA ALA B 22 28.23 -5.32 22.97
C ALA B 22 29.46 -5.57 23.83
N LEU B 23 30.31 -4.56 24.00
CA LEU B 23 31.47 -4.71 24.87
C LEU B 23 31.06 -4.98 26.30
N VAL B 24 30.05 -4.25 26.79
CA VAL B 24 29.57 -4.49 28.15
C VAL B 24 29.01 -5.90 28.27
N LEU B 25 28.24 -6.34 27.28
CA LEU B 25 27.69 -7.69 27.30
C LEU B 25 28.80 -8.74 27.32
N LEU B 26 29.84 -8.54 26.50
CA LEU B 26 30.95 -9.48 26.48
C LEU B 26 31.65 -9.54 27.82
N SER B 27 31.89 -8.38 28.43
CA SER B 27 32.54 -8.37 29.75
C SER B 27 31.69 -9.10 30.79
N ALA B 28 30.38 -8.84 30.80
CA ALA B 28 29.51 -9.52 31.75
C ALA B 28 29.49 -11.02 31.49
N CYS B 29 29.46 -11.42 30.23
CA CYS B 29 29.45 -12.85 29.90
C CYS B 29 30.73 -13.53 30.37
N LEU B 30 31.87 -12.88 30.16
CA LEU B 30 33.12 -13.45 30.66
C LEU B 30 33.15 -13.52 32.18
N VAL B 31 32.62 -12.50 32.86
CA VAL B 31 32.59 -12.53 34.31
C VAL B 31 31.72 -13.70 34.80
N THR B 32 30.56 -13.91 34.18
CA THR B 32 29.69 -15.00 34.63
C THR B 32 30.28 -16.35 34.27
N LEU B 33 31.01 -16.45 33.14
CA LEU B 33 31.71 -17.70 32.84
C LEU B 33 32.77 -17.99 33.89
N TRP B 34 33.50 -16.96 34.32
CA TRP B 34 34.45 -17.13 35.41
C TRP B 34 33.74 -17.60 36.68
N GLY B 35 32.60 -16.97 37.00
CA GLY B 35 31.89 -17.34 38.21
C GLY B 35 31.41 -18.78 38.19
N LEU B 36 30.85 -19.21 37.07
CA LEU B 36 30.33 -20.58 36.99
C LEU B 36 31.44 -21.61 37.16
N GLY B 37 32.65 -21.30 36.70
CA GLY B 37 33.78 -22.18 36.90
C GLY B 37 33.61 -23.53 36.23
N GLU B 38 33.59 -23.55 34.90
CA GLU B 38 33.54 -24.78 34.13
C GLU B 38 34.81 -24.92 33.30
N PRO B 39 35.11 -26.12 32.83
CA PRO B 39 36.34 -26.34 32.05
C PRO B 39 36.47 -25.34 30.93
N PRO B 40 37.48 -24.48 30.94
CA PRO B 40 37.63 -23.51 29.86
C PRO B 40 37.72 -24.14 28.48
N GLU B 41 38.34 -25.31 28.37
CA GLU B 41 38.41 -25.98 27.09
C GLU B 41 37.02 -26.31 26.56
N HIS B 42 36.08 -26.67 27.44
CA HIS B 42 34.71 -26.91 27.01
C HIS B 42 34.06 -25.63 26.49
N THR B 43 34.29 -24.51 27.19
CA THR B 43 33.81 -23.22 26.70
C THR B 43 34.33 -22.96 25.29
N LEU B 44 35.64 -23.16 25.08
CA LEU B 44 36.23 -22.90 23.77
C LEU B 44 35.63 -23.82 22.72
N ARG B 45 35.47 -25.10 23.04
CA ARG B 45 34.95 -26.06 22.08
C ARG B 45 33.55 -25.67 21.65
N TYR B 46 32.68 -25.38 22.62
CA TYR B 46 31.29 -25.06 22.28
C TYR B 46 31.19 -23.72 21.56
N LEU B 47 32.01 -22.74 21.93
CA LEU B 47 31.99 -21.47 21.20
C LEU B 47 32.40 -21.66 19.75
N VAL B 48 33.48 -22.42 19.51
CA VAL B 48 33.94 -22.64 18.16
C VAL B 48 32.89 -23.42 17.36
N LEU B 49 32.27 -24.42 17.99
CA LEU B 49 31.25 -25.19 17.31
C LEU B 49 30.04 -24.33 16.95
N HIS B 50 29.65 -23.42 17.85
CA HIS B 50 28.54 -22.52 17.55
C HIS B 50 28.87 -21.64 16.35
N LEU B 51 30.09 -21.07 16.33
CA LEU B 51 30.47 -20.23 15.20
C LEU B 51 30.53 -21.04 13.91
N ALA B 52 30.99 -22.29 13.99
CA ALA B 52 31.03 -23.14 12.80
C ALA B 52 29.62 -23.42 12.28
N SER B 53 28.68 -23.67 13.19
CA SER B 53 27.30 -23.86 12.78
C SER B 53 26.74 -22.61 12.11
N LEU B 54 27.07 -21.43 12.65
CA LEU B 54 26.63 -20.19 12.02
C LEU B 54 27.21 -20.06 10.61
N GLN B 55 28.49 -20.41 10.45
CA GLN B 55 29.12 -20.32 9.13
C GLN B 55 28.45 -21.28 8.14
N LEU B 56 28.16 -22.50 8.58
CA LEU B 56 27.51 -23.45 7.68
C LEU B 56 26.09 -23.00 7.32
N GLY B 57 25.38 -22.41 8.28
CA GLY B 57 24.09 -21.83 7.95
C GLY B 57 24.20 -20.71 6.94
N LEU B 58 25.22 -19.87 7.08
CA LEU B 58 25.46 -18.84 6.08
C LEU B 58 25.71 -19.45 4.71
N LEU B 59 26.49 -20.52 4.65
CA LEU B 59 26.76 -21.19 3.38
C LEU B 59 25.46 -21.68 2.74
N LEU B 60 24.61 -22.35 3.53
CA LEU B 60 23.39 -22.90 2.97
C LEU B 60 22.44 -21.80 2.51
N ASN B 61 22.28 -20.75 3.31
CA ASN B 61 21.43 -19.64 2.91
C ASN B 61 21.98 -18.96 1.66
N GLY B 62 23.31 -18.84 1.56
CA GLY B 62 23.90 -18.25 0.38
C GLY B 62 23.68 -19.09 -0.86
N VAL B 63 23.72 -20.41 -0.72
CA VAL B 63 23.43 -21.28 -1.86
C VAL B 63 21.97 -21.10 -2.29
N CYS B 64 21.06 -21.02 -1.32
CA CYS B 64 19.66 -20.78 -1.67
C CYS B 64 19.50 -19.45 -2.40
N SER B 65 20.19 -18.41 -1.94
CA SER B 65 20.13 -17.12 -2.63
C SER B 65 20.74 -17.20 -4.02
N LEU B 66 21.83 -17.95 -4.16
CA LEU B 66 22.45 -18.16 -5.47
C LEU B 66 21.46 -18.77 -6.44
N ALA B 67 20.62 -19.68 -5.95
CA ALA B 67 19.62 -20.30 -6.83
C ALA B 67 18.78 -19.25 -7.54
N GLU B 68 18.51 -18.13 -6.87
CA GLU B 68 17.74 -17.05 -7.50
C GLU B 68 18.64 -16.11 -8.29
N GLU B 69 19.78 -15.73 -7.71
CA GLU B 69 20.63 -14.73 -8.35
C GLU B 69 21.17 -15.22 -9.69
N LEU B 70 21.33 -16.53 -9.85
CA LEU B 70 21.86 -17.03 -11.12
C LEU B 70 20.94 -16.73 -12.29
N ARG B 71 19.66 -16.44 -12.03
CA ARG B 71 18.76 -16.09 -13.12
C ARG B 71 19.06 -14.71 -13.69
N HIS B 72 19.56 -13.79 -12.86
CA HIS B 72 19.86 -12.43 -13.27
C HIS B 72 21.33 -12.24 -13.62
N ILE B 73 22.02 -13.32 -13.99
CA ILE B 73 23.47 -13.21 -14.20
C ILE B 73 23.77 -12.18 -15.29
N HIS B 74 23.21 -12.39 -16.48
CA HIS B 74 23.57 -11.57 -17.64
C HIS B 74 23.12 -10.13 -17.52
N SER B 75 22.16 -9.81 -16.66
CA SER B 75 21.64 -8.46 -16.54
C SER B 75 22.24 -7.73 -15.35
N ARG B 76 22.19 -8.31 -14.15
CA ARG B 76 22.64 -7.62 -12.95
C ARG B 76 24.09 -7.91 -12.59
N TYR B 77 24.71 -8.96 -13.14
CA TYR B 77 26.06 -9.35 -12.76
C TYR B 77 27.01 -9.48 -13.94
N ARG B 78 26.59 -9.07 -15.14
CA ARG B 78 27.50 -8.91 -16.27
C ARG B 78 28.08 -10.26 -16.73
N GLY B 79 27.33 -11.33 -16.51
CA GLY B 79 27.66 -12.62 -17.09
C GLY B 79 28.77 -13.37 -16.41
N SER B 80 29.32 -12.88 -15.30
CA SER B 80 30.40 -13.54 -14.60
C SER B 80 29.83 -14.31 -13.41
N TYR B 81 30.01 -15.63 -13.41
CA TYR B 81 29.55 -16.44 -12.30
C TYR B 81 30.26 -16.07 -11.00
N TRP B 82 31.52 -15.64 -11.08
CA TRP B 82 32.24 -15.23 -9.89
C TRP B 82 31.58 -14.04 -9.20
N ARG B 83 31.09 -13.07 -9.97
CA ARG B 83 30.41 -11.94 -9.37
C ARG B 83 29.10 -12.33 -8.70
N THR B 84 28.34 -13.25 -9.31
CA THR B 84 27.12 -13.73 -8.65
C THR B 84 27.45 -14.45 -7.36
N VAL B 85 28.46 -15.33 -7.39
CA VAL B 85 28.84 -16.06 -6.19
C VAL B 85 29.33 -15.09 -5.11
N ARG B 86 30.08 -14.06 -5.51
CA ARG B 86 30.53 -13.06 -4.53
C ARG B 86 29.36 -12.30 -3.95
N ALA B 87 28.36 -11.96 -4.77
CA ALA B 87 27.19 -11.26 -4.26
C ALA B 87 26.42 -12.12 -3.27
N CYS B 88 26.35 -13.42 -3.52
CA CYS B 88 25.56 -14.30 -2.67
C CYS B 88 26.29 -14.81 -1.44
N LEU B 89 27.62 -14.87 -1.45
CA LEU B 89 28.38 -15.48 -0.36
C LEU B 89 29.58 -14.62 0.01
N GLY B 90 29.41 -13.30 -0.01
CA GLY B 90 30.51 -12.42 0.37
C GLY B 90 31.74 -12.69 -0.45
N CYS B 91 32.91 -12.60 0.18
CA CYS B 91 34.16 -12.87 -0.50
C CYS B 91 34.38 -14.36 -0.63
N PRO B 92 34.49 -14.91 -1.84
CA PRO B 92 34.62 -16.37 -1.96
C PRO B 92 35.80 -16.97 -1.21
N LEU B 93 36.95 -16.29 -1.20
CA LEU B 93 38.13 -16.87 -0.56
C LEU B 93 37.96 -16.94 0.96
N ARG B 94 37.54 -15.83 1.57
CA ARG B 94 37.35 -15.83 3.02
C ARG B 94 36.25 -16.80 3.43
N ARG B 95 35.14 -16.82 2.69
CA ARG B 95 34.07 -17.76 3.00
C ARG B 95 34.55 -19.19 2.87
N GLY B 96 35.32 -19.50 1.83
CA GLY B 96 35.84 -20.84 1.66
C GLY B 96 36.77 -21.24 2.79
N ALA B 97 37.64 -20.32 3.21
CA ALA B 97 38.55 -20.62 4.31
C ALA B 97 37.78 -20.91 5.59
N LEU B 98 36.82 -20.05 5.93
CA LEU B 98 36.03 -20.26 7.14
C LEU B 98 35.20 -21.54 7.04
N LEU B 99 34.71 -21.87 5.84
CA LEU B 99 33.96 -23.11 5.67
C LEU B 99 34.85 -24.33 5.89
N LEU B 100 36.06 -24.31 5.34
CA LEU B 100 36.98 -25.42 5.56
C LEU B 100 37.29 -25.58 7.04
N LEU B 101 37.57 -24.46 7.71
CA LEU B 101 37.87 -24.54 9.14
C LEU B 101 36.67 -25.09 9.91
N SER B 102 35.47 -24.62 9.56
CA SER B 102 34.27 -25.07 10.27
C SER B 102 34.05 -26.56 10.07
N ILE B 103 34.17 -27.04 8.83
CA ILE B 103 33.98 -28.46 8.57
C ILE B 103 35.00 -29.28 9.34
N TYR B 104 36.28 -28.85 9.32
CA TYR B 104 37.31 -29.61 10.00
C TYR B 104 37.02 -29.67 11.50
N PHE B 105 36.73 -28.54 12.12
CA PHE B 105 36.54 -28.52 13.57
C PHE B 105 35.22 -29.17 13.97
N TYR B 106 34.23 -29.22 13.08
CA TYR B 106 32.99 -29.91 13.37
C TYR B 106 33.17 -31.42 13.30
N TYR B 107 33.91 -31.90 12.30
CA TYR B 107 34.15 -33.32 12.16
C TYR B 107 35.19 -33.86 13.14
N SER B 108 36.03 -32.98 13.70
CA SER B 108 37.12 -33.42 14.57
C SER B 108 36.75 -33.35 16.05
N LEU B 109 36.17 -32.25 16.50
CA LEU B 109 35.90 -32.08 17.92
C LEU B 109 34.79 -33.04 18.38
N PRO B 110 34.78 -33.40 19.67
CA PRO B 110 33.73 -34.28 20.21
C PRO B 110 32.44 -33.53 20.50
N PRO B 116 26.83 -37.12 15.83
CA PRO B 116 27.37 -37.32 14.48
C PRO B 116 27.64 -36.00 13.78
N PHE B 117 28.00 -36.05 12.50
CA PHE B 117 28.22 -34.85 11.69
C PHE B 117 27.16 -34.68 10.62
N THR B 118 26.96 -35.69 9.76
CA THR B 118 25.97 -35.56 8.69
C THR B 118 24.59 -35.32 9.26
N TRP B 119 24.31 -35.87 10.45
CA TRP B 119 23.02 -35.61 11.09
C TRP B 119 22.88 -34.15 11.47
N MET B 120 23.94 -33.55 12.04
CA MET B 120 23.89 -32.15 12.38
C MET B 120 23.79 -31.28 11.13
N LEU B 121 24.47 -31.68 10.06
CA LEU B 121 24.37 -30.93 8.81
C LEU B 121 22.94 -30.97 8.27
N ALA B 122 22.29 -32.14 8.34
CA ALA B 122 20.92 -32.25 7.87
C ALA B 122 19.99 -31.38 8.72
N LEU B 123 20.19 -31.39 10.04
CA LEU B 123 19.36 -30.54 10.90
C LEU B 123 19.58 -29.06 10.60
N LEU B 124 20.83 -28.67 10.37
CA LEU B 124 21.12 -27.28 10.03
C LEU B 124 20.45 -26.89 8.72
N GLY B 125 20.51 -27.77 7.73
CA GLY B 125 19.82 -27.50 6.47
C GLY B 125 18.32 -27.38 6.66
N LEU B 126 17.74 -28.25 7.49
CA LEU B 126 16.31 -28.16 7.77
C LEU B 126 15.97 -26.82 8.40
N SER B 127 16.76 -26.39 9.38
CA SER B 127 16.50 -25.12 10.05
C SER B 127 16.62 -23.96 9.09
N GLN B 128 17.64 -23.96 8.23
CA GLN B 128 17.81 -22.86 7.28
C GLN B 128 16.69 -22.83 6.25
N ALA B 129 16.30 -23.99 5.72
CA ALA B 129 15.21 -24.04 4.76
C ALA B 129 13.90 -23.57 5.40
N LEU B 130 13.66 -23.96 6.64
CA LEU B 130 12.48 -23.49 7.34
C LEU B 130 12.52 -21.98 7.57
N ASN B 131 13.68 -21.42 7.89
CA ASN B 131 13.79 -19.98 8.04
C ASN B 131 13.49 -19.26 6.73
N ILE B 132 14.00 -19.78 5.61
CA ILE B 132 13.77 -19.12 4.32
C ILE B 132 12.30 -19.23 3.93
N LEU B 133 11.73 -20.43 4.00
CA LEU B 133 10.39 -20.65 3.49
C LEU B 133 9.35 -19.91 4.32
N LEU B 134 9.52 -19.86 5.63
CA LEU B 134 8.59 -19.16 6.51
C LEU B 134 8.80 -17.65 6.50
N GLY B 135 9.80 -17.16 5.78
CA GLY B 135 10.03 -15.73 5.72
C GLY B 135 10.43 -15.11 7.03
N LEU B 136 11.33 -15.78 7.77
CA LEU B 136 11.84 -15.26 9.03
C LEU B 136 13.19 -14.57 8.88
N LYS B 137 13.62 -14.33 7.64
CA LYS B 137 14.90 -13.68 7.37
C LYS B 137 14.81 -12.15 7.45
N GLY B 138 13.62 -11.60 7.68
CA GLY B 138 13.49 -10.16 7.73
C GLY B 138 14.31 -9.56 8.85
N LEU B 139 14.85 -8.37 8.58
CA LEU B 139 15.63 -7.62 9.55
C LEU B 139 14.73 -6.67 10.32
N ALA B 140 15.14 -6.34 11.54
CA ALA B 140 14.37 -5.42 12.35
C ALA B 140 14.38 -4.04 11.71
N PRO B 141 13.34 -3.23 11.95
CA PRO B 141 13.31 -1.90 11.32
C PRO B 141 14.55 -1.07 11.59
N ALA B 142 15.07 -1.12 12.81
CA ALA B 142 16.28 -0.36 13.15
C ALA B 142 17.49 -0.82 12.36
N GLU B 143 17.68 -2.13 12.19
CA GLU B 143 18.81 -2.63 11.42
C GLU B 143 18.71 -2.25 9.95
N ILE B 144 17.51 -2.33 9.37
CA ILE B 144 17.33 -1.90 7.99
C ILE B 144 17.63 -0.41 7.85
N SER B 145 17.13 0.39 8.79
CA SER B 145 17.40 1.82 8.74
C SER B 145 18.89 2.10 8.85
N ALA B 146 19.59 1.40 9.74
CA ALA B 146 21.03 1.60 9.89
C ALA B 146 21.77 1.23 8.62
N VAL B 147 21.42 0.09 8.02
CA VAL B 147 22.07 -0.33 6.80
C VAL B 147 21.84 0.69 5.69
N CYS B 148 20.60 1.17 5.55
CA CYS B 148 20.28 2.10 4.48
C CYS B 148 20.99 3.44 4.68
N GLU B 149 21.03 3.93 5.92
CA GLU B 149 21.66 5.21 6.21
C GLU B 149 23.18 5.13 6.21
N LYS B 150 23.76 3.93 6.32
CA LYS B 150 25.20 3.80 6.19
C LYS B 150 25.62 3.62 4.74
N GLY B 151 24.85 2.85 3.97
CA GLY B 151 25.13 2.63 2.57
C GLY B 151 24.48 3.63 1.63
N ASN B 152 23.81 4.65 2.16
CA ASN B 152 23.14 5.66 1.35
C ASN B 152 22.12 5.02 0.41
N PHE B 153 21.16 4.32 1.02
CA PHE B 153 20.10 3.63 0.30
C PHE B 153 18.74 4.27 0.57
N ASN B 154 18.69 5.60 0.55
CA ASN B 154 17.46 6.33 0.79
C ASN B 154 17.01 7.05 -0.47
N VAL B 155 15.72 7.36 -0.50
CA VAL B 155 15.19 8.20 -1.57
C VAL B 155 15.53 9.68 -1.33
N ALA B 156 15.70 10.07 -0.06
CA ALA B 156 16.04 11.44 0.29
C ALA B 156 17.51 11.76 0.07
N HIS B 157 18.32 10.78 -0.32
CA HIS B 157 19.72 10.99 -0.67
C HIS B 157 19.89 11.42 -2.12
N GLY B 158 19.35 10.63 -3.05
CA GLY B 158 19.30 11.02 -4.44
C GLY B 158 18.52 12.28 -4.71
N LEU B 159 17.44 12.52 -3.96
CA LEU B 159 16.69 13.75 -4.11
C LEU B 159 17.49 14.97 -3.68
N ALA B 160 18.20 14.87 -2.55
CA ALA B 160 19.06 15.98 -2.12
C ALA B 160 20.18 16.22 -3.12
N TRP B 161 20.79 15.16 -3.65
CA TRP B 161 21.88 15.32 -4.60
C TRP B 161 21.40 15.76 -5.98
N SER B 162 20.12 15.55 -6.31
CA SER B 162 19.54 16.14 -7.50
C SER B 162 19.21 17.62 -7.29
N TYR B 163 18.72 17.97 -6.09
CA TYR B 163 18.47 19.37 -5.79
C TYR B 163 19.74 20.18 -5.83
N TYR B 164 20.83 19.67 -5.24
CA TYR B 164 22.09 20.39 -5.31
C TYR B 164 22.65 20.40 -6.72
N ILE B 165 22.85 19.21 -7.29
CA ILE B 165 23.36 19.09 -8.66
C ILE B 165 22.16 19.23 -9.59
N GLY B 166 21.94 20.44 -10.07
CA GLY B 166 20.86 20.69 -11.02
C GLY B 166 20.12 21.98 -10.78
N TYR B 167 19.97 22.39 -9.52
CA TYR B 167 19.40 23.70 -9.20
C TYR B 167 20.37 24.60 -8.45
N LEU B 168 20.84 24.18 -7.27
CA LEU B 168 21.62 25.09 -6.43
C LEU B 168 23.00 25.34 -7.02
N ARG B 169 23.67 24.28 -7.47
CA ARG B 169 24.99 24.41 -8.06
C ARG B 169 24.96 25.30 -9.31
N LEU B 170 23.79 25.48 -9.92
CA LEU B 170 23.65 26.26 -11.14
C LEU B 170 23.02 27.62 -10.91
N ILE B 171 22.48 27.88 -9.72
CA ILE B 171 21.77 29.11 -9.43
C ILE B 171 22.53 29.99 -8.44
N LEU B 172 23.11 29.38 -7.40
CA LEU B 172 23.73 30.16 -6.34
C LEU B 172 24.83 31.08 -6.84
N PRO B 173 25.73 30.66 -7.75
CA PRO B 173 26.80 31.57 -8.18
C PRO B 173 26.29 32.88 -8.78
N GLU B 174 25.23 32.83 -9.58
CA GLU B 174 24.74 34.01 -10.30
C GLU B 174 23.66 34.77 -9.56
N LEU B 175 23.27 34.29 -8.37
CA LEU B 175 22.24 34.98 -7.61
C LEU B 175 22.70 36.38 -7.21
N GLN B 176 23.98 36.52 -6.84
CA GLN B 176 24.49 37.83 -6.49
C GLN B 176 24.36 38.81 -7.66
N ALA B 177 24.73 38.37 -8.86
CA ALA B 177 24.64 39.24 -10.02
C ALA B 177 23.19 39.60 -10.33
N ARG B 178 22.29 38.62 -10.28
CA ARG B 178 20.89 38.91 -10.57
C ARG B 178 20.31 39.88 -9.56
N ILE B 179 20.62 39.70 -8.27
CA ILE B 179 20.11 40.60 -7.24
C ILE B 179 20.72 41.99 -7.42
N ARG B 180 21.99 42.06 -7.81
CA ARG B 180 22.59 43.36 -8.07
C ARG B 180 21.87 44.08 -9.20
N THR B 181 21.57 43.36 -10.29
CA THR B 181 20.86 43.97 -11.40
C THR B 181 19.48 44.46 -10.97
N TYR B 182 18.76 43.63 -10.22
CA TYR B 182 17.43 44.05 -9.76
C TYR B 182 17.52 45.27 -8.85
N ASN B 183 18.50 45.29 -7.95
CA ASN B 183 18.64 46.42 -7.04
C ASN B 183 18.95 47.70 -7.82
N GLN B 184 19.82 47.60 -8.84
CA GLN B 184 20.10 48.77 -9.66
C GLN B 184 18.84 49.23 -10.39
N HIS B 185 18.05 48.29 -10.91
CA HIS B 185 16.82 48.64 -11.61
C HIS B 185 15.76 49.19 -10.67
N TYR B 186 15.96 49.09 -9.36
CA TYR B 186 14.99 49.60 -8.39
C TYR B 186 15.58 49.58 -6.99
N GLY B 192 13.60 48.83 -3.55
CA GLY B 192 13.97 47.43 -3.46
C GLY B 192 15.34 47.23 -2.84
N ALA B 193 15.36 46.49 -1.73
CA ALA B 193 16.59 46.18 -1.00
C ALA B 193 16.62 44.70 -0.63
N VAL B 194 16.35 43.85 -1.61
CA VAL B 194 16.31 42.41 -1.37
C VAL B 194 17.62 41.97 -0.71
N SER B 195 17.50 41.12 0.31
CA SER B 195 18.67 40.59 0.97
C SER B 195 19.43 39.66 0.03
N GLN B 196 20.76 39.73 0.08
CA GLN B 196 21.62 39.00 -0.85
C GLN B 196 21.76 37.55 -0.37
N ARG B 197 20.66 36.82 -0.45
CA ARG B 197 20.66 35.41 -0.08
C ARG B 197 19.34 34.77 -0.48
N LEU B 198 19.41 33.52 -0.92
CA LEU B 198 18.22 32.76 -1.30
C LEU B 198 17.76 31.92 -0.11
N TYR B 199 16.52 32.15 0.31
CA TYR B 199 15.96 31.48 1.48
C TYR B 199 15.10 30.31 0.99
N ILE B 200 15.45 29.10 1.43
CA ILE B 200 14.76 27.89 1.02
C ILE B 200 14.01 27.35 2.25
N LEU B 201 12.69 27.28 2.15
CA LEU B 201 11.88 26.75 3.22
C LEU B 201 11.77 25.24 3.09
N LEU B 202 11.87 24.55 4.24
CA LEU B 202 11.91 23.09 4.29
C LEU B 202 10.80 22.62 5.23
N PRO B 203 9.56 22.52 4.75
CA PRO B 203 8.49 22.01 5.60
C PRO B 203 8.65 20.53 5.88
N LEU B 204 8.90 20.17 7.15
CA LEU B 204 9.10 18.77 7.49
C LEU B 204 7.86 17.92 7.27
N ASP B 205 6.68 18.55 7.15
CA ASP B 205 5.46 17.83 6.85
C ASP B 205 5.19 17.76 5.34
N CYS B 206 6.05 18.35 4.52
CA CYS B 206 5.95 18.26 3.07
C CYS B 206 4.67 18.92 2.53
N GLY B 207 4.26 20.02 3.16
CA GLY B 207 3.10 20.75 2.69
C GLY B 207 3.33 21.41 1.35
N VAL B 208 4.22 22.41 1.32
CA VAL B 208 4.69 23.07 0.10
C VAL B 208 3.52 23.36 -0.85
N PRO B 209 2.68 24.34 -0.54
CA PRO B 209 1.66 24.78 -1.51
C PRO B 209 2.30 25.51 -2.68
N ASP B 210 1.49 25.72 -3.73
CA ASP B 210 2.00 26.29 -4.97
C ASP B 210 2.15 27.80 -4.93
N ASN B 211 1.60 28.48 -3.92
CA ASN B 211 1.82 29.91 -3.74
C ASN B 211 1.98 30.19 -2.25
N LEU B 212 3.01 30.97 -1.91
CA LEU B 212 3.30 31.23 -0.51
C LEU B 212 2.18 32.03 0.15
N SER B 213 1.55 32.93 -0.60
CA SER B 213 0.50 33.76 -0.01
C SER B 213 -0.59 32.92 0.62
N MET B 214 -0.93 31.78 0.00
CA MET B 214 -1.92 30.89 0.60
C MET B 214 -1.40 30.31 1.92
N ALA B 215 -0.12 29.94 1.96
CA ALA B 215 0.43 29.39 3.19
C ALA B 215 0.35 30.41 4.32
N ASP B 216 0.67 31.67 4.03
CA ASP B 216 0.54 32.75 4.99
C ASP B 216 0.06 34.00 4.26
N PRO B 217 -1.08 34.59 4.65
CA PRO B 217 -1.50 35.84 4.01
C PRO B 217 -0.58 37.01 4.32
N ASN B 218 0.38 36.84 5.22
CA ASN B 218 1.36 37.85 5.56
C ASN B 218 2.54 37.88 4.59
N ILE B 219 2.56 36.99 3.60
CA ILE B 219 3.64 36.89 2.62
C ILE B 219 3.06 37.33 1.28
N ARG B 220 3.56 38.42 0.74
CA ARG B 220 3.07 38.99 -0.51
C ARG B 220 4.17 39.04 -1.55
N PHE B 221 3.76 38.95 -2.81
CA PHE B 221 4.69 38.95 -3.94
C PHE B 221 5.00 40.38 -4.38
N LEU B 222 6.21 40.58 -4.88
CA LEU B 222 6.63 41.87 -5.41
C LEU B 222 6.91 41.82 -6.91
N ASP B 223 7.84 40.97 -7.35
CA ASP B 223 8.28 40.96 -8.74
C ASP B 223 9.28 39.83 -8.89
N LYS B 224 9.54 39.45 -10.13
CA LYS B 224 10.51 38.40 -10.43
C LYS B 224 11.90 38.98 -10.61
N LEU B 225 12.89 38.09 -10.63
CA LEU B 225 14.27 38.46 -10.86
C LEU B 225 14.62 38.31 -12.33
N PRO B 226 15.68 38.97 -12.80
CA PRO B 226 16.13 38.75 -14.18
C PRO B 226 16.41 37.27 -14.42
N GLN B 227 15.65 36.68 -15.34
CA GLN B 227 15.74 35.25 -15.59
C GLN B 227 17.17 34.82 -15.88
N GLN B 228 17.46 33.54 -15.63
CA GLN B 228 18.76 32.94 -15.94
C GLN B 228 18.54 31.81 -16.92
N THR B 229 19.36 31.76 -17.96
CA THR B 229 19.17 30.83 -19.07
C THR B 229 20.40 29.96 -19.22
N GLY B 230 20.19 28.70 -19.58
CA GLY B 230 21.28 27.77 -19.80
C GLY B 230 20.82 26.60 -20.64
N ASP B 231 21.81 25.84 -21.10
CA ASP B 231 21.58 24.63 -21.89
C ASP B 231 21.78 23.42 -20.98
N ARG B 232 20.77 22.56 -20.90
CA ARG B 232 20.77 21.46 -19.94
C ARG B 232 20.16 20.22 -20.57
N ALA B 233 20.97 19.16 -20.67
CA ALA B 233 20.50 17.82 -21.02
C ALA B 233 19.64 17.84 -22.29
N GLY B 234 20.15 18.53 -23.31
CA GLY B 234 19.54 18.51 -24.61
C GLY B 234 18.52 19.61 -24.86
N ILE B 235 18.00 20.23 -23.81
CA ILE B 235 17.04 21.31 -23.97
C ILE B 235 17.79 22.63 -24.08
N LYS B 236 17.51 23.39 -25.13
CA LYS B 236 18.16 24.67 -25.35
C LYS B 236 17.39 25.78 -24.65
N ASP B 237 18.15 26.72 -24.08
CA ASP B 237 17.56 27.89 -23.42
C ASP B 237 16.60 27.48 -22.31
N ARG B 238 16.96 26.44 -21.55
CA ARG B 238 16.25 26.15 -20.31
C ARG B 238 16.55 27.26 -19.31
N VAL B 239 15.51 27.81 -18.69
CA VAL B 239 15.64 29.01 -17.88
C VAL B 239 15.17 28.73 -16.47
N TYR B 240 15.76 29.45 -15.52
CA TYR B 240 15.41 29.36 -14.11
C TYR B 240 14.95 30.73 -13.64
N SER B 241 13.81 30.76 -12.95
CA SER B 241 13.21 32.01 -12.48
C SER B 241 13.07 31.96 -10.98
N ASN B 242 13.34 33.10 -10.34
CA ASN B 242 13.18 33.26 -8.90
C ASN B 242 12.27 34.44 -8.62
N SER B 243 11.39 34.28 -7.64
CA SER B 243 10.36 35.27 -7.34
C SER B 243 10.70 35.98 -6.03
N ILE B 244 10.76 37.30 -6.08
CA ILE B 244 10.95 38.10 -4.88
C ILE B 244 9.62 38.19 -4.13
N TYR B 245 9.69 38.16 -2.81
CA TYR B 245 8.50 38.22 -1.96
C TYR B 245 8.68 39.31 -0.93
N GLU B 246 7.56 39.67 -0.29
CA GLU B 246 7.52 40.75 0.68
C GLU B 246 7.06 40.20 2.02
N LEU B 247 7.78 40.53 3.09
CA LEU B 247 7.47 40.06 4.44
C LEU B 247 6.79 41.21 5.17
N LEU B 248 5.47 41.12 5.32
CA LEU B 248 4.75 42.15 6.04
C LEU B 248 4.76 41.87 7.54
N GLU B 249 4.41 42.89 8.32
CA GLU B 249 4.30 42.75 9.77
C GLU B 249 3.38 43.85 10.27
N ASN B 250 2.20 43.47 10.75
CA ASN B 250 1.15 44.43 11.09
C ASN B 250 0.71 45.22 9.86
N GLY B 251 0.86 44.62 8.68
CA GLY B 251 0.51 45.27 7.44
C GLY B 251 1.63 46.07 6.81
N GLN B 252 2.78 46.20 7.46
CA GLN B 252 3.89 46.98 6.97
C GLN B 252 5.02 46.05 6.52
N ARG B 253 5.75 46.48 5.50
CA ARG B 253 6.83 45.68 4.92
C ARG B 253 7.96 45.60 5.93
N ALA B 254 8.08 44.44 6.60
CA ALA B 254 9.19 44.22 7.52
C ALA B 254 10.48 43.89 6.78
N GLY B 255 10.37 43.17 5.66
CA GLY B 255 11.55 42.80 4.90
C GLY B 255 11.15 42.21 3.56
N THR B 256 12.17 42.05 2.71
CA THR B 256 11.99 41.47 1.38
C THR B 256 13.12 40.48 1.11
N CYS B 257 12.78 39.37 0.49
CA CYS B 257 13.76 38.32 0.22
C CYS B 257 13.25 37.45 -0.92
N VAL B 258 14.15 36.62 -1.44
CA VAL B 258 13.81 35.68 -2.51
C VAL B 258 13.43 34.37 -1.84
N LEU B 259 12.16 34.25 -1.48
CA LEU B 259 11.66 33.04 -0.83
C LEU B 259 11.42 31.94 -1.86
N GLU B 260 11.41 30.70 -1.39
CA GLU B 260 11.20 29.57 -2.28
C GLU B 260 11.07 28.30 -1.46
N TYR B 261 10.20 27.39 -1.89
CA TYR B 261 10.08 26.08 -1.28
C TYR B 261 11.06 25.11 -1.92
N ALA B 262 11.48 24.12 -1.13
CA ALA B 262 12.30 23.03 -1.64
C ALA B 262 11.38 22.05 -2.37
N THR B 263 11.49 22.01 -3.70
CA THR B 263 10.54 21.23 -4.48
C THR B 263 10.63 19.73 -4.26
N PRO B 264 11.77 19.13 -3.89
CA PRO B 264 11.78 17.68 -3.66
C PRO B 264 10.79 17.23 -2.60
N LEU B 265 10.41 18.11 -1.67
CA LEU B 265 9.40 17.74 -0.69
C LEU B 265 8.04 17.53 -1.35
N GLN B 266 7.75 18.26 -2.43
CA GLN B 266 6.55 17.98 -3.21
C GLN B 266 6.58 16.56 -3.75
N THR B 267 7.73 16.14 -4.27
CA THR B 267 7.86 14.77 -4.77
C THR B 267 7.67 13.77 -3.65
N LEU B 268 8.23 14.04 -2.47
CA LEU B 268 8.04 13.14 -1.34
C LEU B 268 6.56 13.01 -0.99
N PHE B 269 5.86 14.13 -0.93
CA PHE B 269 4.43 14.09 -0.61
C PHE B 269 3.66 13.30 -1.66
N ALA B 270 3.84 13.64 -2.93
CA ALA B 270 3.12 12.95 -3.99
C ALA B 270 3.45 11.46 -4.02
N MET B 271 4.70 11.10 -3.74
CA MET B 271 5.05 9.69 -3.63
C MET B 271 4.28 9.02 -2.50
N SER B 272 4.19 9.70 -1.35
CA SER B 272 3.43 9.15 -0.24
C SER B 272 1.95 9.02 -0.58
N GLN B 273 1.46 9.79 -1.54
CA GLN B 273 0.04 9.76 -1.88
C GLN B 273 -0.32 8.77 -2.98
N TYR B 274 0.66 8.07 -3.56
CA TYR B 274 0.40 7.10 -4.61
C TYR B 274 0.61 5.68 -4.08
N SER B 275 -0.36 4.80 -4.34
CA SER B 275 -0.23 3.42 -3.93
C SER B 275 0.89 2.72 -4.69
N GLN B 276 1.07 3.05 -5.97
CA GLN B 276 2.12 2.43 -6.77
C GLN B 276 3.51 2.77 -6.27
N ALA B 277 3.67 3.92 -5.63
CA ALA B 277 5.00 4.33 -5.16
C ALA B 277 5.53 3.38 -4.09
N GLY B 278 4.64 2.73 -3.35
CA GLY B 278 5.08 1.92 -2.24
C GLY B 278 5.64 2.73 -1.09
N PHE B 279 5.26 4.00 -1.01
CA PHE B 279 5.82 4.93 -0.04
C PHE B 279 4.78 5.25 1.02
N SER B 280 5.15 5.14 2.28
CA SER B 280 4.23 5.36 3.39
C SER B 280 4.32 6.82 3.85
N ARG B 281 3.68 7.13 4.97
CA ARG B 281 3.72 8.47 5.54
C ARG B 281 4.78 8.62 6.63
N GLU B 282 4.97 7.60 7.47
CA GLU B 282 6.13 7.60 8.34
C GLU B 282 7.41 7.60 7.51
N ASP B 283 7.42 6.82 6.43
CA ASP B 283 8.50 6.91 5.46
C ASP B 283 8.66 8.35 4.96
N ARG B 284 7.54 9.03 4.71
CA ARG B 284 7.62 10.40 4.22
C ARG B 284 8.32 11.31 5.22
N LEU B 285 7.92 11.23 6.49
CA LEU B 285 8.54 12.09 7.49
C LEU B 285 10.02 11.78 7.66
N GLU B 286 10.37 10.49 7.71
CA GLU B 286 11.76 10.11 7.88
C GLU B 286 12.61 10.59 6.70
N GLN B 287 12.10 10.40 5.47
CA GLN B 287 12.84 10.83 4.29
C GLN B 287 12.93 12.35 4.21
N ALA B 288 11.91 13.07 4.67
CA ALA B 288 11.99 14.53 4.68
C ALA B 288 13.10 15.00 5.62
N LYS B 289 13.14 14.41 6.83
CA LYS B 289 14.22 14.77 7.76
C LYS B 289 15.59 14.43 7.17
N LEU B 290 15.70 13.26 6.54
CA LEU B 290 16.98 12.86 5.95
C LEU B 290 17.37 13.80 4.82
N PHE B 291 16.40 14.22 4.01
CA PHE B 291 16.69 15.16 2.93
C PHE B 291 17.20 16.48 3.49
N CYS B 292 16.57 16.98 4.55
CA CYS B 292 17.05 18.21 5.17
C CYS B 292 18.50 18.04 5.64
N ARG B 293 18.78 16.93 6.32
CA ARG B 293 20.14 16.73 6.83
C ARG B 293 21.15 16.64 5.69
N THR B 294 20.82 15.88 4.64
CA THR B 294 21.76 15.71 3.53
C THR B 294 22.01 17.02 2.82
N LEU B 295 20.97 17.81 2.58
CA LEU B 295 21.15 19.10 1.95
C LEU B 295 22.01 20.01 2.81
N GLU B 296 21.76 20.00 4.13
CA GLU B 296 22.58 20.82 5.02
C GLU B 296 24.05 20.43 4.90
N ASP B 297 24.34 19.14 4.91
CA ASP B 297 25.73 18.69 4.80
C ASP B 297 26.35 19.11 3.47
N ILE B 298 25.61 18.90 2.37
CA ILE B 298 26.15 19.23 1.06
C ILE B 298 26.47 20.71 0.97
N LEU B 299 25.55 21.57 1.43
CA LEU B 299 25.78 23.01 1.36
C LEU B 299 26.82 23.47 2.36
N ALA B 300 27.03 22.73 3.44
CA ALA B 300 28.09 23.07 4.38
C ALA B 300 29.47 22.68 3.85
N ASP B 301 29.54 21.71 2.94
CA ASP B 301 30.83 21.31 2.38
C ASP B 301 30.73 21.56 0.88
N ALA B 302 30.40 22.77 0.49
CA ALA B 302 30.35 23.18 -0.91
C ALA B 302 31.00 24.54 -1.07
N PRO B 303 31.61 24.82 -2.24
CA PRO B 303 32.19 26.15 -2.46
C PRO B 303 31.16 27.19 -2.89
N GLU B 304 30.12 26.75 -3.60
CA GLU B 304 29.14 27.68 -4.12
C GLU B 304 28.45 28.44 -2.99
N SER B 305 28.10 27.75 -1.91
CA SER B 305 27.37 28.38 -0.81
C SER B 305 28.28 29.30 0.00
N GLN B 306 28.71 30.40 -0.61
CA GLN B 306 29.46 31.44 0.11
C GLN B 306 28.48 32.39 0.79
N ASN B 307 27.70 31.83 1.73
CA ASN B 307 26.63 32.56 2.38
C ASN B 307 25.57 33.00 1.38
N ASN B 308 25.34 32.20 0.36
CA ASN B 308 24.36 32.51 -0.68
C ASN B 308 22.97 31.97 -0.38
N CYS B 309 22.82 31.13 0.64
CA CYS B 309 21.53 30.55 0.94
C CYS B 309 21.42 30.29 2.44
N ARG B 310 20.18 30.21 2.92
CA ARG B 310 19.89 30.00 4.34
C ARG B 310 18.71 29.03 4.42
N LEU B 311 19.01 27.74 4.58
CA LEU B 311 17.96 26.75 4.73
C LEU B 311 17.13 27.06 5.97
N ILE B 312 15.81 27.00 5.81
CA ILE B 312 14.88 27.21 6.91
C ILE B 312 14.00 25.97 7.00
N ALA B 313 14.00 25.35 8.18
CA ALA B 313 13.17 24.18 8.45
C ALA B 313 12.19 24.50 9.55
N TYR B 314 10.99 23.92 9.46
CA TYR B 314 9.95 24.19 10.44
C TYR B 314 8.96 23.04 10.45
N GLN B 315 8.24 22.92 11.56
CA GLN B 315 7.19 21.94 11.74
C GLN B 315 5.94 22.63 12.26
N GLU B 316 4.78 22.14 11.84
CA GLU B 316 3.54 22.74 12.29
C GLU B 316 3.37 22.50 13.80
N PRO B 317 2.67 23.41 14.50
CA PRO B 317 2.52 23.28 15.95
C PRO B 317 1.52 22.19 16.34
N SER B 322 -1.16 29.33 15.58
CA SER B 322 -0.11 29.12 16.56
C SER B 322 1.27 29.30 15.93
N PHE B 323 1.35 29.10 14.62
CA PHE B 323 2.58 29.24 13.86
C PHE B 323 2.35 30.18 12.68
N SER B 324 3.32 31.05 12.42
CA SER B 324 3.27 31.98 11.31
C SER B 324 4.58 31.87 10.53
N LEU B 325 4.49 31.50 9.26
CA LEU B 325 5.68 31.34 8.44
C LEU B 325 6.41 32.66 8.28
N SER B 326 5.67 33.76 8.12
CA SER B 326 6.29 35.06 7.94
C SER B 326 7.19 35.41 9.11
N GLN B 327 6.76 35.12 10.33
CA GLN B 327 7.60 35.39 11.49
C GLN B 327 8.85 34.54 11.47
N GLU B 328 8.74 33.28 11.04
CA GLU B 328 9.92 32.43 10.94
C GLU B 328 10.95 33.02 9.98
N VAL B 329 10.50 33.40 8.78
CA VAL B 329 11.42 33.96 7.79
C VAL B 329 11.99 35.27 8.29
N LEU B 330 11.16 36.10 8.95
CA LEU B 330 11.64 37.37 9.46
C LEU B 330 12.70 37.16 10.53
N ARG B 331 12.49 36.20 11.43
CA ARG B 331 13.48 35.92 12.46
C ARG B 331 14.79 35.45 11.84
N HIS B 332 14.71 34.58 10.83
CA HIS B 332 15.93 34.16 10.15
C HIS B 332 16.61 35.31 9.43
N LEU B 333 15.83 36.29 8.96
CA LEU B 333 16.41 37.43 8.26
C LEU B 333 17.06 38.44 9.21
N ARG B 334 16.52 38.59 10.41
CA ARG B 334 17.01 39.60 11.33
C ARG B 334 18.41 39.31 11.84
N GLN B 335 18.93 38.11 11.60
CA GLN B 335 20.27 37.76 12.06
C GLN B 335 21.32 38.54 11.27
N SER C 4 -12.69 9.04 17.53
CA SER C 4 -13.14 10.04 16.57
C SER C 4 -13.82 11.21 17.28
N SER C 5 -13.42 12.42 16.90
CA SER C 5 -14.04 13.62 17.47
C SER C 5 -15.42 13.90 16.90
N LEU C 6 -15.82 13.20 15.83
CA LEU C 6 -17.14 13.41 15.26
C LEU C 6 -18.23 13.15 16.28
N HIS C 7 -18.35 11.91 16.73
CA HIS C 7 -19.37 11.51 17.69
C HIS C 7 -18.79 10.45 18.61
N PRO C 8 -19.21 10.42 19.88
CA PRO C 8 -18.69 9.38 20.79
C PRO C 8 -19.02 7.97 20.37
N SER C 9 -20.03 7.78 19.52
CA SER C 9 -20.51 6.45 19.16
C SER C 9 -19.81 5.87 17.94
N ILE C 10 -18.83 6.57 17.37
CA ILE C 10 -18.10 6.04 16.23
C ILE C 10 -17.04 5.08 16.75
N PRO C 11 -17.07 3.79 16.38
CA PRO C 11 -16.06 2.86 16.90
C PRO C 11 -14.66 3.25 16.45
N CYS C 12 -13.70 3.11 17.36
CA CYS C 12 -12.30 3.28 17.02
C CYS C 12 -11.78 2.00 16.39
N PRO C 13 -10.68 2.08 15.63
CA PRO C 13 -10.13 0.87 15.00
C PRO C 13 -9.68 -0.13 16.04
N ARG C 14 -9.78 -1.41 15.68
CA ARG C 14 -9.38 -2.48 16.58
C ARG C 14 -7.88 -2.45 16.84
N GLY C 15 -7.50 -2.68 18.09
CA GLY C 15 -6.10 -2.64 18.47
C GLY C 15 -5.46 -4.02 18.51
N HIS C 16 -4.72 -4.30 19.59
CA HIS C 16 -4.01 -5.55 19.77
C HIS C 16 -4.39 -6.22 21.08
N GLY C 17 -5.66 -6.10 21.48
CA GLY C 17 -6.10 -6.76 22.70
C GLY C 17 -6.05 -8.27 22.60
N ALA C 18 -6.39 -8.80 21.42
CA ALA C 18 -6.35 -10.24 21.23
C ALA C 18 -4.94 -10.78 21.43
N GLN C 19 -3.93 -10.06 20.92
CA GLN C 19 -2.55 -10.50 21.09
C GLN C 19 -2.13 -10.49 22.55
N LYS C 20 -2.53 -9.45 23.31
CA LYS C 20 -2.19 -9.42 24.73
C LYS C 20 -2.85 -10.57 25.47
N ALA C 21 -4.13 -10.83 25.17
CA ALA C 21 -4.80 -11.96 25.80
C ALA C 21 -4.12 -13.27 25.44
N ALA C 22 -3.68 -13.40 24.18
CA ALA C 22 -2.97 -14.62 23.78
C ALA C 22 -1.66 -14.77 24.53
N LEU C 23 -0.94 -13.67 24.75
CA LEU C 23 0.30 -13.74 25.51
C LEU C 23 0.04 -14.17 26.95
N VAL C 24 -1.01 -13.62 27.56
CA VAL C 24 -1.35 -14.02 28.93
C VAL C 24 -1.72 -15.50 28.96
N LEU C 25 -2.49 -15.95 27.97
CA LEU C 25 -2.86 -17.36 27.90
C LEU C 25 -1.63 -18.24 27.75
N LEU C 26 -0.67 -17.84 26.91
CA LEU C 26 0.54 -18.61 26.74
C LEU C 26 1.34 -18.69 28.03
N SER C 27 1.45 -17.58 28.75
CA SER C 27 2.16 -17.59 30.03
C SER C 27 1.48 -18.52 31.02
N ALA C 28 0.14 -18.44 31.12
CA ALA C 28 -0.58 -19.30 32.05
C ALA C 28 -0.41 -20.77 31.68
N CYS C 29 -0.47 -21.08 30.39
CA CYS C 29 -0.34 -22.47 29.95
C CYS C 29 1.07 -23.00 30.23
N LEU C 30 2.10 -22.18 30.00
CA LEU C 30 3.46 -22.61 30.32
C LEU C 30 3.62 -22.85 31.81
N VAL C 31 3.04 -21.96 32.64
CA VAL C 31 3.11 -22.16 34.08
C VAL C 31 2.41 -23.45 34.47
N THR C 32 1.26 -23.73 33.84
CA THR C 32 0.53 -24.96 34.15
C THR C 32 1.34 -26.19 33.75
N LEU C 33 1.98 -26.15 32.59
CA LEU C 33 2.84 -27.26 32.19
C LEU C 33 3.98 -27.46 33.16
N TRP C 34 4.58 -26.36 33.63
CA TRP C 34 5.65 -26.47 34.61
C TRP C 34 5.14 -27.10 35.91
N GLY C 35 3.97 -26.67 36.37
CA GLY C 35 3.43 -27.20 37.61
C GLY C 35 3.06 -28.67 37.50
N LEU C 36 2.47 -29.07 36.38
CA LEU C 36 2.04 -30.46 36.23
C LEU C 36 3.23 -31.41 36.33
N GLY C 37 4.38 -31.01 35.80
CA GLY C 37 5.58 -31.82 35.93
C GLY C 37 5.65 -33.01 35.00
N GLU C 38 4.92 -33.00 33.90
CA GLU C 38 4.99 -34.08 32.93
C GLU C 38 6.27 -33.95 32.09
N PRO C 39 6.72 -35.04 31.48
CA PRO C 39 7.96 -35.00 30.70
C PRO C 39 7.89 -33.93 29.62
N PRO C 40 8.84 -32.99 29.57
CA PRO C 40 8.79 -31.94 28.54
C PRO C 40 8.86 -32.49 27.13
N GLU C 41 9.58 -33.59 26.91
CA GLU C 41 9.63 -34.19 25.59
C GLU C 41 8.23 -34.55 25.11
N HIS C 42 7.41 -35.08 26.00
CA HIS C 42 6.03 -35.40 25.64
C HIS C 42 5.26 -34.14 25.26
N THR C 43 5.46 -33.05 26.02
CA THR C 43 4.81 -31.79 25.69
C THR C 43 5.16 -31.36 24.27
N LEU C 44 6.45 -31.36 23.94
CA LEU C 44 6.86 -30.93 22.61
C LEU C 44 6.30 -31.86 21.54
N ARG C 45 6.36 -33.17 21.80
CA ARG C 45 5.87 -34.14 20.82
C ARG C 45 4.39 -33.91 20.51
N TYR C 46 3.58 -33.77 21.55
CA TYR C 46 2.15 -33.61 21.35
C TYR C 46 1.79 -32.26 20.75
N LEU C 47 2.51 -31.20 21.12
CA LEU C 47 2.28 -29.90 20.47
C LEU C 47 2.56 -29.99 18.98
N VAL C 48 3.69 -30.60 18.61
CA VAL C 48 4.04 -30.69 17.20
C VAL C 48 3.05 -31.56 16.45
N LEU C 49 2.58 -32.65 17.08
CA LEU C 49 1.59 -33.51 16.42
C LEU C 49 0.27 -32.78 16.24
N HIS C 50 -0.14 -31.98 17.22
CA HIS C 50 -1.36 -31.19 17.08
C HIS C 50 -1.24 -30.22 15.91
N LEU C 51 -0.11 -29.51 15.81
CA LEU C 51 0.07 -28.58 14.71
C LEU C 51 0.10 -29.31 13.38
N ALA C 52 0.70 -30.50 13.34
CA ALA C 52 0.70 -31.30 12.11
C ALA C 52 -0.72 -31.67 11.70
N SER C 53 -1.54 -32.08 12.67
CA SER C 53 -2.93 -32.39 12.36
C SER C 53 -3.66 -31.18 11.81
N LEU C 54 -3.41 -29.99 12.40
CA LEU C 54 -4.03 -28.78 11.87
C LEU C 54 -3.60 -28.51 10.43
N GLN C 55 -2.32 -28.69 10.14
CA GLN C 55 -1.84 -28.47 8.78
C GLN C 55 -2.49 -29.44 7.79
N LEU C 56 -2.61 -30.71 8.18
CA LEU C 56 -3.25 -31.68 7.29
C LEU C 56 -4.72 -31.33 7.07
N GLY C 57 -5.40 -30.89 8.12
CA GLY C 57 -6.78 -30.44 7.95
C GLY C 57 -6.88 -29.26 7.02
N LEU C 58 -5.93 -28.33 7.11
CA LEU C 58 -5.91 -27.19 6.19
C LEU C 58 -5.72 -27.67 4.76
N LEU C 59 -4.84 -28.65 4.55
CA LEU C 59 -4.67 -29.20 3.20
C LEU C 59 -5.97 -29.77 2.67
N LEU C 60 -6.65 -30.57 3.49
CA LEU C 60 -7.89 -31.20 3.02
C LEU C 60 -8.96 -30.16 2.72
N ASN C 61 -9.13 -29.17 3.60
CA ASN C 61 -10.11 -28.13 3.36
C ASN C 61 -9.76 -27.34 2.11
N GLY C 62 -8.47 -27.08 1.89
CA GLY C 62 -8.07 -26.37 0.69
C GLY C 62 -8.34 -27.15 -0.58
N VAL C 63 -8.16 -28.47 -0.53
CA VAL C 63 -8.51 -29.30 -1.69
C VAL C 63 -10.00 -29.22 -1.96
N CYS C 64 -10.81 -29.28 -0.90
CA CYS C 64 -12.25 -29.15 -1.08
C CYS C 64 -12.61 -27.80 -1.70
N SER C 65 -11.96 -26.73 -1.24
CA SER C 65 -12.19 -25.41 -1.82
C SER C 65 -11.77 -25.37 -3.29
N LEU C 66 -10.63 -25.98 -3.60
CA LEU C 66 -10.16 -26.04 -4.98
C LEU C 66 -11.20 -26.70 -5.88
N ALA C 67 -11.86 -27.73 -5.37
CA ALA C 67 -12.87 -28.42 -6.19
C ALA C 67 -13.91 -27.46 -6.72
N GLU C 68 -14.19 -26.39 -5.98
CA GLU C 68 -15.14 -25.36 -6.42
C GLU C 68 -14.44 -24.26 -7.20
N GLU C 69 -13.29 -23.79 -6.72
CA GLU C 69 -12.61 -22.65 -7.35
C GLU C 69 -12.11 -22.97 -8.74
N LEU C 70 -11.92 -24.25 -9.08
CA LEU C 70 -11.43 -24.59 -10.41
C LEU C 70 -12.45 -24.31 -11.50
N ARG C 71 -13.72 -24.10 -11.15
CA ARG C 71 -14.72 -23.73 -12.13
C ARG C 71 -14.63 -22.26 -12.53
N HIS C 72 -13.95 -21.43 -11.74
CA HIS C 72 -13.79 -20.01 -12.02
C HIS C 72 -12.37 -19.67 -12.44
N ILE C 73 -11.68 -20.62 -13.07
CA ILE C 73 -10.28 -20.42 -13.43
C ILE C 73 -10.15 -19.39 -14.54
N HIS C 74 -11.01 -19.47 -15.56
CA HIS C 74 -10.89 -18.61 -16.72
C HIS C 74 -11.43 -17.21 -16.48
N SER C 75 -12.22 -17.00 -15.44
CA SER C 75 -12.84 -15.71 -15.16
C SER C 75 -12.25 -15.03 -13.94
N ARG C 76 -12.21 -15.71 -12.80
CA ARG C 76 -11.73 -15.12 -11.56
C ARG C 76 -10.21 -15.20 -11.40
N TYR C 77 -9.55 -16.13 -12.07
CA TYR C 77 -8.13 -16.38 -11.86
C TYR C 77 -7.32 -16.34 -13.15
N ARG C 78 -7.88 -15.73 -14.21
CA ARG C 78 -7.12 -15.46 -15.43
C ARG C 78 -6.52 -16.74 -16.02
N GLY C 79 -7.25 -17.84 -15.92
CA GLY C 79 -6.84 -19.07 -16.56
C GLY C 79 -5.52 -19.63 -16.09
N SER C 80 -5.08 -19.30 -14.87
CA SER C 80 -3.83 -19.78 -14.32
C SER C 80 -4.14 -20.75 -13.18
N TYR C 81 -3.70 -22.00 -13.34
CA TYR C 81 -3.93 -22.99 -12.29
C TYR C 81 -3.18 -22.64 -11.02
N TRP C 82 -1.95 -22.14 -11.15
CA TRP C 82 -1.17 -21.78 -9.98
C TRP C 82 -1.87 -20.68 -9.17
N ARG C 83 -2.54 -19.74 -9.83
CA ARG C 83 -3.26 -18.71 -9.11
C ARG C 83 -4.43 -19.28 -8.31
N THR C 84 -5.18 -20.22 -8.89
CA THR C 84 -6.25 -20.86 -8.14
C THR C 84 -5.71 -21.63 -6.94
N VAL C 85 -4.60 -22.35 -7.14
CA VAL C 85 -4.02 -23.10 -6.03
C VAL C 85 -3.53 -22.16 -4.94
N ARG C 86 -2.91 -21.04 -5.33
CA ARG C 86 -2.48 -20.05 -4.34
C ARG C 86 -3.64 -19.42 -3.60
N ALA C 87 -4.77 -19.20 -4.27
CA ALA C 87 -5.97 -18.69 -3.63
C ALA C 87 -6.60 -19.69 -2.68
N CYS C 88 -6.49 -20.99 -2.97
CA CYS C 88 -7.13 -21.99 -2.11
C CYS C 88 -6.23 -22.39 -0.94
N LEU C 89 -4.96 -22.67 -1.18
CA LEU C 89 -4.06 -23.20 -0.16
C LEU C 89 -2.94 -22.23 0.17
N GLY C 90 -3.24 -20.92 0.14
CA GLY C 90 -2.23 -19.92 0.43
C GLY C 90 -0.98 -20.08 -0.41
N CYS C 91 0.14 -19.55 0.07
CA CYS C 91 1.39 -19.66 -0.67
C CYS C 91 1.72 -21.13 -0.90
N PRO C 92 1.74 -21.61 -2.14
CA PRO C 92 1.98 -23.04 -2.37
C PRO C 92 3.29 -23.56 -1.81
N LEU C 93 4.38 -22.78 -1.89
CA LEU C 93 5.68 -23.26 -1.43
C LEU C 93 5.73 -23.42 0.09
N ARG C 94 5.29 -22.41 0.84
CA ARG C 94 5.29 -22.50 2.29
C ARG C 94 4.34 -23.59 2.78
N ARG C 95 3.15 -23.66 2.18
CA ARG C 95 2.19 -24.68 2.58
C ARG C 95 2.73 -26.07 2.28
N GLY C 96 3.38 -26.24 1.12
CA GLY C 96 3.99 -27.52 0.81
C GLY C 96 5.08 -27.90 1.78
N ALA C 97 5.93 -26.94 2.16
CA ALA C 97 6.98 -27.24 3.12
C ALA C 97 6.40 -27.67 4.46
N LEU C 98 5.41 -26.92 4.96
CA LEU C 98 4.79 -27.26 6.24
C LEU C 98 4.08 -28.60 6.17
N LEU C 99 3.43 -28.89 5.05
CA LEU C 99 2.76 -30.17 4.87
C LEU C 99 3.76 -31.32 4.86
N LEU C 100 4.90 -31.14 4.19
CA LEU C 100 5.94 -32.17 4.19
C LEU C 100 6.45 -32.41 5.60
N LEU C 101 6.72 -31.33 6.33
CA LEU C 101 7.20 -31.48 7.71
C LEU C 101 6.17 -32.20 8.57
N SER C 102 4.89 -31.85 8.40
CA SER C 102 3.83 -32.48 9.18
C SER C 102 3.73 -33.97 8.87
N ILE C 103 3.78 -34.32 7.59
CA ILE C 103 3.73 -35.74 7.22
C ILE C 103 4.89 -36.48 7.86
N TYR C 104 6.11 -35.94 7.72
CA TYR C 104 7.27 -36.63 8.25
C TYR C 104 7.17 -36.82 9.76
N PHE C 105 6.83 -35.76 10.49
CA PHE C 105 6.84 -35.86 11.94
C PHE C 105 5.67 -36.68 12.47
N TYR C 106 4.54 -36.70 11.77
CA TYR C 106 3.44 -37.54 12.21
C TYR C 106 3.71 -39.01 11.91
N TYR C 107 4.38 -39.30 10.80
CA TYR C 107 4.73 -40.69 10.50
C TYR C 107 5.87 -41.20 11.36
N SER C 108 6.75 -40.32 11.83
CA SER C 108 7.93 -40.73 12.59
C SER C 108 7.68 -40.77 14.08
N LEU C 109 7.16 -39.69 14.66
CA LEU C 109 7.02 -39.62 16.11
C LEU C 109 5.98 -40.64 16.61
N PRO C 110 6.16 -41.17 17.82
CA PRO C 110 5.16 -42.08 18.39
C PRO C 110 3.78 -41.45 18.50
N PRO C 116 -1.50 -45.27 14.12
CA PRO C 116 -1.26 -45.46 12.67
C PRO C 116 -1.50 -44.17 11.89
N PHE C 117 -0.68 -43.92 10.87
CA PHE C 117 -0.82 -42.69 10.10
C PHE C 117 -2.05 -42.72 9.21
N THR C 118 -2.27 -43.83 8.52
CA THR C 118 -3.39 -43.90 7.57
C THR C 118 -4.73 -43.82 8.28
N TRP C 119 -4.86 -44.48 9.43
CA TRP C 119 -6.10 -44.41 10.19
C TRP C 119 -6.39 -42.97 10.61
N MET C 120 -5.39 -42.29 11.15
CA MET C 120 -5.59 -40.92 11.62
C MET C 120 -5.85 -39.98 10.46
N LEU C 121 -5.24 -40.23 9.31
CA LEU C 121 -5.55 -39.42 8.13
C LEU C 121 -7.00 -39.61 7.70
N ALA C 122 -7.48 -40.85 7.72
CA ALA C 122 -8.88 -41.10 7.38
C ALA C 122 -9.81 -40.38 8.34
N LEU C 123 -9.50 -40.46 9.64
CA LEU C 123 -10.33 -39.78 10.64
C LEU C 123 -10.30 -38.27 10.45
N LEU C 124 -9.12 -37.70 10.18
CA LEU C 124 -9.01 -36.26 9.97
C LEU C 124 -9.80 -35.82 8.74
N GLY C 125 -9.71 -36.58 7.65
CA GLY C 125 -10.49 -36.26 6.48
C GLY C 125 -11.98 -36.35 6.74
N LEU C 126 -12.40 -37.35 7.51
CA LEU C 126 -13.80 -37.45 7.88
C LEU C 126 -14.23 -36.22 8.68
N SER C 127 -13.41 -35.78 9.62
CA SER C 127 -13.75 -34.61 10.40
C SER C 127 -13.86 -33.36 9.52
N GLN C 128 -12.91 -33.18 8.60
CA GLN C 128 -12.96 -32.01 7.73
C GLN C 128 -14.19 -32.05 6.82
N ALA C 129 -14.50 -33.22 6.26
CA ALA C 129 -15.68 -33.33 5.41
C ALA C 129 -16.95 -33.03 6.20
N LEU C 130 -17.01 -33.51 7.45
CA LEU C 130 -18.17 -33.20 8.28
C LEU C 130 -18.27 -31.71 8.56
N ASN C 131 -17.14 -31.06 8.82
CA ASN C 131 -17.17 -29.61 9.06
C ASN C 131 -17.67 -28.86 7.83
N ILE C 132 -17.21 -29.25 6.64
CA ILE C 132 -17.63 -28.55 5.43
C ILE C 132 -19.10 -28.81 5.14
N LEU C 133 -19.52 -30.07 5.21
CA LEU C 133 -20.88 -30.42 4.79
C LEU C 133 -21.93 -29.82 5.70
N LEU C 134 -21.68 -29.78 7.01
CA LEU C 134 -22.63 -29.25 7.96
C LEU C 134 -22.57 -27.73 8.07
N GLY C 135 -21.70 -27.07 7.31
CA GLY C 135 -21.60 -25.62 7.37
C GLY C 135 -21.12 -25.12 8.72
N LEU C 136 -20.10 -25.77 9.29
CA LEU C 136 -19.56 -25.38 10.58
C LEU C 136 -18.32 -24.50 10.44
N LYS C 137 -18.02 -24.04 9.22
CA LYS C 137 -16.87 -23.18 8.96
C LYS C 137 -17.23 -21.69 9.08
N GLY C 138 -18.30 -21.38 9.81
CA GLY C 138 -18.74 -20.01 9.93
C GLY C 138 -17.96 -19.21 10.95
N LEU C 139 -17.29 -18.16 10.50
CA LEU C 139 -16.55 -17.28 11.39
C LEU C 139 -17.50 -16.51 12.29
N ALA C 140 -17.05 -16.23 13.51
CA ALA C 140 -17.86 -15.47 14.44
C ALA C 140 -18.05 -14.04 13.93
N PRO C 141 -19.12 -13.36 14.33
CA PRO C 141 -19.33 -11.99 13.84
C PRO C 141 -18.15 -11.07 14.08
N ALA C 142 -17.50 -11.17 15.24
CA ALA C 142 -16.35 -10.33 15.52
C ALA C 142 -15.20 -10.62 14.56
N GLU C 143 -14.96 -11.90 14.27
CA GLU C 143 -13.87 -12.25 13.37
C GLU C 143 -14.14 -11.73 11.96
N ILE C 144 -15.38 -11.88 11.47
CA ILE C 144 -15.71 -11.37 10.16
C ILE C 144 -15.56 -9.85 10.13
N SER C 145 -16.02 -9.18 11.18
CA SER C 145 -15.90 -7.73 11.23
C SER C 145 -14.43 -7.30 11.21
N ALA C 146 -13.58 -7.99 11.97
CA ALA C 146 -12.17 -7.65 11.97
C ALA C 146 -11.54 -7.87 10.61
N VAL C 147 -11.86 -9.00 9.97
CA VAL C 147 -11.29 -9.28 8.65
C VAL C 147 -11.73 -8.21 7.65
N CYS C 148 -13.00 -7.82 7.70
CA CYS C 148 -13.50 -6.83 6.75
C CYS C 148 -12.89 -5.46 6.99
N GLU C 149 -12.83 -5.02 8.25
CA GLU C 149 -12.30 -3.71 8.56
C GLU C 149 -10.79 -3.64 8.39
N LYS C 150 -10.11 -4.78 8.37
CA LYS C 150 -8.67 -4.78 8.13
C LYS C 150 -8.34 -4.81 6.64
N GLY C 151 -9.17 -5.46 5.83
CA GLY C 151 -8.97 -5.52 4.40
C GLY C 151 -9.84 -4.59 3.59
N ASN C 152 -10.61 -3.72 4.25
CA ASN C 152 -11.49 -2.76 3.56
C ASN C 152 -12.49 -3.49 2.67
N PHE C 153 -13.29 -4.34 3.30
CA PHE C 153 -14.33 -5.11 2.63
C PHE C 153 -15.72 -4.63 3.04
N ASN C 154 -15.89 -3.31 3.13
CA ASN C 154 -17.14 -2.71 3.56
C ASN C 154 -17.76 -1.90 2.43
N VAL C 155 -19.08 -1.77 2.46
CA VAL C 155 -19.75 -0.87 1.55
C VAL C 155 -19.46 0.58 1.92
N ALA C 156 -19.29 0.84 3.23
CA ALA C 156 -19.04 2.20 3.68
C ALA C 156 -17.71 2.74 3.15
N HIS C 157 -16.69 1.89 3.05
CA HIS C 157 -15.41 2.33 2.51
C HIS C 157 -15.57 2.82 1.07
N GLY C 158 -16.20 2.01 0.23
CA GLY C 158 -16.42 2.41 -1.15
C GLY C 158 -17.29 3.65 -1.26
N LEU C 159 -18.33 3.74 -0.42
CA LEU C 159 -19.20 4.92 -0.47
C LEU C 159 -18.46 6.18 -0.06
N ALA C 160 -17.60 6.10 0.96
CA ALA C 160 -16.81 7.26 1.36
C ALA C 160 -15.81 7.68 0.28
N TRP C 161 -15.12 6.71 -0.32
CA TRP C 161 -14.18 7.05 -1.37
C TRP C 161 -14.87 7.44 -2.67
N SER C 162 -16.16 7.17 -2.80
CA SER C 162 -16.96 7.72 -3.89
C SER C 162 -17.40 9.14 -3.60
N TYR C 163 -17.88 9.40 -2.38
CA TYR C 163 -18.30 10.74 -2.00
C TYR C 163 -17.16 11.72 -1.95
N TYR C 164 -15.93 11.27 -1.71
CA TYR C 164 -14.78 12.17 -1.74
C TYR C 164 -14.24 12.39 -3.15
N ILE C 165 -14.05 11.31 -3.92
CA ILE C 165 -13.47 11.42 -5.25
C ILE C 165 -14.42 11.98 -6.29
N GLY C 166 -15.73 11.89 -6.06
CA GLY C 166 -16.68 12.28 -7.07
C GLY C 166 -17.33 13.62 -6.82
N TYR C 167 -17.47 14.01 -5.55
CA TYR C 167 -18.13 15.26 -5.20
C TYR C 167 -17.21 16.23 -4.47
N LEU C 168 -16.62 15.81 -3.35
CA LEU C 168 -15.88 16.76 -2.52
C LEU C 168 -14.61 17.23 -3.20
N ARG C 169 -13.89 16.31 -3.85
CA ARG C 169 -12.63 16.66 -4.50
C ARG C 169 -12.81 17.61 -5.67
N LEU C 170 -14.03 17.76 -6.18
CA LEU C 170 -14.32 18.68 -7.28
C LEU C 170 -15.11 19.90 -6.85
N ILE C 171 -15.47 20.01 -5.58
CA ILE C 171 -16.29 21.10 -5.07
C ILE C 171 -15.52 21.94 -4.05
N LEU C 172 -14.83 21.29 -3.12
CA LEU C 172 -14.12 22.03 -2.08
C LEU C 172 -13.11 23.00 -2.64
N PRO C 173 -12.27 22.64 -3.62
CA PRO C 173 -11.25 23.59 -4.08
C PRO C 173 -11.83 24.91 -4.57
N GLU C 174 -12.94 24.89 -5.27
CA GLU C 174 -13.51 26.08 -5.89
C GLU C 174 -14.70 26.64 -5.11
N LEU C 175 -14.97 26.12 -3.92
CA LEU C 175 -16.10 26.61 -3.14
C LEU C 175 -15.85 28.06 -2.68
N GLN C 176 -14.61 28.37 -2.32
CA GLN C 176 -14.32 29.71 -1.80
C GLN C 176 -14.59 30.78 -2.85
N ALA C 177 -14.23 30.51 -4.10
CA ALA C 177 -14.47 31.48 -5.15
C ALA C 177 -15.97 31.75 -5.32
N ARG C 178 -16.79 30.68 -5.32
CA ARG C 178 -18.22 30.87 -5.44
C ARG C 178 -18.79 31.63 -4.26
N ILE C 179 -18.30 31.34 -3.05
CA ILE C 179 -18.76 32.05 -1.87
C ILE C 179 -18.43 33.54 -1.98
N ARG C 180 -17.21 33.85 -2.40
CA ARG C 180 -16.81 35.25 -2.54
C ARG C 180 -17.65 35.94 -3.60
N THR C 181 -17.91 35.27 -4.71
CA THR C 181 -18.75 35.86 -5.75
C THR C 181 -20.15 36.15 -5.22
N TYR C 182 -20.73 35.21 -4.50
CA TYR C 182 -22.06 35.42 -3.94
C TYR C 182 -22.05 36.58 -2.95
N ASN C 183 -21.03 36.66 -2.10
CA ASN C 183 -20.97 37.74 -1.13
C ASN C 183 -20.85 39.10 -1.82
N GLN C 184 -19.99 39.20 -2.84
CA GLN C 184 -19.82 40.47 -3.51
C GLN C 184 -21.08 40.86 -4.28
N HIS C 185 -21.78 39.88 -4.85
CA HIS C 185 -23.01 40.15 -5.58
C HIS C 185 -24.22 40.34 -4.66
N TYR C 186 -24.05 40.15 -3.36
CA TYR C 186 -25.16 40.32 -2.42
C TYR C 186 -24.64 40.29 -0.98
N GLY C 192 -25.69 38.75 5.49
CA GLY C 192 -25.60 37.75 4.43
C GLY C 192 -24.19 37.26 4.21
N ALA C 193 -23.33 37.42 5.22
CA ALA C 193 -21.94 36.98 5.15
C ALA C 193 -21.90 35.48 5.44
N VAL C 194 -22.19 34.69 4.40
CA VAL C 194 -22.22 33.25 4.56
C VAL C 194 -20.84 32.74 4.94
N SER C 195 -20.81 31.77 5.85
CA SER C 195 -19.54 31.22 6.31
C SER C 195 -18.80 30.54 5.17
N GLN C 196 -17.48 30.63 5.21
CA GLN C 196 -16.63 30.11 4.13
C GLN C 196 -16.31 28.63 4.33
N ARG C 197 -17.34 27.80 4.50
CA ARG C 197 -17.13 26.38 4.69
C ARG C 197 -18.38 25.62 4.29
N LEU C 198 -18.19 24.36 3.89
CA LEU C 198 -19.29 23.47 3.55
C LEU C 198 -19.61 22.59 4.76
N TYR C 199 -20.85 22.68 5.24
CA TYR C 199 -21.26 21.97 6.45
C TYR C 199 -22.07 20.75 6.04
N ILE C 200 -21.46 19.58 6.15
CA ILE C 200 -22.08 18.32 5.77
C ILE C 200 -22.68 17.67 7.01
N LEU C 201 -23.97 17.36 6.95
CA LEU C 201 -24.68 16.70 8.04
C LEU C 201 -24.61 15.20 7.85
N LEU C 202 -24.34 14.47 8.92
CA LEU C 202 -24.14 13.02 8.88
C LEU C 202 -25.10 12.37 9.88
N PRO C 203 -26.37 12.20 9.51
CA PRO C 203 -27.31 11.52 10.40
C PRO C 203 -26.95 10.05 10.58
N LEU C 204 -26.52 9.67 11.78
CA LEU C 204 -26.10 8.30 12.02
C LEU C 204 -27.25 7.32 11.94
N ASP C 205 -28.49 7.80 11.99
CA ASP C 205 -29.65 6.95 11.75
C ASP C 205 -30.01 6.84 10.29
N CYS C 206 -29.26 7.52 9.41
CA CYS C 206 -29.43 7.46 7.96
C CYS C 206 -30.77 8.02 7.49
N GLY C 207 -31.44 8.80 8.34
CA GLY C 207 -32.67 9.46 7.93
C GLY C 207 -32.40 10.79 7.26
N VAL C 208 -32.48 10.82 5.94
CA VAL C 208 -32.09 11.98 5.14
C VAL C 208 -33.33 12.48 4.40
N PRO C 209 -34.00 13.52 4.88
CA PRO C 209 -35.10 14.10 4.12
C PRO C 209 -34.57 14.97 2.98
N ASP C 210 -35.42 15.13 1.96
CA ASP C 210 -35.04 15.91 0.79
C ASP C 210 -34.99 17.40 1.11
N ASN C 211 -35.93 17.89 1.92
CA ASN C 211 -36.01 19.30 2.28
C ASN C 211 -35.63 19.45 3.75
N LEU C 212 -34.61 20.27 4.02
CA LEU C 212 -34.15 20.45 5.39
C LEU C 212 -35.24 21.06 6.26
N SER C 213 -35.98 22.03 5.72
CA SER C 213 -37.01 22.69 6.52
C SER C 213 -37.99 21.68 7.10
N MET C 214 -38.20 20.56 6.40
CA MET C 214 -39.00 19.48 6.97
C MET C 214 -38.30 18.82 8.14
N ALA C 215 -36.97 18.70 8.07
CA ALA C 215 -36.23 18.13 9.20
C ALA C 215 -36.34 19.01 10.43
N ASP C 216 -36.24 20.33 10.26
CA ASP C 216 -36.33 21.28 11.36
C ASP C 216 -36.99 22.55 10.85
N PRO C 217 -38.00 23.07 11.54
CA PRO C 217 -38.61 24.34 11.10
C PRO C 217 -37.62 25.50 11.06
N ASN C 218 -36.66 25.52 11.98
CA ASN C 218 -35.73 26.65 12.03
C ASN C 218 -34.90 26.75 10.75
N ILE C 219 -34.50 25.61 10.19
CA ILE C 219 -33.72 25.64 8.96
C ILE C 219 -34.58 26.23 7.85
N ARG C 220 -34.14 27.38 7.33
CA ARG C 220 -34.84 28.06 6.25
C ARG C 220 -33.86 28.41 5.15
N PHE C 221 -34.37 28.47 3.93
CA PHE C 221 -33.55 28.69 2.75
C PHE C 221 -33.46 30.17 2.41
N LEU C 222 -32.29 30.57 1.91
CA LEU C 222 -32.02 31.96 1.57
C LEU C 222 -31.83 32.15 0.06
N ASP C 223 -30.89 31.44 -0.55
CA ASP C 223 -30.61 31.59 -1.97
C ASP C 223 -29.59 30.54 -2.35
N LYS C 224 -29.44 30.32 -3.65
CA LYS C 224 -28.49 29.35 -4.17
C LYS C 224 -27.13 30.01 -4.45
N LEU C 225 -26.12 29.16 -4.66
CA LEU C 225 -24.80 29.62 -5.03
C LEU C 225 -24.65 29.64 -6.54
N PRO C 226 -23.71 30.43 -7.08
CA PRO C 226 -23.43 30.36 -8.51
C PRO C 226 -22.99 28.95 -8.90
N GLN C 227 -23.67 28.39 -9.89
CA GLN C 227 -23.47 26.99 -10.23
C GLN C 227 -22.03 26.72 -10.64
N GLN C 228 -21.53 25.55 -10.25
CA GLN C 228 -20.27 25.02 -10.74
C GLN C 228 -20.54 24.02 -11.85
N THR C 229 -19.64 23.99 -12.83
CA THR C 229 -19.86 23.19 -14.03
C THR C 229 -18.55 22.50 -14.42
N GLY C 230 -18.68 21.33 -15.03
CA GLY C 230 -17.52 20.57 -15.44
C GLY C 230 -17.92 19.40 -16.30
N ASP C 231 -16.89 18.72 -16.82
CA ASP C 231 -17.06 17.55 -17.68
C ASP C 231 -16.71 16.29 -16.90
N ARG C 232 -17.61 15.32 -16.90
CA ARG C 232 -17.45 14.12 -16.10
C ARG C 232 -17.95 12.90 -16.86
N ALA C 233 -17.03 12.00 -17.21
CA ALA C 233 -17.36 10.66 -17.68
C ALA C 233 -18.40 10.68 -18.79
N GLY C 234 -18.13 11.46 -19.84
CA GLY C 234 -18.99 11.52 -20.99
C GLY C 234 -20.19 12.43 -20.85
N ILE C 235 -20.47 12.92 -19.65
CA ILE C 235 -21.51 13.90 -19.42
C ILE C 235 -20.84 15.22 -19.12
N LYS C 236 -21.01 16.20 -20.00
CA LYS C 236 -20.47 17.53 -19.78
C LYS C 236 -21.58 18.52 -19.43
N ASP C 237 -21.17 19.67 -18.93
CA ASP C 237 -22.09 20.64 -18.36
C ASP C 237 -22.82 20.04 -17.16
N ARG C 238 -22.24 19.00 -16.57
CA ARG C 238 -22.74 18.49 -15.29
C ARG C 238 -22.50 19.52 -14.20
N VAL C 239 -23.57 19.95 -13.54
CA VAL C 239 -23.51 21.07 -12.62
C VAL C 239 -23.61 20.55 -11.19
N TYR C 240 -23.01 21.29 -10.27
CA TYR C 240 -23.04 20.98 -8.84
C TYR C 240 -23.57 22.21 -8.11
N SER C 241 -24.87 22.24 -7.85
CA SER C 241 -25.46 23.34 -7.11
C SER C 241 -25.23 23.15 -5.62
N ASN C 242 -25.47 24.21 -4.86
CA ASN C 242 -25.31 24.16 -3.41
C ASN C 242 -26.17 25.25 -2.79
N SER C 243 -27.22 24.85 -2.09
CA SER C 243 -28.15 25.79 -1.50
C SER C 243 -27.56 26.44 -0.25
N ILE C 244 -28.01 27.66 0.02
CA ILE C 244 -27.65 28.38 1.24
C ILE C 244 -28.88 28.43 2.14
N TYR C 245 -28.69 28.07 3.40
CA TYR C 245 -29.77 28.05 4.38
C TYR C 245 -29.45 29.03 5.50
N GLU C 246 -30.48 29.60 6.09
CA GLU C 246 -30.34 30.51 7.22
C GLU C 246 -30.72 29.78 8.50
N LEU C 247 -29.89 29.92 9.53
CA LEU C 247 -30.15 29.33 10.83
C LEU C 247 -31.01 30.29 11.63
N LEU C 248 -32.29 29.95 11.78
CA LEU C 248 -33.27 30.83 12.41
C LEU C 248 -33.39 30.43 13.88
N GLU C 249 -32.97 31.33 14.76
CA GLU C 249 -32.97 31.09 16.20
C GLU C 249 -33.95 32.04 16.88
N ASN C 250 -34.81 31.49 17.74
CA ASN C 250 -35.77 32.26 18.55
C ASN C 250 -36.46 33.35 17.73
N GLY C 251 -36.72 33.09 16.44
CA GLY C 251 -37.42 34.01 15.58
C GLY C 251 -36.53 34.91 14.75
N GLN C 252 -35.26 35.06 15.12
CA GLN C 252 -34.32 35.93 14.42
C GLN C 252 -33.15 35.11 13.88
N ARG C 253 -32.66 35.50 12.72
CA ARG C 253 -31.55 34.78 12.10
C ARG C 253 -30.34 34.77 13.03
N ALA C 254 -29.67 33.62 13.12
CA ALA C 254 -28.46 33.47 13.89
C ALA C 254 -27.25 33.10 13.03
N GLY C 255 -27.45 32.69 11.79
CA GLY C 255 -26.33 32.36 10.93
C GLY C 255 -26.83 31.90 9.57
N THR C 256 -25.89 31.84 8.63
CA THR C 256 -26.17 31.37 7.28
C THR C 256 -24.97 30.55 6.81
N CYS C 257 -25.24 29.45 6.14
CA CYS C 257 -24.17 28.55 5.71
C CYS C 257 -24.68 27.71 4.55
N VAL C 258 -23.74 27.05 3.88
CA VAL C 258 -24.04 26.13 2.79
C VAL C 258 -24.25 24.75 3.42
N LEU C 259 -25.49 24.48 3.81
CA LEU C 259 -25.84 23.27 4.53
C LEU C 259 -26.28 22.19 3.56
N GLU C 260 -25.95 20.93 3.87
CA GLU C 260 -26.19 19.83 2.96
C GLU C 260 -26.01 18.49 3.65
N TYR C 261 -26.91 17.54 3.39
CA TYR C 261 -26.73 16.19 3.91
C TYR C 261 -25.68 15.43 3.10
N ALA C 262 -25.14 14.38 3.70
CA ALA C 262 -24.26 13.46 3.00
C ALA C 262 -25.11 12.42 2.30
N THR C 263 -25.21 12.55 0.97
CA THR C 263 -26.17 11.74 0.22
C THR C 263 -25.87 10.25 0.20
N PRO C 264 -24.63 9.76 0.39
CA PRO C 264 -24.45 8.30 0.44
C PRO C 264 -25.24 7.64 1.56
N LEU C 265 -25.58 8.38 2.61
CA LEU C 265 -26.41 7.81 3.67
C LEU C 265 -27.80 7.46 3.15
N GLN C 266 -28.30 8.22 2.18
CA GLN C 266 -29.56 7.86 1.53
C GLN C 266 -29.44 6.51 0.83
N THR C 267 -28.31 6.29 0.15
CA THR C 267 -28.08 4.99 -0.48
C THR C 267 -28.05 3.89 0.57
N LEU C 268 -27.36 4.13 1.69
CA LEU C 268 -27.33 3.13 2.75
C LEU C 268 -28.74 2.79 3.23
N PHE C 269 -29.56 3.82 3.49
CA PHE C 269 -30.91 3.59 3.98
C PHE C 269 -31.74 2.81 2.98
N ALA C 270 -31.77 3.28 1.74
CA ALA C 270 -32.58 2.59 0.73
C ALA C 270 -32.10 1.18 0.50
N MET C 271 -30.79 0.97 0.55
CA MET C 271 -30.23 -0.37 0.44
C MET C 271 -30.71 -1.26 1.57
N SER C 272 -30.76 -0.71 2.78
CA SER C 272 -31.29 -1.47 3.92
C SER C 272 -32.76 -1.81 3.71
N GLN C 273 -33.51 -0.91 3.06
CA GLN C 273 -34.93 -1.15 2.86
C GLN C 273 -35.22 -2.24 1.82
N TYR C 274 -34.41 -2.30 0.76
CA TYR C 274 -34.64 -3.27 -0.30
C TYR C 274 -34.23 -4.67 0.14
N SER C 275 -35.04 -5.66 -0.22
CA SER C 275 -34.75 -7.04 0.13
C SER C 275 -33.65 -7.63 -0.75
N GLN C 276 -33.64 -7.27 -2.04
CA GLN C 276 -32.64 -7.81 -2.94
C GLN C 276 -31.23 -7.42 -2.52
N ALA C 277 -31.09 -6.30 -1.79
CA ALA C 277 -29.77 -5.86 -1.38
C ALA C 277 -29.11 -6.86 -0.44
N GLY C 278 -29.87 -7.44 0.47
CA GLY C 278 -29.29 -8.26 1.51
C GLY C 278 -28.63 -7.45 2.60
N PHE C 279 -29.15 -6.25 2.86
CA PHE C 279 -28.58 -5.32 3.82
C PHE C 279 -29.52 -5.17 4.99
N SER C 280 -29.02 -5.34 6.20
CA SER C 280 -29.83 -5.25 7.41
C SER C 280 -29.75 -3.86 8.01
N ARG C 281 -30.65 -3.61 8.97
CA ARG C 281 -30.66 -2.33 9.67
C ARG C 281 -29.50 -2.20 10.64
N GLU C 282 -29.13 -3.28 11.34
CA GLU C 282 -27.90 -3.25 12.13
C GLU C 282 -26.69 -3.07 11.22
N ASP C 283 -26.68 -3.75 10.08
CA ASP C 283 -25.68 -3.47 9.05
C ASP C 283 -25.72 -2.01 8.66
N ARG C 284 -26.93 -1.43 8.57
CA ARG C 284 -27.05 -0.03 8.20
C ARG C 284 -26.33 0.85 9.20
N LEU C 285 -26.57 0.65 10.50
CA LEU C 285 -25.91 1.47 11.50
C LEU C 285 -24.40 1.28 11.49
N GLU C 286 -23.95 0.03 11.38
CA GLU C 286 -22.51 -0.23 11.36
C GLU C 286 -21.85 0.46 10.18
N GLN C 287 -22.45 0.34 8.99
CA GLN C 287 -21.85 0.94 7.81
C GLN C 287 -21.94 2.46 7.84
N ALA C 288 -23.00 3.01 8.43
CA ALA C 288 -23.06 4.46 8.58
C ALA C 288 -21.94 4.98 9.45
N LYS C 289 -21.69 4.30 10.58
CA LYS C 289 -20.59 4.71 11.44
C LYS C 289 -19.26 4.57 10.73
N LEU C 290 -19.08 3.48 9.98
CA LEU C 290 -17.82 3.28 9.25
C LEU C 290 -17.62 4.34 8.18
N PHE C 291 -18.69 4.72 7.48
CA PHE C 291 -18.60 5.78 6.49
C PHE C 291 -18.21 7.10 7.13
N CYS C 292 -18.84 7.43 8.26
CA CYS C 292 -18.48 8.67 8.96
C CYS C 292 -17.04 8.65 9.41
N ARG C 293 -16.53 7.50 9.84
CA ARG C 293 -15.14 7.41 10.28
C ARG C 293 -14.14 7.42 9.13
N THR C 294 -14.50 6.86 7.97
CA THR C 294 -13.60 6.86 6.83
C THR C 294 -13.51 8.24 6.18
N LEU C 295 -14.64 8.92 6.06
CA LEU C 295 -14.62 10.26 5.46
C LEU C 295 -13.78 11.21 6.31
N GLU C 296 -13.83 11.06 7.63
CA GLU C 296 -13.04 11.92 8.50
C GLU C 296 -11.56 11.79 8.19
N ASP C 297 -11.06 10.56 8.06
CA ASP C 297 -9.65 10.37 7.75
C ASP C 297 -9.32 10.90 6.36
N ILE C 298 -10.16 10.59 5.38
CA ILE C 298 -9.90 11.03 4.01
C ILE C 298 -9.74 12.55 3.99
N LEU C 299 -10.66 13.27 4.63
CA LEU C 299 -10.56 14.72 4.68
C LEU C 299 -9.38 15.17 5.53
N ALA C 300 -9.06 14.42 6.59
CA ALA C 300 -7.96 14.83 7.47
C ALA C 300 -6.65 14.89 6.72
N ASP C 301 -6.37 13.89 5.89
CA ASP C 301 -5.11 13.86 5.14
C ASP C 301 -5.28 14.22 3.67
N ALA C 302 -6.32 14.97 3.32
CA ALA C 302 -6.50 15.44 1.95
C ALA C 302 -6.21 16.93 1.85
N PRO C 303 -5.42 17.37 0.86
CA PRO C 303 -5.11 18.80 0.76
C PRO C 303 -6.32 19.66 0.47
N GLU C 304 -7.35 19.11 -0.18
CA GLU C 304 -8.50 19.92 -0.57
C GLU C 304 -9.22 20.50 0.64
N SER C 305 -9.25 19.75 1.74
CA SER C 305 -9.94 20.20 2.96
C SER C 305 -9.02 21.07 3.82
N GLN C 306 -8.49 22.13 3.21
CA GLN C 306 -7.68 23.11 3.94
C GLN C 306 -8.63 24.09 4.62
N ASN C 307 -9.31 23.58 5.65
CA ASN C 307 -10.33 24.34 6.37
C ASN C 307 -11.43 24.78 5.39
N ASN C 308 -12.10 23.77 4.84
CA ASN C 308 -13.10 23.99 3.80
C ASN C 308 -14.46 23.42 4.19
N CYS C 309 -14.47 22.30 4.93
CA CYS C 309 -15.71 21.65 5.32
C CYS C 309 -15.65 21.25 6.78
N ARG C 310 -16.83 21.14 7.38
CA ARG C 310 -16.99 20.75 8.79
C ARG C 310 -18.03 19.65 8.85
N LEU C 311 -17.58 18.39 8.90
CA LEU C 311 -18.50 17.27 8.99
C LEU C 311 -19.25 17.30 10.32
N ILE C 312 -20.57 17.38 10.26
CA ILE C 312 -21.42 17.35 11.44
C ILE C 312 -22.07 15.97 11.51
N ALA C 313 -21.82 15.25 12.59
CA ALA C 313 -22.40 13.95 12.84
C ALA C 313 -23.25 14.01 14.09
N TYR C 314 -24.45 13.43 14.02
CA TYR C 314 -25.38 13.51 15.14
C TYR C 314 -26.22 12.24 15.18
N GLN C 315 -26.69 11.92 16.38
CA GLN C 315 -27.59 10.80 16.62
C GLN C 315 -28.88 11.33 17.22
N GLU C 316 -30.00 11.03 16.59
CA GLU C 316 -31.27 11.44 17.14
C GLU C 316 -31.56 10.67 18.42
N PRO C 317 -32.18 11.31 19.43
CA PRO C 317 -32.47 10.60 20.67
C PRO C 317 -33.70 9.69 20.57
N SER C 322 -36.44 17.72 22.41
CA SER C 322 -35.93 16.45 21.91
C SER C 322 -34.57 16.63 21.24
N PHE C 323 -34.59 17.17 20.02
CA PHE C 323 -33.36 17.40 19.27
C PHE C 323 -33.64 18.43 18.19
N SER C 324 -32.68 19.33 17.98
CA SER C 324 -32.80 20.39 16.99
C SER C 324 -31.55 20.39 16.12
N LEU C 325 -31.71 20.07 14.84
CA LEU C 325 -30.59 20.15 13.91
C LEU C 325 -30.06 21.58 13.81
N SER C 326 -30.97 22.56 13.88
CA SER C 326 -30.55 23.96 13.82
C SER C 326 -29.59 24.28 14.95
N GLN C 327 -29.88 23.78 16.16
CA GLN C 327 -28.98 24.03 17.29
C GLN C 327 -27.62 23.39 17.07
N GLU C 328 -27.58 22.17 16.54
CA GLU C 328 -26.31 21.51 16.26
C GLU C 328 -25.48 22.31 15.27
N VAL C 329 -26.10 22.72 14.16
CA VAL C 329 -25.38 23.48 13.15
C VAL C 329 -24.92 24.82 13.73
N LEU C 330 -25.77 25.46 14.52
CA LEU C 330 -25.42 26.75 15.11
C LEU C 330 -24.25 26.61 16.08
N ARG C 331 -24.23 25.52 16.86
CA ARG C 331 -23.10 25.27 17.74
C ARG C 331 -21.81 25.09 16.94
N HIS C 332 -21.87 24.29 15.88
CA HIS C 332 -20.67 24.09 15.07
C HIS C 332 -20.28 25.35 14.29
N LEU C 333 -21.20 26.30 14.12
CA LEU C 333 -20.91 27.55 13.43
C LEU C 333 -20.30 28.60 14.36
N ARG C 334 -20.92 28.84 15.51
CA ARG C 334 -20.52 29.95 16.36
C ARG C 334 -19.09 29.77 16.85
N GLN C 335 -18.67 28.53 17.08
CA GLN C 335 -17.33 28.24 17.59
C GLN C 335 -16.26 29.06 16.86
N SER D 4 -21.98 -14.87 -17.13
CA SER D 4 -22.86 -13.73 -17.28
C SER D 4 -23.00 -13.34 -18.75
N SER D 5 -24.20 -12.92 -19.13
CA SER D 5 -24.43 -12.49 -20.51
C SER D 5 -23.66 -11.20 -20.82
N LEU D 6 -23.33 -10.42 -19.80
CA LEU D 6 -22.61 -9.17 -20.03
C LEU D 6 -21.28 -9.42 -20.75
N HIS D 7 -20.37 -10.14 -20.10
CA HIS D 7 -19.07 -10.44 -20.67
C HIS D 7 -18.63 -11.80 -20.18
N PRO D 8 -17.86 -12.56 -20.97
CA PRO D 8 -17.39 -13.87 -20.49
C PRO D 8 -16.50 -13.77 -19.27
N SER D 9 -15.87 -12.61 -19.02
CA SER D 9 -14.95 -12.49 -17.90
C SER D 9 -15.66 -12.26 -16.57
N ILE D 10 -16.97 -12.07 -16.57
CA ILE D 10 -17.72 -11.85 -15.33
C ILE D 10 -17.86 -13.20 -14.63
N PRO D 11 -17.39 -13.35 -13.39
CA PRO D 11 -17.46 -14.65 -12.73
C PRO D 11 -18.87 -14.94 -12.22
N CYS D 12 -19.33 -16.17 -12.47
CA CYS D 12 -20.63 -16.58 -11.98
C CYS D 12 -20.58 -16.78 -10.47
N PRO D 13 -21.73 -16.74 -9.79
CA PRO D 13 -21.73 -16.92 -8.34
C PRO D 13 -21.25 -18.31 -7.95
N ARG D 14 -20.66 -18.39 -6.75
CA ARG D 14 -20.13 -19.65 -6.26
C ARG D 14 -21.26 -20.66 -6.05
N GLY D 15 -21.01 -21.90 -6.45
CA GLY D 15 -21.97 -22.98 -6.33
C GLY D 15 -21.71 -23.85 -5.12
N HIS D 16 -21.94 -25.15 -5.27
CA HIS D 16 -21.77 -26.13 -4.21
C HIS D 16 -20.73 -27.18 -4.59
N GLY D 17 -19.69 -26.76 -5.29
CA GLY D 17 -18.62 -27.69 -5.62
C GLY D 17 -17.85 -28.15 -4.40
N ALA D 18 -17.61 -27.24 -3.46
CA ALA D 18 -16.87 -27.60 -2.25
C ALA D 18 -17.61 -28.68 -1.47
N GLN D 19 -18.94 -28.57 -1.36
CA GLN D 19 -19.69 -29.56 -0.61
C GLN D 19 -19.73 -30.91 -1.34
N LYS D 20 -19.80 -30.89 -2.67
CA LYS D 20 -19.72 -32.15 -3.41
C LYS D 20 -18.37 -32.83 -3.18
N ALA D 21 -17.29 -32.05 -3.23
CA ALA D 21 -15.97 -32.63 -2.96
C ALA D 21 -15.88 -33.14 -1.52
N ALA D 22 -16.49 -32.43 -0.58
CA ALA D 22 -16.50 -32.89 0.80
C ALA D 22 -17.25 -34.21 0.93
N LEU D 23 -18.37 -34.35 0.22
CA LEU D 23 -19.10 -35.62 0.23
C LEU D 23 -18.25 -36.74 -0.33
N VAL D 24 -17.55 -36.49 -1.44
CA VAL D 24 -16.67 -37.51 -2.01
C VAL D 24 -15.57 -37.87 -1.03
N LEU D 25 -14.98 -36.87 -0.37
CA LEU D 25 -13.93 -37.14 0.61
C LEU D 25 -14.46 -37.97 1.78
N LEU D 26 -15.67 -37.65 2.26
CA LEU D 26 -16.25 -38.41 3.35
C LEU D 26 -16.50 -39.86 2.95
N SER D 27 -17.02 -40.08 1.73
CA SER D 27 -17.25 -41.43 1.26
C SER D 27 -15.94 -42.20 1.16
N ALA D 28 -14.91 -41.59 0.61
CA ALA D 28 -13.62 -42.26 0.49
C ALA D 28 -13.04 -42.57 1.86
N CYS D 29 -13.18 -41.64 2.81
CA CYS D 29 -12.66 -41.87 4.16
C CYS D 29 -13.38 -43.02 4.84
N LEU D 30 -14.70 -43.09 4.68
CA LEU D 30 -15.43 -44.22 5.25
C LEU D 30 -15.02 -45.53 4.59
N VAL D 31 -14.81 -45.52 3.27
CA VAL D 31 -14.38 -46.75 2.59
C VAL D 31 -13.03 -47.20 3.12
N THR D 32 -12.09 -46.27 3.29
CA THR D 32 -10.77 -46.67 3.78
C THR D 32 -10.82 -47.09 5.24
N LEU D 33 -11.70 -46.48 6.04
CA LEU D 33 -11.89 -46.95 7.41
C LEU D 33 -12.41 -48.38 7.43
N TRP D 34 -13.36 -48.69 6.54
CA TRP D 34 -13.82 -50.06 6.40
C TRP D 34 -12.67 -50.98 6.00
N GLY D 35 -11.86 -50.55 5.04
CA GLY D 35 -10.75 -51.39 4.60
C GLY D 35 -9.76 -51.67 5.70
N LEU D 36 -9.41 -50.66 6.50
CA LEU D 36 -8.49 -50.87 7.61
C LEU D 36 -9.05 -51.87 8.61
N GLY D 37 -10.37 -51.93 8.75
CA GLY D 37 -11.00 -52.91 9.60
C GLY D 37 -10.48 -52.90 11.02
N GLU D 38 -10.78 -51.85 11.77
CA GLU D 38 -10.31 -51.69 13.14
C GLU D 38 -11.48 -51.25 14.00
N PRO D 39 -11.37 -51.41 15.32
CA PRO D 39 -12.53 -51.24 16.21
C PRO D 39 -13.31 -49.99 15.90
N PRO D 40 -14.58 -50.12 15.47
CA PRO D 40 -15.39 -48.91 15.21
C PRO D 40 -15.55 -48.02 16.43
N GLU D 41 -15.62 -48.59 17.63
CA GLU D 41 -15.75 -47.78 18.82
C GLU D 41 -14.53 -46.87 19.00
N HIS D 42 -13.34 -47.34 18.64
CA HIS D 42 -12.16 -46.50 18.70
C HIS D 42 -12.26 -45.35 17.69
N THR D 43 -12.77 -45.63 16.50
CA THR D 43 -13.01 -44.57 15.53
C THR D 43 -13.94 -43.52 16.09
N LEU D 44 -15.05 -43.95 16.71
CA LEU D 44 -15.99 -43.01 17.27
C LEU D 44 -15.36 -42.19 18.39
N ARG D 45 -14.61 -42.85 19.27
CA ARG D 45 -13.97 -42.13 20.37
C ARG D 45 -13.01 -41.07 19.85
N TYR D 46 -12.18 -41.44 18.88
CA TYR D 46 -11.20 -40.48 18.36
C TYR D 46 -11.89 -39.33 17.65
N LEU D 47 -12.94 -39.62 16.87
CA LEU D 47 -13.64 -38.55 16.17
C LEU D 47 -14.27 -37.58 17.17
N VAL D 48 -14.94 -38.11 18.19
CA VAL D 48 -15.59 -37.25 19.17
C VAL D 48 -14.55 -36.42 19.91
N LEU D 49 -13.42 -37.03 20.28
CA LEU D 49 -12.39 -36.30 20.99
C LEU D 49 -11.78 -35.20 20.12
N HIS D 50 -11.58 -35.48 18.84
CA HIS D 50 -11.07 -34.44 17.93
C HIS D 50 -12.03 -33.27 17.85
N LEU D 51 -13.32 -33.56 17.70
CA LEU D 51 -14.31 -32.48 17.63
C LEU D 51 -14.36 -31.70 18.94
N ALA D 52 -14.21 -32.39 20.07
CA ALA D 52 -14.20 -31.70 21.35
C ALA D 52 -12.99 -30.79 21.48
N SER D 53 -11.83 -31.24 21.01
CA SER D 53 -10.65 -30.40 21.01
C SER D 53 -10.86 -29.17 20.14
N LEU D 54 -11.48 -29.34 18.98
CA LEU D 54 -11.78 -28.19 18.12
C LEU D 54 -12.71 -27.21 18.82
N GLN D 55 -13.73 -27.72 19.52
CA GLN D 55 -14.65 -26.83 20.24
C GLN D 55 -13.93 -26.06 21.34
N LEU D 56 -13.06 -26.74 22.09
CA LEU D 56 -12.32 -26.05 23.14
C LEU D 56 -11.38 -25.01 22.57
N GLY D 57 -10.75 -25.31 21.43
CA GLY D 57 -9.94 -24.30 20.77
C GLY D 57 -10.76 -23.10 20.35
N LEU D 58 -11.96 -23.35 19.82
CA LEU D 58 -12.86 -22.24 19.49
C LEU D 58 -13.18 -21.40 20.72
N LEU D 59 -13.43 -22.05 21.86
CA LEU D 59 -13.71 -21.32 23.09
C LEU D 59 -12.53 -20.42 23.47
N LEU D 60 -11.32 -20.97 23.43
CA LEU D 60 -10.16 -20.19 23.86
C LEU D 60 -9.89 -19.02 22.90
N ASN D 61 -9.99 -19.27 21.60
CA ASN D 61 -9.82 -18.19 20.63
C ASN D 61 -10.91 -17.13 20.80
N GLY D 62 -12.14 -17.56 21.09
CA GLY D 62 -13.20 -16.59 21.30
C GLY D 62 -12.99 -15.76 22.54
N VAL D 63 -12.45 -16.35 23.60
CA VAL D 63 -12.12 -15.58 24.80
C VAL D 63 -11.04 -14.55 24.47
N CYS D 64 -10.03 -14.95 23.71
CA CYS D 64 -8.99 -14.00 23.32
C CYS D 64 -9.58 -12.85 22.51
N SER D 65 -10.50 -13.16 21.58
CA SER D 65 -11.15 -12.12 20.80
C SER D 65 -12.02 -11.23 21.69
N LEU D 66 -12.71 -11.82 22.66
CA LEU D 66 -13.50 -11.04 23.61
C LEU D 66 -12.64 -10.03 24.34
N ALA D 67 -11.40 -10.42 24.67
CA ALA D 67 -10.51 -9.49 25.35
C ALA D 67 -10.40 -8.17 24.60
N GLU D 68 -10.43 -8.23 23.27
CA GLU D 68 -10.36 -7.01 22.46
C GLU D 68 -11.75 -6.39 22.27
N GLU D 69 -12.74 -7.22 21.97
CA GLU D 69 -14.07 -6.69 21.65
C GLU D 69 -14.68 -5.95 22.82
N LEU D 70 -14.32 -6.33 24.05
CA LEU D 70 -14.90 -5.66 25.22
C LEU D 70 -14.51 -4.19 25.29
N ARG D 71 -13.47 -3.77 24.57
CA ARG D 71 -13.10 -2.37 24.57
C ARG D 71 -14.07 -1.52 23.75
N HIS D 72 -14.70 -2.12 22.75
CA HIS D 72 -15.65 -1.41 21.89
C HIS D 72 -17.10 -1.67 22.27
N ILE D 73 -17.36 -2.02 23.53
CA ILE D 73 -18.71 -2.42 23.91
C ILE D 73 -19.68 -1.28 23.67
N HIS D 74 -19.39 -0.09 24.21
CA HIS D 74 -20.34 1.01 24.16
C HIS D 74 -20.53 1.55 22.76
N SER D 75 -19.52 1.44 21.90
CA SER D 75 -19.59 1.98 20.55
C SER D 75 -20.18 1.00 19.55
N ARG D 76 -19.61 -0.20 19.44
CA ARG D 76 -20.00 -1.14 18.41
C ARG D 76 -21.05 -2.15 18.88
N TYR D 77 -21.27 -2.31 20.19
CA TYR D 77 -22.19 -3.33 20.68
C TYR D 77 -23.25 -2.77 21.62
N ARG D 78 -23.40 -1.46 21.69
CA ARG D 78 -24.53 -0.83 22.36
C ARG D 78 -24.57 -1.12 23.86
N GLY D 79 -23.42 -1.38 24.46
CA GLY D 79 -23.33 -1.48 25.90
C GLY D 79 -23.83 -2.78 26.50
N SER D 80 -24.22 -3.75 25.70
CA SER D 80 -24.72 -5.03 26.19
C SER D 80 -23.61 -6.07 26.12
N TYR D 81 -23.24 -6.61 27.28
CA TYR D 81 -22.20 -7.64 27.30
C TYR D 81 -22.65 -8.89 26.55
N TRP D 82 -23.95 -9.16 26.54
CA TRP D 82 -24.43 -10.35 25.84
C TRP D 82 -24.14 -10.25 24.34
N ARG D 83 -24.35 -9.07 23.74
CA ARG D 83 -24.05 -8.91 22.33
C ARG D 83 -22.56 -9.03 22.06
N THR D 84 -21.71 -8.50 22.94
CA THR D 84 -20.28 -8.66 22.75
C THR D 84 -19.87 -10.12 22.82
N VAL D 85 -20.41 -10.87 23.77
CA VAL D 85 -20.09 -12.29 23.88
C VAL D 85 -20.60 -13.05 22.66
N ARG D 86 -21.79 -12.69 22.18
CA ARG D 86 -22.33 -13.35 20.99
C ARG D 86 -21.46 -13.08 19.77
N ALA D 87 -20.94 -11.86 19.64
CA ALA D 87 -20.11 -11.52 18.50
C ALA D 87 -18.83 -12.36 18.47
N CYS D 88 -18.35 -12.80 19.62
CA CYS D 88 -17.08 -13.51 19.72
C CYS D 88 -17.25 -15.03 19.75
N LEU D 89 -18.31 -15.54 20.35
CA LEU D 89 -18.49 -16.98 20.56
C LEU D 89 -19.79 -17.47 19.95
N GLY D 90 -20.18 -16.91 18.81
CA GLY D 90 -21.40 -17.36 18.16
C GLY D 90 -22.59 -17.25 19.10
N CYS D 91 -23.50 -18.21 18.99
CA CYS D 91 -24.66 -18.24 19.87
C CYS D 91 -24.25 -18.74 21.25
N PRO D 92 -24.44 -17.96 22.32
CA PRO D 92 -23.96 -18.41 23.64
C PRO D 92 -24.54 -19.74 24.09
N LEU D 93 -25.82 -20.01 23.81
CA LEU D 93 -26.43 -21.24 24.29
C LEU D 93 -25.86 -22.46 23.59
N ARG D 94 -25.78 -22.42 22.26
CA ARG D 94 -25.25 -23.55 21.51
C ARG D 94 -23.78 -23.79 21.85
N ARG D 95 -23.00 -22.71 21.93
CA ARG D 95 -21.60 -22.84 22.29
C ARG D 95 -21.45 -23.43 23.70
N GLY D 96 -22.27 -22.98 24.63
CA GLY D 96 -22.21 -23.53 25.98
C GLY D 96 -22.56 -25.01 26.01
N ALA D 97 -23.60 -25.41 25.27
CA ALA D 97 -23.98 -26.81 25.25
C ALA D 97 -22.86 -27.67 24.67
N LEU D 98 -22.29 -27.25 23.54
CA LEU D 98 -21.19 -28.01 22.93
C LEU D 98 -19.98 -28.04 23.85
N LEU D 99 -19.73 -26.94 24.57
CA LEU D 99 -18.60 -26.90 25.50
C LEU D 99 -18.81 -27.88 26.64
N LEU D 100 -20.01 -27.93 27.20
CA LEU D 100 -20.30 -28.89 28.27
C LEU D 100 -20.13 -30.31 27.78
N LEU D 101 -20.66 -30.61 26.59
CA LEU D 101 -20.52 -31.95 26.05
C LEU D 101 -19.05 -32.29 25.84
N SER D 102 -18.27 -31.34 25.31
CA SER D 102 -16.86 -31.60 25.05
C SER D 102 -16.11 -31.85 26.33
N ILE D 103 -16.33 -31.03 27.36
CA ILE D 103 -15.65 -31.24 28.64
C ILE D 103 -16.01 -32.59 29.21
N TYR D 104 -17.30 -32.94 29.20
CA TYR D 104 -17.71 -34.21 29.76
C TYR D 104 -17.04 -35.38 29.05
N PHE D 105 -17.09 -35.37 27.71
CA PHE D 105 -16.54 -36.51 26.97
C PHE D 105 -15.02 -36.53 26.99
N TYR D 106 -14.38 -35.38 27.22
CA TYR D 106 -12.93 -35.35 27.37
C TYR D 106 -12.51 -35.92 28.72
N TYR D 107 -13.22 -35.56 29.78
CA TYR D 107 -12.89 -36.04 31.12
C TYR D 107 -13.36 -37.47 31.36
N SER D 108 -14.28 -37.99 30.55
CA SER D 108 -14.82 -39.32 30.75
C SER D 108 -14.13 -40.39 29.91
N LEU D 109 -13.93 -40.13 28.63
CA LEU D 109 -13.39 -41.14 27.74
C LEU D 109 -11.91 -41.38 28.04
N PRO D 110 -11.40 -42.59 27.71
CA PRO D 110 -9.99 -42.90 27.93
C PRO D 110 -9.09 -42.33 26.83
N PRO D 116 -3.93 -37.39 30.53
CA PRO D 116 -4.66 -36.55 31.50
C PRO D 116 -5.64 -35.60 30.81
N PHE D 117 -6.22 -34.68 31.57
CA PHE D 117 -7.12 -33.66 31.04
C PHE D 117 -6.54 -32.26 31.16
N THR D 118 -6.14 -31.86 32.37
CA THR D 118 -5.58 -30.52 32.54
C THR D 118 -4.38 -30.32 31.63
N TRP D 119 -3.58 -31.37 31.43
CA TRP D 119 -2.43 -31.28 30.56
C TRP D 119 -2.85 -31.03 29.10
N MET D 120 -3.87 -31.76 28.64
CA MET D 120 -4.36 -31.54 27.28
C MET D 120 -4.95 -30.14 27.14
N LEU D 121 -5.66 -29.66 28.17
CA LEU D 121 -6.20 -28.30 28.12
C LEU D 121 -5.09 -27.28 28.02
N ALA D 122 -4.01 -27.46 28.80
CA ALA D 122 -2.90 -26.52 28.74
C ALA D 122 -2.22 -26.55 27.38
N LEU D 123 -2.05 -27.74 26.81
CA LEU D 123 -1.45 -27.82 25.47
C LEU D 123 -2.33 -27.16 24.42
N LEU D 124 -3.65 -27.35 24.52
CA LEU D 124 -4.56 -26.70 23.59
C LEU D 124 -4.48 -25.18 23.72
N GLY D 125 -4.43 -24.68 24.95
CA GLY D 125 -4.25 -23.25 25.14
C GLY D 125 -2.95 -22.74 24.55
N LEU D 126 -1.87 -23.50 24.75
CA LEU D 126 -0.58 -23.12 24.17
C LEU D 126 -0.67 -23.04 22.66
N SER D 127 -1.28 -24.05 22.03
CA SER D 127 -1.41 -24.06 20.58
C SER D 127 -2.24 -22.88 20.09
N GLN D 128 -3.36 -22.59 20.76
CA GLN D 128 -4.21 -21.48 20.33
C GLN D 128 -3.50 -20.14 20.50
N ALA D 129 -2.82 -19.95 21.63
CA ALA D 129 -2.08 -18.70 21.85
C ALA D 129 -0.98 -18.54 20.81
N LEU D 130 -0.28 -19.62 20.49
CA LEU D 130 0.74 -19.56 19.45
C LEU D 130 0.15 -19.25 18.08
N ASN D 131 -1.02 -19.79 17.77
CA ASN D 131 -1.69 -19.46 16.52
C ASN D 131 -2.08 -17.99 16.45
N ILE D 132 -2.59 -17.43 17.55
CA ILE D 132 -2.98 -16.02 17.54
C ILE D 132 -1.75 -15.11 17.45
N LEU D 133 -0.75 -15.34 18.30
CA LEU D 133 0.38 -14.43 18.37
C LEU D 133 1.19 -14.44 17.08
N LEU D 134 1.38 -15.61 16.48
CA LEU D 134 2.13 -15.71 15.24
C LEU D 134 1.32 -15.27 14.03
N GLY D 135 0.05 -14.91 14.20
CA GLY D 135 -0.76 -14.45 13.10
C GLY D 135 -1.02 -15.51 12.04
N LEU D 136 -1.33 -16.73 12.48
CA LEU D 136 -1.66 -17.82 11.57
C LEU D 136 -3.16 -18.00 11.40
N LYS D 137 -3.96 -17.06 11.90
CA LYS D 137 -5.41 -17.14 11.81
C LYS D 137 -5.95 -16.65 10.47
N GLY D 138 -5.09 -16.18 9.57
CA GLY D 138 -5.56 -15.66 8.30
C GLY D 138 -6.24 -16.74 7.48
N LEU D 139 -7.25 -16.32 6.73
CA LEU D 139 -8.01 -17.20 5.86
C LEU D 139 -7.44 -17.16 4.45
N ALA D 140 -7.67 -18.25 3.70
CA ALA D 140 -7.20 -18.31 2.34
C ALA D 140 -7.92 -17.26 1.50
N PRO D 141 -7.27 -16.74 0.45
CA PRO D 141 -7.93 -15.72 -0.37
C PRO D 141 -9.27 -16.16 -0.91
N ALA D 142 -9.39 -17.42 -1.35
CA ALA D 142 -10.65 -17.91 -1.89
C ALA D 142 -11.72 -18.11 -0.84
N GLU D 143 -11.35 -18.15 0.44
CA GLU D 143 -12.34 -18.22 1.51
C GLU D 143 -12.79 -16.84 1.95
N ILE D 144 -11.87 -15.88 2.03
CA ILE D 144 -12.26 -14.51 2.29
C ILE D 144 -13.16 -14.00 1.17
N SER D 145 -12.82 -14.31 -0.08
CA SER D 145 -13.66 -13.90 -1.19
C SER D 145 -15.04 -14.53 -1.10
N ALA D 146 -15.10 -15.82 -0.75
CA ALA D 146 -16.40 -16.48 -0.63
C ALA D 146 -17.24 -15.85 0.47
N VAL D 147 -16.63 -15.59 1.63
CA VAL D 147 -17.37 -14.98 2.73
C VAL D 147 -17.86 -13.60 2.33
N CYS D 148 -17.01 -12.80 1.68
CA CYS D 148 -17.41 -11.45 1.32
C CYS D 148 -18.52 -11.45 0.28
N GLU D 149 -18.44 -12.34 -0.72
CA GLU D 149 -19.47 -12.40 -1.75
C GLU D 149 -20.74 -13.09 -1.28
N LYS D 150 -20.70 -13.82 -0.18
CA LYS D 150 -21.91 -14.38 0.39
C LYS D 150 -22.60 -13.38 1.32
N GLY D 151 -21.84 -12.66 2.14
CA GLY D 151 -22.39 -11.68 3.03
C GLY D 151 -22.47 -10.27 2.46
N ASN D 152 -22.18 -10.10 1.17
CA ASN D 152 -22.24 -8.79 0.51
C ASN D 152 -21.33 -7.80 1.24
N PHE D 153 -20.07 -8.19 1.41
CA PHE D 153 -19.04 -7.38 2.03
C PHE D 153 -18.07 -6.83 1.00
N ASN D 154 -18.57 -6.46 -0.17
CA ASN D 154 -17.73 -5.96 -1.24
C ASN D 154 -17.86 -4.44 -1.36
N VAL D 155 -16.80 -3.83 -1.90
CA VAL D 155 -16.86 -2.41 -2.21
C VAL D 155 -17.81 -2.14 -3.37
N ALA D 156 -17.84 -3.05 -4.35
CA ALA D 156 -18.67 -2.88 -5.54
C ALA D 156 -20.16 -3.05 -5.27
N HIS D 157 -20.54 -3.76 -4.20
CA HIS D 157 -21.95 -3.92 -3.86
C HIS D 157 -22.58 -2.57 -3.52
N GLY D 158 -21.97 -1.84 -2.59
CA GLY D 158 -22.44 -0.52 -2.24
C GLY D 158 -22.39 0.47 -3.39
N LEU D 159 -21.37 0.40 -4.23
CA LEU D 159 -21.29 1.29 -5.38
C LEU D 159 -22.39 1.00 -6.40
N ALA D 160 -22.65 -0.27 -6.69
CA ALA D 160 -23.74 -0.61 -7.61
C ALA D 160 -25.09 -0.16 -7.04
N TRP D 161 -25.31 -0.37 -5.75
CA TRP D 161 -26.57 0.06 -5.16
C TRP D 161 -26.71 1.58 -5.09
N SER D 162 -25.62 2.31 -4.86
CA SER D 162 -25.65 3.76 -4.96
C SER D 162 -25.95 4.22 -6.37
N TYR D 163 -25.35 3.58 -7.37
CA TYR D 163 -25.63 3.92 -8.76
C TYR D 163 -27.10 3.71 -9.09
N TYR D 164 -27.69 2.61 -8.63
CA TYR D 164 -29.11 2.38 -8.88
C TYR D 164 -29.98 3.36 -8.12
N ILE D 165 -29.88 3.36 -6.79
CA ILE D 165 -30.63 4.28 -5.94
C ILE D 165 -29.89 5.61 -5.91
N GLY D 166 -30.29 6.53 -6.79
CA GLY D 166 -29.68 7.84 -6.82
C GLY D 166 -29.46 8.38 -8.22
N TYR D 167 -29.19 7.51 -9.18
CA TYR D 167 -29.14 7.92 -10.59
C TYR D 167 -30.17 7.19 -11.44
N LEU D 168 -30.12 5.86 -11.51
CA LEU D 168 -30.95 5.15 -12.48
C LEU D 168 -32.41 5.16 -12.05
N ARG D 169 -32.67 4.89 -10.77
CA ARG D 169 -34.02 4.90 -10.26
C ARG D 169 -34.68 6.26 -10.42
N LEU D 170 -33.89 7.32 -10.56
CA LEU D 170 -34.40 8.68 -10.67
C LEU D 170 -34.35 9.23 -12.08
N ILE D 171 -33.73 8.52 -13.03
CA ILE D 171 -33.54 9.01 -14.39
C ILE D 171 -34.33 8.17 -15.39
N LEU D 172 -34.28 6.84 -15.24
CA LEU D 172 -34.87 5.98 -16.25
C LEU D 172 -36.35 6.27 -16.49
N PRO D 173 -37.19 6.49 -15.47
CA PRO D 173 -38.60 6.75 -15.76
C PRO D 173 -38.85 7.94 -16.69
N GLU D 174 -38.10 9.02 -16.53
CA GLU D 174 -38.34 10.25 -17.30
C GLU D 174 -37.53 10.32 -18.58
N LEU D 175 -36.69 9.33 -18.85
CA LEU D 175 -35.87 9.35 -20.05
C LEU D 175 -36.74 9.32 -21.30
N GLN D 176 -37.82 8.53 -21.27
CA GLN D 176 -38.72 8.48 -22.41
C GLN D 176 -39.31 9.85 -22.71
N ALA D 177 -39.78 10.55 -21.67
CA ALA D 177 -40.35 11.88 -21.88
C ALA D 177 -39.31 12.86 -22.40
N ARG D 178 -38.11 12.84 -21.83
CA ARG D 178 -37.08 13.77 -22.30
C ARG D 178 -36.71 13.50 -23.75
N ILE D 179 -36.57 12.23 -24.12
CA ILE D 179 -36.24 11.89 -25.50
C ILE D 179 -37.38 12.28 -26.43
N ARG D 180 -38.63 12.11 -25.98
CA ARG D 180 -39.76 12.53 -26.79
C ARG D 180 -39.72 14.03 -27.04
N THR D 181 -39.45 14.81 -26.00
CA THR D 181 -39.36 16.26 -26.16
C THR D 181 -38.25 16.63 -27.12
N TYR D 182 -37.08 16.01 -26.98
CA TYR D 182 -35.97 16.32 -27.88
C TYR D 182 -36.33 15.95 -29.32
N ASN D 183 -36.94 14.80 -29.52
CA ASN D 183 -37.32 14.37 -30.87
C ASN D 183 -38.32 15.34 -31.49
N GLN D 184 -39.30 15.79 -30.71
CA GLN D 184 -40.24 16.78 -31.22
C GLN D 184 -39.53 18.08 -31.58
N HIS D 185 -38.59 18.51 -30.74
CA HIS D 185 -37.85 19.75 -31.01
C HIS D 185 -36.89 19.60 -32.18
N TYR D 186 -36.66 18.38 -32.66
CA TYR D 186 -35.76 18.16 -33.79
C TYR D 186 -35.88 16.73 -34.31
N GLY D 192 -32.86 14.39 -35.82
CA GLY D 192 -32.61 13.66 -34.59
C GLY D 192 -33.57 12.51 -34.38
N ALA D 193 -33.02 11.30 -34.28
CA ALA D 193 -33.80 10.08 -34.08
C ALA D 193 -33.15 9.22 -33.00
N VAL D 194 -32.81 9.86 -31.87
CA VAL D 194 -32.13 9.15 -30.80
C VAL D 194 -32.92 7.91 -30.41
N SER D 195 -32.21 6.80 -30.21
CA SER D 195 -32.86 5.57 -29.78
C SER D 195 -33.37 5.72 -28.36
N GLN D 196 -34.55 5.15 -28.10
CA GLN D 196 -35.23 5.32 -26.82
C GLN D 196 -34.64 4.36 -25.79
N ARG D 197 -33.38 4.63 -25.42
CA ARG D 197 -32.71 3.82 -24.42
C ARG D 197 -31.39 4.49 -24.03
N LEU D 198 -31.05 4.40 -22.75
CA LEU D 198 -29.80 4.95 -22.23
C LEU D 198 -28.75 3.85 -22.23
N TYR D 199 -27.64 4.09 -22.92
CA TYR D 199 -26.58 3.11 -23.07
C TYR D 199 -25.46 3.45 -22.08
N ILE D 200 -25.16 2.52 -21.18
CA ILE D 200 -24.15 2.71 -20.15
C ILE D 200 -22.97 1.81 -20.46
N LEU D 201 -21.81 2.42 -20.72
CA LEU D 201 -20.60 1.66 -20.99
C LEU D 201 -19.91 1.29 -19.68
N LEU D 202 -19.42 0.05 -19.61
CA LEU D 202 -18.84 -0.53 -18.41
C LEU D 202 -17.44 -1.02 -18.73
N PRO D 203 -16.45 -0.13 -18.77
CA PRO D 203 -15.07 -0.57 -19.01
C PRO D 203 -14.51 -1.39 -17.85
N LEU D 204 -14.26 -2.68 -18.09
CA LEU D 204 -13.77 -3.54 -17.03
C LEU D 204 -12.40 -3.12 -16.52
N ASP D 205 -11.65 -2.35 -17.31
CA ASP D 205 -10.37 -1.81 -16.87
C ASP D 205 -10.51 -0.47 -16.17
N CYS D 206 -11.72 0.06 -16.07
CA CYS D 206 -11.99 1.29 -15.31
C CYS D 206 -11.28 2.50 -15.93
N GLY D 207 -11.21 2.52 -17.26
CA GLY D 207 -10.62 3.66 -17.96
C GLY D 207 -11.44 4.92 -17.81
N VAL D 208 -12.64 4.92 -18.40
CA VAL D 208 -13.64 5.98 -18.25
C VAL D 208 -12.99 7.36 -18.35
N PRO D 209 -12.59 7.79 -19.55
CA PRO D 209 -12.14 9.18 -19.72
C PRO D 209 -13.30 10.16 -19.63
N ASP D 210 -12.95 11.44 -19.52
CA ASP D 210 -13.95 12.48 -19.28
C ASP D 210 -14.69 12.90 -20.55
N ASN D 211 -14.24 12.47 -21.73
CA ASN D 211 -14.99 12.71 -22.96
C ASN D 211 -14.83 11.49 -23.86
N LEU D 212 -15.95 11.03 -24.42
CA LEU D 212 -15.91 9.84 -25.26
C LEU D 212 -15.08 10.06 -26.52
N SER D 213 -15.10 11.28 -27.06
CA SER D 213 -14.36 11.54 -28.30
C SER D 213 -12.89 11.16 -28.15
N MET D 214 -12.29 11.43 -26.98
CA MET D 214 -10.92 11.01 -26.75
C MET D 214 -10.79 9.50 -26.76
N ALA D 215 -11.76 8.81 -26.15
CA ALA D 215 -11.72 7.35 -26.14
C ALA D 215 -11.77 6.80 -27.56
N ASP D 216 -12.63 7.37 -28.39
CA ASP D 216 -12.72 6.99 -29.79
C ASP D 216 -13.01 8.24 -30.62
N PRO D 217 -12.16 8.61 -31.57
CA PRO D 217 -12.48 9.76 -32.43
C PRO D 217 -13.68 9.53 -33.33
N ASN D 218 -14.19 8.30 -33.39
CA ASN D 218 -15.38 7.97 -34.16
C ASN D 218 -16.67 8.28 -33.40
N ILE D 219 -16.57 8.78 -32.18
CA ILE D 219 -17.72 9.09 -31.34
C ILE D 219 -17.79 10.62 -31.23
N ARG D 220 -18.76 11.23 -31.90
CA ARG D 220 -18.90 12.67 -31.92
C ARG D 220 -20.16 13.11 -31.18
N PHE D 221 -20.07 14.28 -30.55
CA PHE D 221 -21.19 14.82 -29.79
C PHE D 221 -22.19 15.53 -30.70
N LEU D 222 -23.46 15.46 -30.31
CA LEU D 222 -24.54 16.12 -31.06
C LEU D 222 -25.19 17.24 -30.28
N ASP D 223 -25.71 16.97 -29.07
CA ASP D 223 -26.45 17.96 -28.31
C ASP D 223 -26.83 17.34 -26.97
N LYS D 224 -27.29 18.18 -26.05
CA LYS D 224 -27.76 17.73 -24.75
C LYS D 224 -29.26 17.50 -24.78
N LEU D 225 -29.75 16.87 -23.71
CA LEU D 225 -31.16 16.61 -23.52
C LEU D 225 -31.77 17.65 -22.59
N PRO D 226 -33.10 17.83 -22.63
CA PRO D 226 -33.75 18.72 -21.67
C PRO D 226 -33.45 18.28 -20.25
N GLN D 227 -32.80 19.17 -19.49
CA GLN D 227 -32.36 18.85 -18.14
C GLN D 227 -33.51 18.33 -17.29
N GLN D 228 -33.18 17.57 -16.25
CA GLN D 228 -34.15 17.08 -15.28
C GLN D 228 -33.75 17.58 -13.90
N THR D 229 -34.74 18.03 -13.13
CA THR D 229 -34.49 18.70 -11.86
C THR D 229 -35.28 18.02 -10.75
N GLY D 230 -34.70 18.02 -9.55
CA GLY D 230 -35.37 17.44 -8.39
C GLY D 230 -34.67 17.86 -7.12
N ASP D 231 -35.30 17.49 -6.00
CA ASP D 231 -34.77 17.75 -4.68
C ASP D 231 -34.07 16.49 -4.16
N ARG D 232 -32.86 16.66 -3.63
CA ARG D 232 -32.07 15.52 -3.17
C ARG D 232 -31.21 15.94 -1.99
N ALA D 233 -31.54 15.41 -0.81
CA ALA D 233 -30.70 15.52 0.38
C ALA D 233 -30.32 16.98 0.66
N GLY D 234 -31.34 17.79 0.92
CA GLY D 234 -31.13 19.18 1.25
C GLY D 234 -30.94 20.06 0.04
N ILE D 235 -30.09 19.63 -0.88
CA ILE D 235 -29.94 20.34 -2.15
C ILE D 235 -31.21 20.16 -2.96
N LYS D 236 -31.71 21.25 -3.53
CA LYS D 236 -32.75 21.17 -4.54
C LYS D 236 -32.29 21.89 -5.80
N ASP D 237 -33.10 21.78 -6.84
CA ASP D 237 -32.71 22.19 -8.18
C ASP D 237 -31.46 21.44 -8.64
N ARG D 238 -31.15 20.33 -7.98
CA ARG D 238 -30.07 19.47 -8.45
C ARG D 238 -30.50 18.82 -9.75
N VAL D 239 -29.74 19.08 -10.81
CA VAL D 239 -30.15 18.73 -12.17
C VAL D 239 -29.31 17.56 -12.66
N TYR D 240 -29.94 16.69 -13.43
CA TYR D 240 -29.27 15.58 -14.10
C TYR D 240 -29.30 15.84 -15.61
N SER D 241 -28.13 15.85 -16.23
CA SER D 241 -27.99 16.14 -17.64
C SER D 241 -27.44 14.92 -18.37
N ASN D 242 -28.01 14.64 -19.53
CA ASN D 242 -27.58 13.55 -20.38
C ASN D 242 -27.20 14.10 -21.76
N SER D 243 -26.08 13.63 -22.29
CA SER D 243 -25.52 14.15 -23.53
C SER D 243 -25.78 13.16 -24.66
N ILE D 244 -26.43 13.62 -25.71
CA ILE D 244 -26.61 12.80 -26.92
C ILE D 244 -25.30 12.77 -27.67
N TYR D 245 -24.97 11.60 -28.24
CA TYR D 245 -23.75 11.41 -28.99
C TYR D 245 -24.08 10.83 -30.36
N GLU D 246 -23.13 10.98 -31.27
CA GLU D 246 -23.30 10.57 -32.66
C GLU D 246 -22.33 9.46 -32.97
N LEU D 247 -22.84 8.38 -33.57
CA LEU D 247 -22.04 7.18 -33.85
C LEU D 247 -21.70 7.20 -35.34
N LEU D 248 -20.47 7.61 -35.65
CA LEU D 248 -20.02 7.67 -37.04
C LEU D 248 -19.56 6.30 -37.52
N GLU D 249 -19.43 6.17 -38.83
CA GLU D 249 -18.91 4.95 -39.45
C GLU D 249 -18.42 5.32 -40.84
N ASN D 250 -17.11 5.25 -41.06
CA ASN D 250 -16.49 5.74 -42.28
C ASN D 250 -16.76 7.22 -42.49
N GLY D 251 -16.91 7.96 -41.39
CA GLY D 251 -17.19 9.38 -41.44
C GLY D 251 -18.65 9.75 -41.55
N GLN D 252 -19.54 8.76 -41.64
CA GLN D 252 -20.97 9.00 -41.76
C GLN D 252 -21.69 8.56 -40.50
N ARG D 253 -22.77 9.26 -40.17
CA ARG D 253 -23.54 8.98 -38.96
C ARG D 253 -24.25 7.64 -39.11
N ALA D 254 -23.70 6.62 -38.43
CA ALA D 254 -24.35 5.32 -38.43
C ALA D 254 -25.54 5.28 -37.47
N GLY D 255 -25.44 5.99 -36.34
CA GLY D 255 -26.52 5.99 -35.37
C GLY D 255 -26.31 7.09 -34.34
N THR D 256 -27.33 7.27 -33.52
CA THR D 256 -27.30 8.26 -32.45
C THR D 256 -27.94 7.66 -31.20
N CYS D 257 -27.33 7.95 -30.05
CA CYS D 257 -27.82 7.40 -28.79
C CYS D 257 -27.30 8.27 -27.65
N VAL D 258 -27.88 8.06 -26.47
CA VAL D 258 -27.47 8.77 -25.26
C VAL D 258 -26.42 7.91 -24.58
N LEU D 259 -25.15 8.10 -24.97
CA LEU D 259 -24.05 7.35 -24.40
C LEU D 259 -23.66 7.93 -23.05
N GLU D 260 -23.02 7.10 -22.23
CA GLU D 260 -22.61 7.53 -20.90
C GLU D 260 -21.75 6.46 -20.27
N TYR D 261 -20.74 6.89 -19.51
CA TYR D 261 -19.92 5.97 -18.73
C TYR D 261 -20.53 5.77 -17.35
N ALA D 262 -20.31 4.57 -16.80
CA ALA D 262 -20.71 4.29 -15.42
C ALA D 262 -19.68 4.94 -14.48
N THR D 263 -20.09 6.00 -13.80
CA THR D 263 -19.15 6.78 -13.02
C THR D 263 -18.55 6.03 -11.83
N PRO D 264 -19.20 5.03 -11.23
CA PRO D 264 -18.56 4.32 -10.11
C PRO D 264 -17.24 3.68 -10.50
N LEU D 265 -17.03 3.37 -11.78
CA LEU D 265 -15.74 2.84 -12.19
C LEU D 265 -14.64 3.88 -12.07
N GLN D 266 -14.97 5.16 -12.23
CA GLN D 266 -14.00 6.21 -11.94
C GLN D 266 -13.58 6.16 -10.48
N THR D 267 -14.54 5.97 -9.58
CA THR D 267 -14.22 5.86 -8.16
C THR D 267 -13.34 4.65 -7.90
N LEU D 268 -13.65 3.52 -8.54
CA LEU D 268 -12.82 2.33 -8.38
C LEU D 268 -11.38 2.60 -8.81
N PHE D 269 -11.21 3.22 -9.97
CA PHE D 269 -9.87 3.52 -10.46
C PHE D 269 -9.13 4.44 -9.51
N ALA D 270 -9.75 5.56 -9.14
CA ALA D 270 -9.09 6.52 -8.26
C ALA D 270 -8.79 5.90 -6.90
N MET D 271 -9.64 5.00 -6.42
CA MET D 271 -9.33 4.29 -5.18
C MET D 271 -8.11 3.42 -5.36
N SER D 272 -8.01 2.72 -6.50
CA SER D 272 -6.83 1.92 -6.76
C SER D 272 -5.58 2.78 -6.87
N GLN D 273 -5.73 4.06 -7.18
CA GLN D 273 -4.57 4.93 -7.35
C GLN D 273 -4.13 5.64 -6.08
N TYR D 274 -4.86 5.49 -4.97
CA TYR D 274 -4.51 6.13 -3.72
C TYR D 274 -3.96 5.12 -2.72
N SER D 275 -2.82 5.43 -2.13
CA SER D 275 -2.24 4.54 -1.12
C SER D 275 -3.13 4.45 0.11
N GLN D 276 -3.77 5.56 0.51
CA GLN D 276 -4.63 5.54 1.68
C GLN D 276 -5.82 4.63 1.50
N ALA D 277 -6.32 4.51 0.26
CA ALA D 277 -7.52 3.71 0.03
C ALA D 277 -7.31 2.25 0.42
N GLY D 278 -6.05 1.81 0.47
CA GLY D 278 -5.79 0.40 0.73
C GLY D 278 -6.34 -0.50 -0.35
N PHE D 279 -6.52 0.02 -1.55
CA PHE D 279 -7.15 -0.70 -2.65
C PHE D 279 -6.10 -1.03 -3.70
N SER D 280 -6.04 -2.30 -4.11
CA SER D 280 -5.05 -2.77 -5.05
C SER D 280 -5.60 -2.69 -6.47
N ARG D 281 -4.89 -3.25 -7.43
CA ARG D 281 -5.32 -3.29 -8.82
C ARG D 281 -6.04 -4.59 -9.18
N GLU D 282 -5.57 -5.73 -8.68
CA GLU D 282 -6.37 -6.95 -8.78
C GLU D 282 -7.70 -6.77 -8.05
N ASP D 283 -7.65 -6.13 -6.89
CA ASP D 283 -8.89 -5.71 -6.22
C ASP D 283 -9.74 -4.88 -7.16
N ARG D 284 -9.13 -3.96 -7.91
CA ARG D 284 -9.89 -3.11 -8.79
C ARG D 284 -10.60 -3.92 -9.86
N LEU D 285 -9.90 -4.86 -10.50
CA LEU D 285 -10.53 -5.65 -11.54
C LEU D 285 -11.65 -6.52 -10.97
N GLU D 286 -11.41 -7.15 -9.82
CA GLU D 286 -12.43 -8.00 -9.22
C GLU D 286 -13.67 -7.19 -8.85
N GLN D 287 -13.47 -6.02 -8.24
CA GLN D 287 -14.60 -5.19 -7.85
C GLN D 287 -15.32 -4.63 -9.06
N ALA D 288 -14.62 -4.33 -10.15
CA ALA D 288 -15.28 -3.88 -11.36
C ALA D 288 -16.19 -4.96 -11.93
N LYS D 289 -15.68 -6.20 -12.00
CA LYS D 289 -16.51 -7.30 -12.47
C LYS D 289 -17.72 -7.49 -11.56
N LEU D 290 -17.51 -7.42 -10.24
CA LEU D 290 -18.61 -7.60 -9.30
C LEU D 290 -19.63 -6.48 -9.44
N PHE D 291 -19.17 -5.25 -9.66
CA PHE D 291 -20.09 -4.13 -9.89
C PHE D 291 -20.93 -4.37 -11.12
N CYS D 292 -20.32 -4.83 -12.20
CA CYS D 292 -21.08 -5.12 -13.41
C CYS D 292 -22.15 -6.18 -13.13
N ARG D 293 -21.76 -7.25 -12.44
CA ARG D 293 -22.72 -8.32 -12.16
C ARG D 293 -23.87 -7.82 -11.28
N THR D 294 -23.55 -7.07 -10.23
CA THR D 294 -24.57 -6.59 -9.32
C THR D 294 -25.52 -5.63 -10.03
N LEU D 295 -24.98 -4.73 -10.86
CA LEU D 295 -25.84 -3.82 -11.60
C LEU D 295 -26.74 -4.58 -12.56
N GLU D 296 -26.19 -5.60 -13.24
CA GLU D 296 -27.02 -6.39 -14.15
C GLU D 296 -28.17 -7.04 -13.40
N ASP D 297 -27.88 -7.64 -12.24
CA ASP D 297 -28.92 -8.32 -11.48
C ASP D 297 -29.99 -7.33 -11.01
N ILE D 298 -29.56 -6.22 -10.42
CA ILE D 298 -30.53 -5.27 -9.87
C ILE D 298 -31.40 -4.69 -10.98
N LEU D 299 -30.81 -4.39 -12.13
CA LEU D 299 -31.59 -3.86 -13.24
C LEU D 299 -32.46 -4.92 -13.89
N ALA D 300 -32.09 -6.19 -13.79
CA ALA D 300 -32.93 -7.26 -14.30
C ALA D 300 -34.09 -7.58 -13.37
N ASP D 301 -34.00 -7.17 -12.10
CA ASP D 301 -35.10 -7.40 -11.17
C ASP D 301 -35.62 -6.07 -10.65
N ALA D 302 -35.83 -5.11 -11.55
CA ALA D 302 -36.33 -3.80 -11.19
C ALA D 302 -37.48 -3.41 -12.11
N PRO D 303 -38.43 -2.61 -11.63
CA PRO D 303 -39.56 -2.20 -12.49
C PRO D 303 -39.21 -1.05 -13.41
N GLU D 304 -38.31 -0.17 -12.96
CA GLU D 304 -37.97 1.01 -13.74
C GLU D 304 -37.38 0.63 -15.10
N SER D 305 -36.51 -0.39 -15.12
CA SER D 305 -35.83 -0.75 -16.36
C SER D 305 -36.77 -1.48 -17.31
N GLN D 306 -37.77 -0.78 -17.82
CA GLN D 306 -38.67 -1.32 -18.83
C GLN D 306 -38.02 -1.15 -20.22
N ASN D 307 -36.90 -1.83 -20.41
CA ASN D 307 -36.11 -1.71 -21.64
C ASN D 307 -35.62 -0.28 -21.84
N ASN D 308 -35.35 0.42 -20.74
CA ASN D 308 -34.89 1.81 -20.80
C ASN D 308 -33.38 1.94 -20.76
N CYS D 309 -32.64 0.84 -20.67
CA CYS D 309 -31.19 0.90 -20.64
C CYS D 309 -30.61 -0.39 -21.20
N ARG D 310 -29.35 -0.32 -21.62
CA ARG D 310 -28.63 -1.46 -22.19
C ARG D 310 -27.19 -1.38 -21.70
N LEU D 311 -26.90 -2.08 -20.61
CA LEU D 311 -25.53 -2.13 -20.10
C LEU D 311 -24.61 -2.73 -21.16
N ILE D 312 -23.48 -2.06 -21.39
CA ILE D 312 -22.47 -2.53 -22.33
C ILE D 312 -21.16 -2.69 -21.56
N ALA D 313 -20.58 -3.89 -21.62
CA ALA D 313 -19.32 -4.19 -20.98
C ALA D 313 -18.31 -4.59 -22.02
N TYR D 314 -17.04 -4.22 -21.80
CA TYR D 314 -15.99 -4.51 -22.76
C TYR D 314 -14.65 -4.51 -22.05
N GLN D 315 -13.69 -5.18 -22.68
CA GLN D 315 -12.31 -5.22 -22.19
C GLN D 315 -11.38 -4.91 -23.35
N GLU D 316 -10.27 -4.24 -23.03
CA GLU D 316 -9.30 -3.91 -24.06
C GLU D 316 -8.64 -5.19 -24.59
N PRO D 317 -8.21 -5.18 -25.85
CA PRO D 317 -7.60 -6.39 -26.43
C PRO D 317 -6.20 -6.64 -25.90
N SER D 322 -7.16 -2.42 -32.47
CA SER D 322 -7.70 -3.78 -32.44
C SER D 322 -9.14 -3.77 -31.92
N PHE D 323 -9.47 -2.78 -31.09
CA PHE D 323 -10.79 -2.64 -30.52
C PHE D 323 -11.27 -1.21 -30.73
N SER D 324 -12.52 -1.06 -31.16
CA SER D 324 -13.13 0.24 -31.37
C SER D 324 -14.42 0.31 -30.58
N LEU D 325 -14.53 1.32 -29.70
CA LEU D 325 -15.72 1.47 -28.89
C LEU D 325 -16.96 1.74 -29.76
N SER D 326 -16.79 2.56 -30.80
CA SER D 326 -17.92 2.91 -31.64
C SER D 326 -18.55 1.67 -32.27
N GLN D 327 -17.73 0.72 -32.71
CA GLN D 327 -18.27 -0.51 -33.29
C GLN D 327 -19.02 -1.31 -32.24
N GLU D 328 -18.52 -1.34 -31.00
CA GLU D 328 -19.23 -2.04 -29.93
C GLU D 328 -20.62 -1.45 -29.72
N VAL D 329 -20.68 -0.12 -29.58
CA VAL D 329 -21.98 0.52 -29.34
C VAL D 329 -22.89 0.33 -30.55
N LEU D 330 -22.34 0.40 -31.75
CA LEU D 330 -23.15 0.21 -32.95
C LEU D 330 -23.71 -1.20 -33.00
N ARG D 331 -22.89 -2.21 -32.67
CA ARG D 331 -23.37 -3.58 -32.67
C ARG D 331 -24.49 -3.76 -31.65
N HIS D 332 -24.33 -3.17 -30.47
CA HIS D 332 -25.39 -3.26 -29.46
C HIS D 332 -26.65 -2.53 -29.94
N LEU D 333 -26.49 -1.47 -30.72
CA LEU D 333 -27.64 -0.71 -31.20
C LEU D 333 -28.38 -1.43 -32.32
N ARG D 334 -27.66 -2.16 -33.18
CA ARG D 334 -28.28 -2.80 -34.33
C ARG D 334 -29.24 -3.91 -33.94
N GLN D 335 -29.24 -4.35 -32.69
CA GLN D 335 -30.13 -5.42 -32.25
C GLN D 335 -31.58 -4.94 -32.26
C10 Y6H E . 9.52 -18.40 14.15
C11 Y6H E . 8.23 -18.45 13.63
C13 Y6H E . 8.42 -20.99 13.26
C14 Y6H E . 8.46 -21.62 14.68
C15 Y6H E . 7.82 -20.97 15.74
C16 Y6H E . 7.86 -21.53 17.01
C17 Y6H E . 8.54 -22.73 17.24
C18 Y6H E . 8.61 -23.35 18.59
C21 Y6H E . 6.95 -25.80 18.12
C22 Y6H E . 6.20 -23.66 18.53
C24 Y6H E . 9.44 -21.38 19.72
C25 Y6H E . 10.79 -21.94 19.67
C26 Y6H E . 11.54 -21.53 20.96
O29 Y6H E . 9.90 -23.99 18.67
C01 Y6H E . 5.89 -16.31 11.99
C03 Y6H E . 7.52 -17.28 13.43
C04 Y6H E . 8.08 -16.05 13.75
C05 Y6H E . 9.37 -16.00 14.26
C06 Y6H E . 9.99 -14.64 14.61
C09 Y6H E . 10.09 -17.16 14.46
C19 Y6H E . 7.50 -24.50 18.78
C20 Y6H E . 8.18 -25.23 19.97
C27 Y6H E . 11.53 -21.33 18.45
C28 Y6H E . 10.84 -23.41 19.56
C30 Y6H E . 9.18 -23.36 16.18
C31 Y6H E . 9.14 -22.81 14.90
N12 Y6H E . 7.62 -19.74 13.30
O02 Y6H E . 6.21 -17.34 12.91
O07 Y6H E . 9.26 -13.69 14.97
O08 Y6H E . 11.24 -14.47 14.52
O23 Y6H E . 8.41 -22.34 19.64
H101 Y6H E . 10.01 -19.17 14.28
H132 Y6H E . 8.01 -21.59 12.67
H131 Y6H E . 9.29 -20.80 12.97
H151 Y6H E . 7.38 -20.17 15.60
H161 Y6H E . 7.44 -21.10 17.71
H211 Y6H E . 7.65 -26.43 18.03
H213 Y6H E . 6.63 -25.60 17.25
H212 Y6H E . 6.26 -26.16 18.63
H222 Y6H E . 5.47 -24.10 18.91
H221 Y6H E . 6.06 -23.56 17.61
H223 Y6H E . 6.28 -22.82 18.92
H241 Y6H E . 9.35 -20.76 19.02
H242 Y6H E . 9.36 -20.92 20.54
H263 Y6H E . 12.42 -21.85 20.93
H261 Y6H E . 11.10 -21.88 21.70
H262 Y6H E . 11.55 -20.59 21.02
H012 Y6H E . 6.60 -16.18 11.39
H013 Y6H E . 5.12 -16.55 11.51
H011 Y6H E . 5.72 -15.51 12.46
H041 Y6H E . 7.60 -15.27 13.61
H091 Y6H E . 10.95 -17.13 14.81
H203 Y6H E . 8.86 -25.80 19.65
H202 Y6H E . 7.55 -25.74 20.43
H201 Y6H E . 8.56 -24.60 20.55
H272 Y6H E . 11.06 -21.53 17.66
H271 Y6H E . 12.40 -21.69 18.40
H273 Y6H E . 11.59 -20.40 18.55
H282 Y6H E . 11.70 -23.65 19.28
H281 Y6H E . 10.68 -23.76 20.42
H301 Y6H E . 9.62 -24.16 16.32
H311 Y6H E . 9.57 -23.24 14.19
H121 Y6H E . 6.78 -19.77 13.12
C2 1SY F . 13.03 25.98 -9.26
N01 1SY F . 13.47 26.25 -12.76
C6 1SY F . 13.61 25.59 -11.52
N1 1SY F . 13.05 26.38 -10.58
N3 1SY F . 13.58 24.78 -8.92
C4 1SY F . 14.15 23.98 -9.87
C5 1SY F . 14.17 24.38 -11.17
N7 1SY F . 14.79 23.42 -11.90
C8 1SY F . 15.16 22.41 -11.05
N9 1SY F . 14.77 22.77 -9.81
C1' 1SY F . 15.00 21.98 -8.71
C2' 1SY F . 13.78 21.12 -8.46
O2' 1SY F . 13.68 20.84 -7.08
C3' 1SY F . 14.08 19.90 -9.20
C4' 1SY F . 15.47 19.74 -8.91
C16 1SY F . 16.18 18.81 -9.96
O17 1SY F . 16.00 19.35 -11.31
P18 1SY F . 16.65 18.55 -12.56
O19 1SY F . 17.37 19.46 -13.56
O20 1SY F . 15.62 17.41 -13.26
C21 1SY F . 14.25 17.67 -12.88
C22 1SY F . 13.82 16.72 -11.84
O23 1SY F . 14.56 15.51 -11.94
C24 1SY F . 12.38 16.48 -12.11
C25 1SY F . 11.49 17.44 -11.50
O26 1SY F . 12.21 18.52 -10.92
P27 1SY F . 11.79 18.76 -9.38
O28 1SY F . 13.28 18.79 -8.66
O29 1SY F . 11.21 20.15 -9.30
O30 1SY F . 10.78 17.85 -8.75
O31 1SY F . 12.25 16.58 -13.56
C32 1SY F . 13.34 17.40 -14.00
N33 1SY F . 12.85 18.64 -14.54
C34 1SY F . 12.17 19.66 -13.96
N35 1SY F . 11.94 20.61 -14.90
C36 1SY F . 13.05 18.97 -15.85
C37 1SY F . 12.49 20.17 -16.07
C38 1SY F . 12.56 20.78 -17.46
N39 1SY F . 13.21 20.09 -18.50
C40 1SY F . 13.80 18.81 -18.25
N41 1SY F . 14.46 18.10 -19.26
N42 1SY F . 13.73 18.23 -16.93
O43 1SY F . 12.07 21.85 -17.67
O44 1SY F . 17.77 17.71 -11.91
O4' 1SY F . 16.06 21.03 -8.95
H1 1SY F . 12.60 26.56 -8.57
H2 1SY F . 13.05 25.82 -13.48
H3 1SY F . 13.81 27.09 -12.86
H4 1SY F . 15.62 21.60 -11.29
H5 1SY F . 15.20 22.53 -7.90
H6 1SY F . 13.00 21.55 -8.79
H7 1SY F . 13.42 19.97 -6.96
H8 1SY F . 13.92 20.03 -10.17
H9 1SY F . 15.58 19.35 -7.98
H10 1SY F . 15.79 17.90 -9.92
H11 1SY F . 17.12 18.76 -9.76
H13 1SY F . 14.14 18.60 -12.55
H14 1SY F . 13.95 17.11 -10.95
H15 1SY F . 14.72 15.33 -12.83
H16 1SY F . 12.14 15.58 -11.83
H17 1SY F . 10.94 16.98 -10.80
H18 1SY F . 10.88 17.80 -12.18
H20 1SY F . 13.84 16.92 -14.69
H21 1SY F . 11.88 19.70 -12.99
H22 1SY F . 14.83 17.29 -19.09
H23 1SY F . 14.52 18.45 -20.12
H24 1SY F . 14.11 17.42 -16.77
C11 9IM G . 26.91 -25.51 19.72
C12 9IM G . 27.58 -26.68 20.06
C13 9IM G . 27.51 -27.78 19.22
C14 9IM G . 26.78 -27.71 18.05
C16 9IM G . 23.05 -27.16 17.61
C17 9IM G . 23.05 -26.46 18.81
C23 9IM G . 24.21 -23.08 22.29
C24 9IM G . 25.34 -23.87 22.23
C27 9IM G . 26.70 -21.90 22.39
C29 9IM G . 25.56 -21.12 22.45
C30 9IM G . 24.31 -21.71 22.40
C01 9IM G . 21.16 -28.26 14.96
C02 9IM G . 22.26 -28.64 15.94
C03 9IM G . 22.36 -30.15 16.08
C04 9IM G . 23.56 -28.11 15.47
C07 9IM G . 25.31 -26.46 16.39
C08 9IM G . 26.11 -26.55 17.70
C09 9IM G . 26.18 -25.45 18.54
C18 9IM G . 21.97 -26.60 19.71
C19 9IM G . 22.01 -25.81 21.01
C22 9IM G . 22.83 -23.76 22.23
C26 9IM G . 26.59 -23.28 22.28
C32 9IM G . 20.90 -27.46 19.39
C33 9IM G . 20.90 -28.17 18.18
C34 9IM G . 21.98 -28.03 17.29
F10 9IM G . 25.53 -24.31 18.21
F25 9IM G . 25.23 -25.21 22.13
F28 9IM G . 27.93 -21.32 22.42
F31 9IM G . 23.19 -20.94 22.46
N06 9IM G . 24.07 -27.20 16.48
N21 9IM G . 22.75 -24.55 21.03
O05 9IM G . 24.08 -28.38 14.45
O20 9IM G . 21.47 -26.21 21.98
CL1 9IM G . 26.73 -29.16 16.99
H111 9IM G . 26.94 -24.78 20.27
H121 9IM G . 28.05 -26.72 20.85
H131 9IM G . 27.96 -28.56 19.45
H171 9IM G . 23.74 -25.89 19.03
H291 9IM G . 25.63 -20.19 22.51
H011 9IM G . 20.33 -28.41 15.35
H012 9IM G . 21.25 -28.78 14.18
H013 9IM G . 21.25 -27.35 14.74
H031 9IM G . 23.11 -30.38 16.60
H032 9IM G . 22.44 -30.55 15.24
H033 9IM G . 21.59 -30.48 16.50
H071 9IM G . 25.83 -26.80 15.69
H072 9IM G . 25.12 -25.56 16.21
H222 9IM G . 22.73 -24.32 22.98
H221 9IM G . 22.15 -23.12 22.23
H261 9IM G . 27.36 -23.80 22.24
H321 9IM G . 20.19 -27.56 19.98
H331 9IM G . 20.20 -28.75 17.97
H211 9IM G . 23.15 -24.27 20.30
C10 Y6H H . 2.93 -22.19 11.17
C11 Y6H H . 3.94 -21.25 11.12
C13 Y6H H . 4.74 -21.83 13.49
C14 Y6H H . 5.32 -23.26 13.38
C15 Y6H H . 5.77 -23.73 12.15
C16 Y6H H . 6.29 -25.02 12.04
C17 Y6H H . 6.36 -25.84 13.17
C18 Y6H H . 6.91 -27.22 13.03
C21 Y6H H . 9.25 -27.09 14.89
C22 Y6H H . 9.11 -26.26 12.75
C24 Y6H H . 6.08 -28.59 11.15
C25 Y6H H . 4.86 -28.86 11.91
C26 Y6H H . 4.75 -30.39 12.11
O29 Y6H H . 6.05 -28.08 13.81
C01 Y6H H . 4.71 -18.21 9.36
C03 Y6H H . 4.03 -20.40 10.02
C04 Y6H H . 3.12 -20.51 8.98
C05 Y6H H . 2.11 -21.45 9.04
C06 Y6H H . 1.09 -21.56 7.89
C09 Y6H H . 2.01 -22.29 10.14
C19 Y6H H . 8.40 -27.35 13.60
C20 Y6H H . 8.40 -28.90 13.75
C27 Y6H H . 3.64 -28.38 11.08
C28 Y6H H . 4.77 -28.23 13.23
C30 Y6H H . 5.91 -25.37 14.39
C31 Y6H H . 5.39 -24.08 14.51
N12 Y6H H . 4.92 -21.12 12.21
O02 Y6H H . 5.06 -19.44 9.96
O07 Y6H H . -0.08 -21.96 8.13
O08 Y6H H . 1.43 -21.25 6.72
O23 Y6H H . 6.91 -27.55 11.60
H101 Y6H H . 2.86 -22.75 11.91
H132 Y6H H . 5.19 -21.36 14.16
H131 Y6H H . 3.83 -21.87 13.69
H151 Y6H H . 5.72 -23.19 11.39
H161 Y6H H . 6.58 -25.33 11.22
H211 Y6H H . 8.84 -27.50 15.63
H213 Y6H H . 9.32 -26.18 15.05
H212 Y6H H . 10.11 -27.46 14.78
H222 Y6H H . 10.04 -26.41 12.77
H221 Y6H H . 8.93 -25.40 13.09
H223 Y6H H . 8.83 -26.31 11.86
H241 Y6H H . 5.83 -28.41 10.27
H242 Y6H H . 6.59 -29.38 11.15
H263 Y6H H . 5.38 -30.68 12.75
H261 Y6H H . 4.92 -30.82 11.30
H262 Y6H H . 3.89 -30.62 12.41
H012 Y6H H . 5.34 -17.56 9.58
H013 Y6H H . 3.86 -17.95 9.67
H011 Y6H H . 4.67 -18.32 8.43
H041 Y6H H . 3.17 -19.94 8.24
H091 Y6H H . 1.33 -22.94 10.18
H203 Y6H H . 8.00 -29.15 14.55
H202 Y6H H . 9.29 -29.21 13.73
H201 Y6H H . 7.93 -29.28 13.03
H272 Y6H H . 2.86 -28.43 11.59
H271 Y6H H . 3.55 -28.92 10.31
H273 Y6H H . 3.78 -27.49 10.81
H282 Y6H H . 4.35 -27.40 13.15
H281 Y6H H . 4.27 -28.80 13.79
H301 Y6H H . 5.96 -25.92 15.15
H311 Y6H H . 5.09 -23.76 15.33
H121 Y6H H . 5.62 -20.63 12.08
C11 9IM I . -7.84 -36.77 19.08
C12 9IM I . -7.82 -37.67 20.12
C13 9IM I . -7.51 -37.24 21.40
C14 9IM I . -7.21 -35.91 21.63
C16 9IM I . -4.32 -33.88 20.30
C17 9IM I . -4.30 -34.63 19.13
C23 9IM I . -5.83 -36.80 14.95
C24 9IM I . -6.49 -37.47 15.96
C27 9IM I . -8.47 -37.53 14.63
C29 9IM I . -7.81 -36.86 13.62
C30 9IM I . -6.48 -36.49 13.78
C01 9IM I . -2.90 -31.28 22.04
C02 9IM I . -3.47 -32.70 22.16
C03 9IM I . -2.90 -33.40 23.40
C04 9IM I . -4.93 -32.63 22.25
C07 9IM I . -6.89 -33.53 20.83
C08 9IM I . -7.22 -35.00 20.58
C09 9IM I . -7.53 -35.44 19.31
C18 9IM I . -3.07 -35.00 18.56
C19 9IM I . -3.11 -35.82 17.26
C22 9IM I . -4.36 -36.40 15.16
C26 9IM I . -7.81 -37.84 15.81
C32 9IM I . -1.86 -34.62 19.17
C33 9IM I . -1.88 -33.86 20.36
C34 9IM I . -3.11 -33.49 20.92
F10 9IM I . -7.55 -34.56 18.27
F25 9IM I . -5.84 -37.77 17.12
F28 9IM I . -9.78 -37.90 14.47
F31 9IM I . -5.84 -35.84 12.78
N06 9IM I . -5.48 -33.34 21.13
N21 9IM I . -4.26 -35.64 16.39
O05 9IM I . -5.55 -32.08 23.10
O20 9IM I . -2.24 -36.56 17.00
CL1 9IM I . -6.81 -35.39 23.29
H111 9IM I . -8.05 -37.05 18.22
H121 9IM I . -8.03 -38.56 19.97
H131 9IM I . -7.50 -37.85 22.10
H171 9IM I . -5.09 -34.88 18.72
H291 9IM I . -8.26 -36.66 12.83
H011 9IM I . -2.00 -31.33 21.77
H012 9IM I . -2.95 -30.85 22.87
H013 9IM I . -3.39 -30.80 21.41
H031 9IM I . -3.34 -34.22 23.51
H032 9IM I . -3.04 -32.86 24.15
H033 9IM I . -1.98 -33.54 23.28
H071 9IM I . -7.40 -33.20 21.54
H072 9IM I . -7.11 -33.03 20.05
H222 9IM I . -3.84 -37.16 15.21
H221 9IM I . -4.07 -35.87 14.44
H261 9IM I . -8.26 -38.30 16.49
H321 9IM I . -1.04 -34.86 18.79
H331 9IM I . -1.09 -33.61 20.76
H211 9IM I . -4.89 -35.09 16.62
C2 1SY J . -24.57 11.53 -14.11
N01 1SY J . -26.00 14.33 -12.50
C6 1SY J . -25.51 13.01 -12.54
N1 1SY J . -25.10 12.75 -13.80
N3 1SY J . -24.45 10.56 -13.14
C4 1SY J . -24.86 10.83 -11.86
C5 1SY J . -25.39 12.04 -11.56
N7 1SY J . -25.72 12.03 -10.23
C8 1SY J . -25.40 10.82 -9.72
N9 1SY J . -24.88 10.08 -10.73
C1' 1SY J . -24.44 8.79 -10.54
C2' 1SY J . -22.97 8.80 -10.24
O2' 1SY J . -22.38 7.60 -10.71
C3' 1SY J . -22.92 8.86 -8.79
C4' 1SY J . -23.98 7.95 -8.46
C16 1SY J . -24.50 8.17 -6.99
O17 1SY J . -24.95 9.57 -6.83
P18 1SY J . -25.48 10.01 -5.37
O19 1SY J . -26.91 10.57 -5.37
O20 1SY J . -24.39 10.95 -4.50
C21 1SY J . -23.16 11.15 -5.20
C22 1SY J . -22.22 10.07 -4.89
O23 1SY J . -22.53 9.51 -3.61
C24 1SY J . -20.87 10.72 -4.83
C25 1SY J . -20.16 10.56 -6.08
O26 1SY J . -21.07 10.56 -7.18
P27 1SY J . -20.50 9.60 -8.33
O28 1SY J . -21.63 8.39 -8.31
O29 1SY J . -20.63 10.35 -9.64
O30 1SY J . -19.06 9.19 -8.24
O31 1SY J . -21.09 12.11 -4.57
C32 1SY J . -22.50 12.37 -4.72
N33 1SY J . -22.70 13.43 -5.67
C34 1SY J . -22.36 13.54 -6.98
N35 1SY J . -22.78 14.75 -7.42
C36 1SY J . -23.35 14.58 -5.32
C37 1SY J . -23.40 15.39 -6.40
C38 1SY J . -24.06 16.76 -6.29
N39 1SY J . -24.62 17.17 -5.06
C40 1SY J . -24.57 16.31 -3.93
N41 1SY J . -25.13 16.70 -2.69
N42 1SY J . -23.94 15.01 -4.04
O43 1SY J . -24.10 17.48 -7.25
O44 1SY J . -25.57 8.69 -4.58
O4' 1SY J . -25.05 8.19 -9.36
H1 1SY J . -24.26 11.33 -15.05
H2 1SY J . -25.41 15.04 -12.47
H3 1SY J . -26.90 14.47 -12.52
H4 1SY J . -25.53 10.53 -8.80
H5 1SY J . -24.63 8.23 -11.34
H6 1SY J . -22.56 9.57 -10.64
H7 1SY J . -21.91 7.22 -10.02
H8 1SY J . -23.12 9.78 -8.46
H9 1SY J . -23.66 7.00 -8.56
H10 1SY J . -23.78 7.98 -6.34
H11 1SY J . -25.24 7.58 -6.82
H13 1SY J . -23.32 11.19 -6.18
H14 1SY J . -22.25 9.38 -5.57
H15 1SY J . -22.64 10.17 -3.00
H16 1SY J . -20.36 10.31 -4.11
H17 1SY J . -19.66 9.70 -6.07
H18 1SY J . -19.52 11.29 -6.18
H20 1SY J . -22.87 12.62 -3.86
H21 1SY J . -21.87 12.84 -7.52
H22 1SY J . -25.09 16.13 -1.98
H23 1SY J . -25.53 17.52 -2.62
H24 1SY J . -23.90 14.46 -3.30
#